data_2KFJ
#
_entry.id   2KFJ
#
_entity_poly.entity_id   1
_entity_poly.type   'polypeptide(L)'
_entity_poly.pdbx_seq_one_letter_code
;GPLGSILFRISYNSEIFTLLVEKVWNFDDLIMAINSKISNTHISPITKIKYQDEDGDFVVLGSDEDWNVAKEMLAENNEK
FLNIRLY
;
_entity_poly.pdbx_strand_id   A
#
# COMPACT_ATOMS: atom_id res chain seq x y z
N PRO A 2 16.43 9.98 -2.33
CA PRO A 2 17.04 8.80 -1.73
C PRO A 2 15.98 7.81 -1.27
N LEU A 3 16.00 6.64 -1.90
CA LEU A 3 15.03 5.60 -1.56
C LEU A 3 15.44 4.96 -0.23
N GLY A 4 14.43 4.49 0.49
CA GLY A 4 14.65 3.85 1.78
C GLY A 4 13.41 3.11 2.25
N SER A 5 12.37 3.89 2.55
CA SER A 5 11.12 3.32 3.01
C SER A 5 9.94 4.02 2.32
N ILE A 6 8.77 3.41 2.46
CA ILE A 6 7.57 3.95 1.86
C ILE A 6 6.44 3.96 2.90
N LEU A 7 5.56 4.94 2.76
CA LEU A 7 4.44 5.07 3.67
C LEU A 7 3.14 4.72 2.93
N PHE A 8 2.21 4.14 3.67
CA PHE A 8 0.93 3.76 3.10
C PHE A 8 -0.22 4.46 3.81
N ARG A 9 -1.00 5.19 3.03
CA ARG A 9 -2.14 5.91 3.57
C ARG A 9 -3.43 5.13 3.34
N ILE A 10 -3.70 4.21 4.26
CA ILE A 10 -4.90 3.39 4.16
C ILE A 10 -6.13 4.29 4.15
N SER A 11 -6.78 4.33 2.99
CA SER A 11 -7.97 5.14 2.84
C SER A 11 -9.22 4.25 2.79
N TYR A 12 -9.97 4.30 3.88
CA TYR A 12 -11.19 3.50 3.98
C TYR A 12 -12.41 4.32 3.60
N ASN A 13 -13.57 3.79 3.94
CA ASN A 13 -14.83 4.46 3.64
C ASN A 13 -14.83 5.84 4.31
N SER A 14 -14.51 5.83 5.60
CA SER A 14 -14.47 7.07 6.36
C SER A 14 -13.35 7.01 7.39
N GLU A 15 -12.41 6.10 7.15
CA GLU A 15 -11.28 5.94 8.04
C GLU A 15 -9.97 6.20 7.29
N ILE A 16 -8.98 6.69 8.03
CA ILE A 16 -7.68 6.99 7.45
C ILE A 16 -6.59 6.59 8.43
N PHE A 17 -5.60 5.87 7.91
CA PHE A 17 -4.49 5.42 8.73
C PHE A 17 -3.19 5.37 7.91
N THR A 18 -2.08 5.49 8.63
CA THR A 18 -0.78 5.46 7.98
C THR A 18 0.03 4.25 8.47
N LEU A 19 0.63 3.55 7.51
CA LEU A 19 1.43 2.38 7.83
C LEU A 19 2.74 2.45 7.06
N LEU A 20 3.83 2.30 7.79
CA LEU A 20 5.16 2.33 7.19
C LEU A 20 5.51 0.93 6.67
N VAL A 21 5.59 0.83 5.36
CA VAL A 21 5.92 -0.44 4.73
C VAL A 21 7.28 -0.33 4.05
N GLU A 22 8.19 -1.20 4.46
CA GLU A 22 9.53 -1.20 3.89
C GLU A 22 9.49 -1.55 2.40
N LYS A 23 10.61 -1.33 1.74
CA LYS A 23 10.70 -1.62 0.32
C LYS A 23 11.25 -3.04 0.13
N VAL A 24 11.15 -3.83 1.18
CA VAL A 24 11.63 -5.20 1.15
C VAL A 24 10.49 -6.14 1.54
N TRP A 25 9.34 -5.55 1.79
CA TRP A 25 8.17 -6.32 2.17
C TRP A 25 7.36 -6.63 0.91
N ASN A 26 7.63 -7.81 0.35
CA ASN A 26 6.94 -8.23 -0.86
C ASN A 26 5.43 -8.06 -0.66
N PHE A 27 4.69 -8.44 -1.69
CA PHE A 27 3.24 -8.35 -1.65
C PHE A 27 2.67 -9.13 -0.47
N ASP A 28 3.40 -10.17 -0.09
CA ASP A 28 2.98 -11.01 1.02
C ASP A 28 3.02 -10.20 2.32
N ASP A 29 4.24 -9.94 2.78
CA ASP A 29 4.43 -9.17 4.00
C ASP A 29 3.63 -7.87 3.91
N LEU A 30 3.52 -7.37 2.69
CA LEU A 30 2.79 -6.14 2.46
C LEU A 30 1.33 -6.32 2.89
N ILE A 31 0.67 -7.25 2.22
CA ILE A 31 -0.72 -7.53 2.53
C ILE A 31 -0.87 -7.85 4.02
N MET A 32 0.17 -8.49 4.55
CA MET A 32 0.17 -8.86 5.96
C MET A 32 0.45 -7.64 6.84
N ALA A 33 1.13 -6.66 6.25
CA ALA A 33 1.46 -5.45 6.97
C ALA A 33 0.18 -4.66 7.25
N ILE A 34 -0.62 -4.50 6.20
CA ILE A 34 -1.87 -3.76 6.33
C ILE A 34 -2.89 -4.62 7.10
N ASN A 35 -2.85 -5.92 6.83
CA ASN A 35 -3.75 -6.85 7.49
C ASN A 35 -3.41 -6.90 8.98
N SER A 36 -2.23 -6.41 9.30
CA SER A 36 -1.77 -6.40 10.68
C SER A 36 -2.29 -5.14 11.40
N LYS A 37 -2.12 -4.02 10.73
CA LYS A 37 -2.55 -2.74 11.29
C LYS A 37 -4.08 -2.74 11.40
N ILE A 38 -4.72 -3.15 10.31
CA ILE A 38 -6.17 -3.21 10.27
C ILE A 38 -6.66 -4.37 11.15
N SER A 39 -5.72 -5.18 11.57
CA SER A 39 -6.03 -6.33 12.41
C SER A 39 -6.77 -5.87 13.67
N ASN A 40 -6.64 -4.58 13.94
CA ASN A 40 -7.29 -3.99 15.11
C ASN A 40 -8.68 -4.61 15.28
N THR A 41 -9.42 -4.62 14.18
CA THR A 41 -10.76 -5.17 14.19
C THR A 41 -10.71 -6.68 14.36
N HIS A 42 -9.76 -7.29 13.67
CA HIS A 42 -9.60 -8.74 13.74
C HIS A 42 -10.96 -9.41 13.57
N ILE A 43 -11.75 -8.84 12.67
CA ILE A 43 -13.08 -9.38 12.41
C ILE A 43 -13.17 -9.79 10.94
N SER A 44 -12.59 -8.96 10.08
CA SER A 44 -12.60 -9.22 8.65
C SER A 44 -11.67 -8.23 7.93
N PRO A 45 -10.42 -8.72 7.67
CA PRO A 45 -9.43 -7.89 6.99
C PRO A 45 -9.75 -7.78 5.50
N ILE A 46 -8.73 -7.37 4.74
CA ILE A 46 -8.89 -7.21 3.31
C ILE A 46 -7.79 -8.01 2.59
N THR A 47 -8.12 -8.45 1.38
CA THR A 47 -7.18 -9.22 0.58
C THR A 47 -6.90 -8.50 -0.73
N LYS A 48 -7.55 -7.37 -0.91
CA LYS A 48 -7.37 -6.58 -2.12
C LYS A 48 -7.16 -5.11 -1.74
N ILE A 49 -6.06 -4.56 -2.24
CA ILE A 49 -5.73 -3.17 -1.97
C ILE A 49 -5.52 -2.43 -3.29
N LYS A 50 -6.19 -1.30 -3.42
CA LYS A 50 -6.09 -0.49 -4.62
C LYS A 50 -5.20 0.71 -4.33
N TYR A 51 -4.01 0.68 -4.92
CA TYR A 51 -3.05 1.76 -4.74
C TYR A 51 -3.08 2.73 -5.93
N GLN A 52 -2.79 3.98 -5.64
CA GLN A 52 -2.78 5.00 -6.68
C GLN A 52 -1.51 4.89 -7.53
N ASP A 53 -1.59 5.46 -8.72
CA ASP A 53 -0.46 5.43 -9.63
C ASP A 53 -0.06 6.85 -10.00
N GLU A 54 1.05 6.96 -10.71
CA GLU A 54 1.55 8.26 -11.12
C GLU A 54 0.48 9.02 -11.91
N ASP A 55 -0.08 8.33 -12.89
CA ASP A 55 -1.11 8.92 -13.72
C ASP A 55 -2.21 9.50 -12.83
N GLY A 56 -2.27 9.00 -11.61
CA GLY A 56 -3.26 9.46 -10.65
C GLY A 56 -4.50 8.56 -10.67
N ASP A 57 -4.38 7.46 -11.40
CA ASP A 57 -5.48 6.52 -11.51
C ASP A 57 -5.23 5.32 -10.58
N PHE A 58 -6.27 4.94 -9.87
CA PHE A 58 -6.17 3.83 -8.94
C PHE A 58 -5.99 2.50 -9.69
N VAL A 59 -5.17 1.64 -9.11
CA VAL A 59 -4.91 0.34 -9.71
C VAL A 59 -4.87 -0.72 -8.60
N VAL A 60 -5.40 -1.89 -8.94
CA VAL A 60 -5.42 -2.99 -8.00
C VAL A 60 -4.00 -3.41 -7.66
N LEU A 61 -3.83 -3.93 -6.45
CA LEU A 61 -2.52 -4.36 -5.99
C LEU A 61 -2.68 -5.59 -5.10
N GLY A 62 -2.17 -6.72 -5.58
CA GLY A 62 -2.25 -7.95 -4.82
C GLY A 62 -1.08 -8.87 -5.17
N SER A 63 -0.03 -8.28 -5.70
CA SER A 63 1.15 -9.03 -6.08
C SER A 63 2.40 -8.15 -5.96
N ASP A 64 3.55 -8.78 -6.15
CA ASP A 64 4.82 -8.05 -6.07
C ASP A 64 5.04 -7.28 -7.38
N GLU A 65 4.50 -7.84 -8.45
CA GLU A 65 4.63 -7.22 -9.76
C GLU A 65 3.80 -5.93 -9.82
N ASP A 66 2.94 -5.78 -8.83
CA ASP A 66 2.07 -4.61 -8.76
C ASP A 66 2.49 -3.76 -7.56
N TRP A 67 3.26 -4.37 -6.68
CA TRP A 67 3.72 -3.68 -5.49
C TRP A 67 5.09 -3.06 -5.81
N ASN A 68 5.76 -3.65 -6.79
CA ASN A 68 7.07 -3.17 -7.19
C ASN A 68 6.91 -2.20 -8.38
N VAL A 69 6.15 -2.64 -9.36
CA VAL A 69 5.91 -1.82 -10.54
C VAL A 69 5.46 -0.43 -10.10
N ALA A 70 4.91 -0.37 -8.90
CA ALA A 70 4.43 0.89 -8.35
C ALA A 70 5.58 1.60 -7.63
N LYS A 71 6.35 0.81 -6.90
CA LYS A 71 7.48 1.34 -6.16
C LYS A 71 8.40 2.10 -7.12
N GLU A 72 8.82 1.41 -8.16
CA GLU A 72 9.71 2.00 -9.15
C GLU A 72 9.11 3.31 -9.66
N MET A 73 7.80 3.44 -9.49
CA MET A 73 7.10 4.64 -9.94
C MET A 73 7.25 5.76 -8.91
N LEU A 74 7.24 5.38 -7.64
CA LEU A 74 7.37 6.35 -6.57
C LEU A 74 8.53 7.30 -6.89
N ALA A 75 9.64 6.72 -7.31
CA ALA A 75 10.82 7.51 -7.64
C ALA A 75 10.46 8.48 -8.77
N GLU A 76 9.61 8.02 -9.66
CA GLU A 76 9.18 8.84 -10.78
C GLU A 76 8.12 9.84 -10.33
N ASN A 77 7.45 9.51 -9.24
CA ASN A 77 6.41 10.37 -8.70
C ASN A 77 7.03 11.31 -7.67
N ASN A 78 8.23 10.97 -7.24
CA ASN A 78 8.94 11.77 -6.26
C ASN A 78 8.14 11.80 -4.96
N GLU A 79 7.54 10.66 -4.64
CA GLU A 79 6.74 10.54 -3.44
C GLU A 79 7.22 9.36 -2.59
N LYS A 80 7.62 9.67 -1.37
CA LYS A 80 8.10 8.65 -0.46
C LYS A 80 6.91 8.00 0.25
N PHE A 81 5.72 8.42 -0.15
CA PHE A 81 4.50 7.89 0.44
C PHE A 81 3.67 7.13 -0.60
N LEU A 82 2.54 6.62 -0.15
CA LEU A 82 1.66 5.87 -1.03
C LEU A 82 0.22 5.97 -0.51
N ASN A 83 -0.72 5.71 -1.40
CA ASN A 83 -2.12 5.77 -1.05
C ASN A 83 -2.80 4.45 -1.43
N ILE A 84 -3.49 3.87 -0.46
CA ILE A 84 -4.17 2.62 -0.67
C ILE A 84 -5.67 2.81 -0.40
N ARG A 85 -6.48 2.05 -1.14
CA ARG A 85 -7.92 2.13 -0.99
C ARG A 85 -8.45 0.86 -0.31
N LEU A 86 -9.33 1.08 0.66
CA LEU A 86 -9.92 -0.02 1.39
C LEU A 86 -11.45 0.10 1.36
N TYR A 87 -12.06 -0.77 0.59
CA TYR A 87 -13.51 -0.77 0.46
C TYR A 87 -14.08 -2.16 0.73
N PRO A 2 16.48 8.19 9.53
CA PRO A 2 16.56 7.89 8.11
C PRO A 2 15.23 7.36 7.58
N LEU A 3 15.02 7.57 6.29
CA LEU A 3 13.80 7.11 5.65
C LEU A 3 14.04 5.72 5.03
N GLY A 4 14.76 5.72 3.92
CA GLY A 4 15.05 4.48 3.23
C GLY A 4 13.82 3.58 3.16
N SER A 5 12.69 4.20 2.85
CA SER A 5 11.44 3.46 2.75
C SER A 5 10.35 4.37 2.17
N ILE A 6 9.13 3.85 2.16
CA ILE A 6 8.00 4.59 1.65
C ILE A 6 6.82 4.44 2.59
N LEU A 7 5.98 5.48 2.62
CA LEU A 7 4.81 5.47 3.48
C LEU A 7 3.58 5.08 2.66
N PHE A 8 2.64 4.44 3.33
CA PHE A 8 1.42 4.01 2.67
C PHE A 8 0.18 4.57 3.41
N ARG A 9 -0.67 5.23 2.63
CA ARG A 9 -1.88 5.80 3.18
C ARG A 9 -3.07 4.85 3.00
N ILE A 10 -3.20 3.92 3.93
CA ILE A 10 -4.27 2.95 3.88
C ILE A 10 -5.58 3.61 4.33
N SER A 11 -6.51 3.70 3.40
CA SER A 11 -7.80 4.30 3.69
C SER A 11 -8.81 3.22 4.08
N TYR A 12 -9.54 3.50 5.15
CA TYR A 12 -10.53 2.57 5.65
C TYR A 12 -11.54 3.27 6.57
N ASN A 13 -12.81 3.04 6.28
CA ASN A 13 -13.88 3.65 7.06
C ASN A 13 -13.84 5.17 6.88
N SER A 14 -13.04 5.60 5.92
CA SER A 14 -12.91 7.01 5.64
C SER A 14 -11.77 7.60 6.46
N GLU A 15 -10.94 6.71 7.01
CA GLU A 15 -9.82 7.14 7.81
C GLU A 15 -8.51 6.71 7.16
N ILE A 16 -7.57 7.65 7.11
CA ILE A 16 -6.28 7.39 6.52
C ILE A 16 -5.34 6.80 7.58
N PHE A 17 -4.66 5.73 7.20
CA PHE A 17 -3.74 5.07 8.09
C PHE A 17 -2.33 5.00 7.48
N THR A 18 -1.34 5.19 8.35
CA THR A 18 0.05 5.15 7.90
C THR A 18 0.66 3.78 8.20
N LEU A 19 1.49 3.33 7.27
CA LEU A 19 2.15 2.04 7.42
C LEU A 19 3.45 2.04 6.64
N LEU A 20 4.56 2.01 7.37
CA LEU A 20 5.87 2.01 6.76
C LEU A 20 6.02 0.77 5.88
N VAL A 21 6.22 1.00 4.59
CA VAL A 21 6.37 -0.09 3.65
C VAL A 21 7.79 -0.05 3.08
N GLU A 22 8.64 -0.93 3.61
CA GLU A 22 10.01 -1.00 3.17
C GLU A 22 10.07 -1.22 1.65
N LYS A 23 11.25 -0.97 1.09
CA LYS A 23 11.45 -1.12 -0.34
C LYS A 23 11.92 -2.55 -0.62
N VAL A 24 11.75 -3.40 0.37
CA VAL A 24 12.16 -4.80 0.24
C VAL A 24 10.92 -5.70 0.34
N TRP A 25 10.01 -5.32 1.21
CA TRP A 25 8.79 -6.08 1.41
C TRP A 25 8.23 -6.42 0.03
N ASN A 26 7.47 -7.50 -0.02
CA ASN A 26 6.86 -7.94 -1.26
C ASN A 26 5.34 -7.81 -1.16
N PHE A 27 4.67 -8.28 -2.19
CA PHE A 27 3.21 -8.22 -2.23
C PHE A 27 2.60 -8.90 -1.01
N ASP A 28 3.33 -9.89 -0.50
CA ASP A 28 2.88 -10.64 0.67
C ASP A 28 3.06 -9.77 1.91
N ASP A 29 4.31 -9.63 2.33
CA ASP A 29 4.62 -8.85 3.50
C ASP A 29 3.79 -7.56 3.49
N LEU A 30 3.61 -7.03 2.29
CA LEU A 30 2.84 -5.80 2.13
C LEU A 30 1.46 -5.99 2.76
N ILE A 31 0.76 -7.01 2.28
CA ILE A 31 -0.57 -7.31 2.79
C ILE A 31 -0.50 -7.52 4.30
N MET A 32 0.45 -8.36 4.72
CA MET A 32 0.62 -8.65 6.12
C MET A 32 1.02 -7.40 6.90
N ALA A 33 1.57 -6.44 6.17
CA ALA A 33 1.99 -5.19 6.78
C ALA A 33 0.77 -4.34 7.13
N ILE A 34 -0.09 -4.16 6.12
CA ILE A 34 -1.30 -3.39 6.31
C ILE A 34 -2.24 -4.13 7.24
N ASN A 35 -2.19 -5.46 7.15
CA ASN A 35 -3.03 -6.30 7.99
C ASN A 35 -2.72 -6.02 9.46
N SER A 36 -1.58 -5.38 9.69
CA SER A 36 -1.16 -5.05 11.03
C SER A 36 -1.83 -3.75 11.49
N LYS A 37 -2.05 -2.87 10.52
CA LYS A 37 -2.68 -1.59 10.80
C LYS A 37 -4.19 -1.76 10.86
N ILE A 38 -4.69 -2.62 9.98
CA ILE A 38 -6.12 -2.88 9.93
C ILE A 38 -6.47 -4.02 10.91
N SER A 39 -5.49 -4.35 11.73
CA SER A 39 -5.67 -5.41 12.71
C SER A 39 -6.46 -4.88 13.91
N ASN A 40 -7.62 -4.30 13.60
CA ASN A 40 -8.48 -3.75 14.63
C ASN A 40 -9.84 -4.45 14.57
N THR A 41 -10.32 -4.64 13.36
CA THR A 41 -11.60 -5.29 13.15
C THR A 41 -11.49 -6.78 13.43
N HIS A 42 -12.64 -7.40 13.67
CA HIS A 42 -12.69 -8.82 13.95
C HIS A 42 -13.71 -9.49 13.03
N ILE A 43 -13.80 -8.98 11.81
CA ILE A 43 -14.73 -9.51 10.83
C ILE A 43 -13.94 -10.17 9.69
N SER A 44 -12.81 -9.57 9.39
CA SER A 44 -11.95 -10.08 8.31
C SER A 44 -11.01 -8.97 7.83
N PRO A 45 -9.75 -9.40 7.52
CA PRO A 45 -8.75 -8.46 7.04
C PRO A 45 -9.01 -8.07 5.59
N ILE A 46 -7.98 -7.52 4.96
CA ILE A 46 -8.09 -7.10 3.58
C ILE A 46 -7.44 -8.14 2.67
N THR A 47 -8.22 -8.64 1.72
CA THR A 47 -7.73 -9.64 0.80
C THR A 47 -7.37 -8.99 -0.54
N LYS A 48 -7.48 -7.67 -0.57
CA LYS A 48 -7.16 -6.92 -1.77
C LYS A 48 -6.97 -5.45 -1.42
N ILE A 49 -5.91 -4.87 -1.96
CA ILE A 49 -5.60 -3.47 -1.71
C ILE A 49 -5.54 -2.72 -3.04
N LYS A 50 -6.20 -1.57 -3.06
CA LYS A 50 -6.22 -0.74 -4.26
C LYS A 50 -5.26 0.43 -4.09
N TYR A 51 -4.11 0.31 -4.74
CA TYR A 51 -3.10 1.35 -4.67
C TYR A 51 -3.21 2.30 -5.86
N GLN A 52 -2.91 3.57 -5.59
CA GLN A 52 -2.97 4.59 -6.62
C GLN A 52 -1.81 4.42 -7.61
N ASP A 53 -1.96 5.07 -8.76
CA ASP A 53 -0.93 5.00 -9.78
C ASP A 53 -0.39 6.41 -10.04
N GLU A 54 0.49 6.49 -11.04
CA GLU A 54 1.08 7.76 -11.41
C GLU A 54 0.06 8.65 -12.12
N ASP A 55 -0.77 8.00 -12.93
CA ASP A 55 -1.79 8.72 -13.67
C ASP A 55 -2.85 9.25 -12.71
N GLY A 56 -2.82 8.70 -11.50
CA GLY A 56 -3.76 9.11 -10.47
C GLY A 56 -5.00 8.22 -10.49
N ASP A 57 -4.87 7.09 -11.17
CA ASP A 57 -5.98 6.14 -11.28
C ASP A 57 -5.71 4.95 -10.35
N PHE A 58 -6.69 4.67 -9.51
CA PHE A 58 -6.57 3.56 -8.57
C PHE A 58 -6.43 2.23 -9.32
N VAL A 59 -5.57 1.38 -8.78
CA VAL A 59 -5.34 0.07 -9.38
C VAL A 59 -5.20 -0.97 -8.28
N VAL A 60 -5.80 -2.13 -8.50
CA VAL A 60 -5.74 -3.22 -7.54
C VAL A 60 -4.29 -3.65 -7.36
N LEU A 61 -4.00 -4.17 -6.18
CA LEU A 61 -2.66 -4.63 -5.86
C LEU A 61 -2.74 -5.86 -4.96
N GLY A 62 -2.32 -6.99 -5.51
CA GLY A 62 -2.34 -8.24 -4.77
C GLY A 62 -1.23 -9.18 -5.25
N SER A 63 -0.22 -8.59 -5.87
CA SER A 63 0.90 -9.37 -6.39
C SER A 63 2.17 -8.53 -6.36
N ASP A 64 3.29 -9.19 -6.63
CA ASP A 64 4.58 -8.52 -6.65
C ASP A 64 4.69 -7.67 -7.91
N GLU A 65 4.02 -8.13 -8.96
CA GLU A 65 4.05 -7.43 -10.23
C GLU A 65 3.15 -6.19 -10.17
N ASP A 66 2.39 -6.11 -9.09
CA ASP A 66 1.48 -4.99 -8.89
C ASP A 66 2.05 -4.07 -7.82
N TRP A 67 2.97 -4.62 -7.03
CA TRP A 67 3.59 -3.86 -5.96
C TRP A 67 4.95 -3.38 -6.46
N ASN A 68 5.47 -4.09 -7.45
CA ASN A 68 6.76 -3.76 -8.02
C ASN A 68 6.58 -2.77 -9.18
N VAL A 69 5.57 -3.05 -9.99
CA VAL A 69 5.27 -2.21 -11.13
C VAL A 69 4.95 -0.80 -10.64
N ALA A 70 4.45 -0.72 -9.42
CA ALA A 70 4.10 0.55 -8.82
C ALA A 70 5.36 1.23 -8.30
N LYS A 71 6.17 0.46 -7.58
CA LYS A 71 7.40 0.97 -7.02
C LYS A 71 8.21 1.64 -8.12
N GLU A 72 8.57 0.84 -9.13
CA GLU A 72 9.35 1.33 -10.24
C GLU A 72 8.78 2.67 -10.73
N MET A 73 7.49 2.85 -10.48
CA MET A 73 6.81 4.07 -10.89
C MET A 73 7.11 5.22 -9.91
N LEU A 74 7.07 4.89 -8.63
CA LEU A 74 7.33 5.87 -7.59
C LEU A 74 8.65 6.59 -7.89
N ALA A 75 9.67 5.79 -8.17
CA ALA A 75 10.99 6.33 -8.47
C ALA A 75 10.86 7.36 -9.59
N GLU A 76 9.84 7.18 -10.41
CA GLU A 76 9.59 8.10 -11.51
C GLU A 76 8.63 9.20 -11.08
N ASN A 77 7.81 8.88 -10.10
CA ASN A 77 6.84 9.84 -9.59
C ASN A 77 7.53 10.77 -8.59
N ASN A 78 8.71 10.35 -8.15
CA ASN A 78 9.47 11.12 -7.19
C ASN A 78 8.66 11.30 -5.91
N GLU A 79 8.01 10.21 -5.50
CA GLU A 79 7.20 10.23 -4.30
C GLU A 79 7.76 9.25 -3.27
N LYS A 80 7.73 9.68 -2.01
CA LYS A 80 8.22 8.86 -0.92
C LYS A 80 7.05 8.28 -0.13
N PHE A 81 5.88 8.33 -0.77
CA PHE A 81 4.67 7.81 -0.14
C PHE A 81 3.80 7.06 -1.15
N LEU A 82 2.71 6.52 -0.66
CA LEU A 82 1.79 5.77 -1.51
C LEU A 82 0.36 5.97 -1.01
N ASN A 83 -0.59 5.58 -1.84
CA ASN A 83 -2.00 5.71 -1.50
C ASN A 83 -2.68 4.35 -1.64
N ILE A 84 -3.33 3.94 -0.57
CA ILE A 84 -4.03 2.67 -0.56
C ILE A 84 -5.45 2.87 -0.04
N ARG A 85 -6.37 2.09 -0.61
CA ARG A 85 -7.77 2.18 -0.22
C ARG A 85 -8.28 0.81 0.24
N LEU A 86 -9.08 0.84 1.29
CA LEU A 86 -9.65 -0.39 1.83
C LEU A 86 -11.06 -0.11 2.35
N TYR A 87 -11.93 -1.08 2.11
CA TYR A 87 -13.32 -0.96 2.54
C TYR A 87 -13.88 -2.31 3.00
N PRO A 2 13.00 8.63 10.67
CA PRO A 2 14.02 7.87 9.98
C PRO A 2 13.86 8.00 8.47
N LEU A 3 14.77 7.35 7.75
CA LEU A 3 14.74 7.38 6.30
C LEU A 3 15.21 6.03 5.75
N GLY A 4 14.65 5.66 4.61
CA GLY A 4 15.00 4.40 3.98
C GLY A 4 13.78 3.49 3.86
N SER A 5 12.64 4.10 3.54
CA SER A 5 11.41 3.35 3.40
C SER A 5 10.37 4.20 2.66
N ILE A 6 9.17 3.65 2.57
CA ILE A 6 8.08 4.33 1.89
C ILE A 6 6.84 4.32 2.79
N LEU A 7 6.10 5.41 2.73
CA LEU A 7 4.88 5.55 3.52
C LEU A 7 3.67 5.18 2.66
N PHE A 8 2.74 4.47 3.27
CA PHE A 8 1.54 4.05 2.57
C PHE A 8 0.29 4.66 3.22
N ARG A 9 -0.43 5.43 2.41
CA ARG A 9 -1.64 6.08 2.90
C ARG A 9 -2.84 5.15 2.72
N ILE A 10 -3.20 4.49 3.81
CA ILE A 10 -4.33 3.58 3.78
C ILE A 10 -5.61 4.34 4.13
N SER A 11 -6.52 4.36 3.17
CA SER A 11 -7.79 5.05 3.36
C SER A 11 -8.86 4.07 3.84
N TYR A 12 -9.64 4.51 4.81
CA TYR A 12 -10.70 3.67 5.35
C TYR A 12 -11.77 4.53 6.03
N ASN A 13 -13.02 4.21 5.70
CA ASN A 13 -14.15 4.93 6.28
C ASN A 13 -14.10 6.39 5.81
N SER A 14 -13.25 6.63 4.82
CA SER A 14 -13.10 7.97 4.28
C SER A 14 -12.00 8.72 5.02
N GLU A 15 -11.25 7.96 5.81
CA GLU A 15 -10.15 8.55 6.59
C GLU A 15 -8.81 8.27 5.91
N ILE A 16 -7.75 8.51 6.66
CA ILE A 16 -6.41 8.30 6.14
C ILE A 16 -5.53 7.71 7.25
N PHE A 17 -4.83 6.65 6.90
CA PHE A 17 -3.94 5.99 7.85
C PHE A 17 -2.52 5.88 7.30
N THR A 18 -1.57 5.72 8.20
CA THR A 18 -0.18 5.61 7.83
C THR A 18 0.36 4.22 8.21
N LEU A 19 1.27 3.73 7.36
CA LEU A 19 1.87 2.43 7.61
C LEU A 19 3.26 2.39 6.96
N LEU A 20 4.26 2.44 7.81
CA LEU A 20 5.64 2.42 7.34
C LEU A 20 5.92 1.07 6.69
N VAL A 21 5.96 1.08 5.36
CA VAL A 21 6.21 -0.14 4.61
C VAL A 21 7.60 -0.05 3.98
N GLU A 22 8.48 -0.94 4.42
CA GLU A 22 9.84 -0.99 3.91
C GLU A 22 9.83 -1.21 2.40
N LYS A 23 10.99 -0.99 1.79
CA LYS A 23 11.12 -1.16 0.35
C LYS A 23 11.46 -2.63 0.06
N VAL A 24 11.37 -3.45 1.10
CA VAL A 24 11.67 -4.87 0.96
C VAL A 24 10.38 -5.67 1.18
N TRP A 25 9.37 -4.98 1.68
CA TRP A 25 8.08 -5.62 1.93
C TRP A 25 7.44 -5.94 0.59
N ASN A 26 7.59 -7.18 0.17
CA ASN A 26 7.03 -7.62 -1.10
C ASN A 26 5.51 -7.52 -1.05
N PHE A 27 4.88 -7.89 -2.15
CA PHE A 27 3.43 -7.84 -2.23
C PHE A 27 2.79 -8.52 -1.03
N ASP A 28 3.38 -9.64 -0.63
CA ASP A 28 2.88 -10.39 0.51
C ASP A 28 2.97 -9.53 1.77
N ASP A 29 4.20 -9.17 2.12
CA ASP A 29 4.44 -8.35 3.29
C ASP A 29 3.59 -7.08 3.20
N LEU A 30 3.26 -6.72 1.96
CA LEU A 30 2.46 -5.53 1.73
C LEU A 30 1.03 -5.77 2.24
N ILE A 31 0.42 -6.80 1.70
CA ILE A 31 -0.94 -7.15 2.09
C ILE A 31 -0.98 -7.43 3.59
N MET A 32 0.10 -8.01 4.09
CA MET A 32 0.21 -8.33 5.49
C MET A 32 0.49 -7.08 6.32
N ALA A 33 1.16 -6.13 5.69
CA ALA A 33 1.49 -4.88 6.36
C ALA A 33 0.20 -4.19 6.82
N ILE A 34 -0.63 -3.86 5.83
CA ILE A 34 -1.89 -3.20 6.12
C ILE A 34 -2.74 -4.09 7.03
N ASN A 35 -2.82 -5.36 6.65
CA ASN A 35 -3.59 -6.32 7.42
C ASN A 35 -3.13 -6.30 8.87
N SER A 36 -1.92 -5.79 9.06
CA SER A 36 -1.34 -5.72 10.39
C SER A 36 -1.94 -4.53 11.16
N LYS A 37 -2.11 -3.43 10.44
CA LYS A 37 -2.68 -2.23 11.03
C LYS A 37 -4.16 -2.46 11.32
N ILE A 38 -4.81 -3.15 10.40
CA ILE A 38 -6.23 -3.45 10.54
C ILE A 38 -6.40 -4.75 11.32
N SER A 39 -5.26 -5.37 11.63
CA SER A 39 -5.28 -6.62 12.38
C SER A 39 -6.35 -6.57 13.47
N ASN A 40 -6.60 -5.37 13.95
CA ASN A 40 -7.59 -5.17 15.00
C ASN A 40 -8.82 -6.05 14.70
N THR A 41 -9.29 -5.94 13.47
CA THR A 41 -10.44 -6.72 13.05
C THR A 41 -10.03 -8.15 12.70
N HIS A 42 -10.27 -9.04 13.66
CA HIS A 42 -9.93 -10.44 13.47
C HIS A 42 -11.18 -11.23 13.09
N ILE A 43 -11.97 -10.64 12.20
CA ILE A 43 -13.19 -11.27 11.75
C ILE A 43 -13.12 -11.48 10.23
N SER A 44 -12.63 -10.45 9.55
CA SER A 44 -12.51 -10.51 8.10
C SER A 44 -11.82 -9.24 7.59
N PRO A 45 -10.47 -9.36 7.40
CA PRO A 45 -9.68 -8.25 6.92
C PRO A 45 -9.90 -8.02 5.42
N ILE A 46 -8.98 -7.29 4.82
CA ILE A 46 -9.06 -7.00 3.40
C ILE A 46 -7.86 -7.62 2.68
N THR A 47 -8.16 -8.55 1.79
CA THR A 47 -7.12 -9.23 1.03
C THR A 47 -6.99 -8.61 -0.36
N LYS A 48 -7.16 -7.29 -0.41
CA LYS A 48 -7.06 -6.56 -1.67
C LYS A 48 -7.03 -5.06 -1.38
N ILE A 49 -6.02 -4.42 -1.93
CA ILE A 49 -5.86 -2.98 -1.74
C ILE A 49 -5.76 -2.31 -3.12
N LYS A 50 -6.23 -1.07 -3.16
CA LYS A 50 -6.20 -0.30 -4.39
C LYS A 50 -5.20 0.84 -4.26
N TYR A 51 -4.09 0.70 -4.97
CA TYR A 51 -3.04 1.70 -4.94
C TYR A 51 -3.11 2.61 -6.16
N GLN A 52 -2.69 3.85 -5.98
CA GLN A 52 -2.69 4.82 -7.06
C GLN A 52 -1.41 4.70 -7.89
N ASP A 53 -1.52 5.10 -9.15
CA ASP A 53 -0.38 5.05 -10.05
C ASP A 53 0.01 6.48 -10.46
N GLU A 54 0.97 6.56 -11.36
CA GLU A 54 1.44 7.84 -11.85
C GLU A 54 0.36 8.52 -12.69
N ASP A 55 -0.39 7.69 -13.41
CA ASP A 55 -1.45 8.20 -14.26
C ASP A 55 -2.53 8.84 -13.38
N GLY A 56 -2.47 8.54 -12.10
CA GLY A 56 -3.43 9.08 -11.15
C GLY A 56 -4.69 8.22 -11.09
N ASP A 57 -4.62 7.07 -11.75
CA ASP A 57 -5.74 6.15 -11.79
C ASP A 57 -5.53 5.04 -10.76
N PHE A 58 -6.61 4.69 -10.08
CA PHE A 58 -6.55 3.65 -9.07
C PHE A 58 -6.33 2.27 -9.70
N VAL A 59 -5.55 1.45 -9.01
CA VAL A 59 -5.26 0.11 -9.50
C VAL A 59 -5.12 -0.84 -8.31
N VAL A 60 -5.75 -2.00 -8.45
CA VAL A 60 -5.72 -3.00 -7.40
C VAL A 60 -4.29 -3.53 -7.25
N LEU A 61 -3.99 -4.03 -6.06
CA LEU A 61 -2.67 -4.56 -5.78
C LEU A 61 -2.81 -5.80 -4.90
N GLY A 62 -2.27 -6.91 -5.40
CA GLY A 62 -2.33 -8.17 -4.67
C GLY A 62 -1.35 -9.19 -5.26
N SER A 63 -0.28 -8.66 -5.84
CA SER A 63 0.74 -9.51 -6.43
C SER A 63 2.04 -8.72 -6.61
N ASP A 64 3.12 -9.46 -6.80
CA ASP A 64 4.42 -8.85 -6.98
C ASP A 64 4.43 -8.04 -8.29
N GLU A 65 3.50 -8.40 -9.16
CA GLU A 65 3.38 -7.72 -10.45
C GLU A 65 2.70 -6.36 -10.27
N ASP A 66 2.02 -6.22 -9.14
CA ASP A 66 1.33 -4.97 -8.84
C ASP A 66 2.08 -4.23 -7.72
N TRP A 67 2.98 -4.96 -7.08
CA TRP A 67 3.76 -4.39 -6.00
C TRP A 67 5.04 -3.79 -6.61
N ASN A 68 5.47 -4.39 -7.71
CA ASN A 68 6.66 -3.94 -8.39
C ASN A 68 6.29 -2.85 -9.41
N VAL A 69 5.27 -3.18 -10.22
CA VAL A 69 4.81 -2.24 -11.23
C VAL A 69 4.31 -0.97 -10.56
N ALA A 70 4.08 -1.07 -9.26
CA ALA A 70 3.60 0.06 -8.49
C ALA A 70 4.79 0.83 -7.92
N LYS A 71 5.77 0.08 -7.46
CA LYS A 71 6.97 0.68 -6.89
C LYS A 71 7.74 1.42 -7.99
N GLU A 72 8.12 0.67 -9.01
CA GLU A 72 8.85 1.26 -10.12
C GLU A 72 8.23 2.58 -10.54
N MET A 73 6.93 2.70 -10.28
CA MET A 73 6.20 3.92 -10.63
C MET A 73 6.64 5.08 -9.74
N LEU A 74 6.80 4.78 -8.46
CA LEU A 74 7.20 5.79 -7.49
C LEU A 74 8.49 6.45 -7.97
N ALA A 75 9.42 5.61 -8.42
CA ALA A 75 10.70 6.12 -8.91
C ALA A 75 10.45 7.11 -10.05
N GLU A 76 9.39 6.85 -10.79
CA GLU A 76 9.03 7.72 -11.90
C GLU A 76 8.20 8.91 -11.42
N ASN A 77 7.59 8.72 -10.25
CA ASN A 77 6.77 9.75 -9.66
C ASN A 77 7.64 10.65 -8.77
N ASN A 78 8.83 10.16 -8.49
CA ASN A 78 9.77 10.89 -7.66
C ASN A 78 9.14 11.12 -6.26
N GLU A 79 8.46 10.09 -5.79
CA GLU A 79 7.82 10.16 -4.49
C GLU A 79 8.36 9.06 -3.57
N LYS A 80 8.26 9.32 -2.27
CA LYS A 80 8.74 8.36 -1.29
C LYS A 80 7.54 7.81 -0.50
N PHE A 81 6.36 8.04 -1.05
CA PHE A 81 5.13 7.58 -0.41
C PHE A 81 4.19 6.95 -1.43
N LEU A 82 3.09 6.39 -0.92
CA LEU A 82 2.11 5.76 -1.77
C LEU A 82 0.71 6.08 -1.26
N ASN A 83 -0.27 5.80 -2.10
CA ASN A 83 -1.66 6.05 -1.73
C ASN A 83 -2.48 4.79 -1.94
N ILE A 84 -2.86 4.18 -0.83
CA ILE A 84 -3.65 2.95 -0.86
C ILE A 84 -5.07 3.25 -0.41
N ARG A 85 -6.01 2.49 -0.94
CA ARG A 85 -7.41 2.67 -0.60
C ARG A 85 -7.94 1.41 0.09
N LEU A 86 -8.87 1.63 1.01
CA LEU A 86 -9.47 0.53 1.75
C LEU A 86 -10.94 0.86 2.04
N TYR A 87 -11.81 0.05 1.47
CA TYR A 87 -13.24 0.23 1.66
C TYR A 87 -13.73 -0.49 2.91
N PRO A 2 15.16 9.97 6.37
CA PRO A 2 15.84 8.96 5.58
C PRO A 2 14.90 8.34 4.55
N LEU A 3 15.33 8.39 3.29
CA LEU A 3 14.54 7.84 2.20
C LEU A 3 15.06 6.44 1.86
N GLY A 4 14.43 5.45 2.45
CA GLY A 4 14.81 4.06 2.22
C GLY A 4 13.61 3.12 2.39
N SER A 5 12.42 3.70 2.27
CA SER A 5 11.21 2.93 2.41
C SER A 5 10.02 3.72 1.85
N ILE A 6 8.86 3.08 1.86
CA ILE A 6 7.65 3.70 1.35
C ILE A 6 6.60 3.72 2.46
N LEU A 7 5.81 4.79 2.46
CA LEU A 7 4.76 4.94 3.46
C LEU A 7 3.41 4.62 2.81
N PHE A 8 2.53 4.03 3.61
CA PHE A 8 1.20 3.67 3.13
C PHE A 8 0.12 4.29 4.01
N ARG A 9 -0.71 5.11 3.38
CA ARG A 9 -1.80 5.76 4.10
C ARG A 9 -3.14 5.12 3.73
N ILE A 10 -3.38 3.96 4.33
CA ILE A 10 -4.62 3.24 4.08
C ILE A 10 -5.80 4.21 4.18
N SER A 11 -6.39 4.50 3.03
CA SER A 11 -7.53 5.41 2.97
C SER A 11 -8.81 4.61 2.75
N TYR A 12 -9.69 4.68 3.75
CA TYR A 12 -10.96 3.98 3.66
C TYR A 12 -12.08 4.93 3.21
N ASN A 13 -13.31 4.46 3.40
CA ASN A 13 -14.47 5.25 3.03
C ASN A 13 -14.32 6.67 3.58
N SER A 14 -14.19 6.74 4.89
CA SER A 14 -14.04 8.03 5.56
C SER A 14 -12.96 7.93 6.65
N GLU A 15 -12.22 6.83 6.60
CA GLU A 15 -11.16 6.61 7.57
C GLU A 15 -9.79 6.73 6.91
N ILE A 16 -8.79 6.98 7.73
CA ILE A 16 -7.43 7.12 7.24
C ILE A 16 -6.45 6.50 8.24
N PHE A 17 -5.40 5.91 7.70
CA PHE A 17 -4.39 5.27 8.54
C PHE A 17 -3.06 5.16 7.80
N THR A 18 -1.98 5.28 8.55
CA THR A 18 -0.64 5.18 7.98
C THR A 18 0.02 3.87 8.38
N LEU A 19 1.00 3.47 7.59
CA LEU A 19 1.72 2.24 7.85
C LEU A 19 3.00 2.21 7.01
N LEU A 20 4.12 2.13 7.70
CA LEU A 20 5.41 2.10 7.04
C LEU A 20 5.65 0.70 6.47
N VAL A 21 5.97 0.66 5.18
CA VAL A 21 6.21 -0.61 4.51
C VAL A 21 7.53 -0.51 3.74
N GLU A 22 8.44 -1.41 4.09
CA GLU A 22 9.75 -1.44 3.44
C GLU A 22 9.60 -1.76 1.95
N LYS A 23 10.67 -1.51 1.22
CA LYS A 23 10.67 -1.76 -0.22
C LYS A 23 11.12 -3.20 -0.48
N VAL A 24 11.14 -3.98 0.59
CA VAL A 24 11.55 -5.37 0.48
C VAL A 24 10.33 -6.27 0.70
N TRP A 25 9.44 -5.81 1.57
CA TRP A 25 8.24 -6.57 1.89
C TRP A 25 7.47 -6.78 0.59
N ASN A 26 7.61 -7.97 0.03
CA ASN A 26 6.93 -8.30 -1.21
C ASN A 26 5.42 -8.07 -1.04
N PHE A 27 4.68 -8.45 -2.07
CA PHE A 27 3.23 -8.29 -2.04
C PHE A 27 2.61 -9.09 -0.91
N ASP A 28 3.29 -10.18 -0.55
CA ASP A 28 2.81 -11.05 0.51
C ASP A 28 2.90 -10.30 1.84
N ASP A 29 4.12 -10.01 2.25
CA ASP A 29 4.35 -9.30 3.50
C ASP A 29 3.60 -7.96 3.47
N LEU A 30 3.53 -7.38 2.28
CA LEU A 30 2.85 -6.11 2.10
C LEU A 30 1.41 -6.25 2.60
N ILE A 31 0.77 -7.32 2.17
CA ILE A 31 -0.62 -7.57 2.56
C ILE A 31 -0.66 -7.96 4.04
N MET A 32 0.16 -8.94 4.39
CA MET A 32 0.22 -9.40 5.77
C MET A 32 0.65 -8.28 6.71
N ALA A 33 1.20 -7.23 6.11
CA ALA A 33 1.64 -6.08 6.89
C ALA A 33 0.43 -5.26 7.33
N ILE A 34 -0.23 -4.67 6.34
CA ILE A 34 -1.41 -3.85 6.61
C ILE A 34 -2.48 -4.71 7.27
N ASN A 35 -2.46 -6.00 6.92
CA ASN A 35 -3.43 -6.94 7.47
C ASN A 35 -3.18 -7.09 8.97
N SER A 36 -2.04 -6.57 9.41
CA SER A 36 -1.69 -6.64 10.82
C SER A 36 -1.93 -5.29 11.49
N LYS A 37 -1.77 -4.24 10.70
CA LYS A 37 -1.98 -2.89 11.21
C LYS A 37 -3.47 -2.64 11.40
N ILE A 38 -4.25 -3.18 10.48
CA ILE A 38 -5.70 -3.02 10.53
C ILE A 38 -6.30 -4.11 11.43
N SER A 39 -5.43 -5.04 11.82
CA SER A 39 -5.86 -6.14 12.69
C SER A 39 -6.80 -5.61 13.77
N ASN A 40 -6.59 -4.35 14.12
CA ASN A 40 -7.41 -3.72 15.15
C ASN A 40 -8.86 -4.16 14.99
N THR A 41 -9.33 -4.12 13.75
CA THR A 41 -10.69 -4.51 13.44
C THR A 41 -10.85 -6.03 13.56
N HIS A 42 -11.98 -6.43 14.11
CA HIS A 42 -12.26 -7.85 14.28
C HIS A 42 -13.43 -8.25 13.37
N ILE A 43 -13.33 -7.84 12.12
CA ILE A 43 -14.36 -8.15 11.14
C ILE A 43 -13.75 -8.97 10.01
N SER A 44 -12.59 -8.52 9.55
CA SER A 44 -11.89 -9.20 8.47
C SER A 44 -10.90 -8.25 7.81
N PRO A 45 -9.72 -8.82 7.45
CA PRO A 45 -8.67 -8.03 6.81
C PRO A 45 -9.01 -7.74 5.35
N ILE A 46 -7.99 -7.37 4.60
CA ILE A 46 -8.17 -7.05 3.19
C ILE A 46 -6.94 -7.52 2.41
N THR A 47 -7.12 -8.62 1.70
CA THR A 47 -6.03 -9.17 0.90
C THR A 47 -5.88 -8.40 -0.41
N LYS A 48 -6.70 -7.37 -0.54
CA LYS A 48 -6.67 -6.55 -1.75
C LYS A 48 -6.51 -5.08 -1.35
N ILE A 49 -5.46 -4.47 -1.88
CA ILE A 49 -5.18 -3.07 -1.59
C ILE A 49 -5.11 -2.29 -2.90
N LYS A 50 -5.99 -1.31 -3.01
CA LYS A 50 -6.05 -0.47 -4.20
C LYS A 50 -5.09 0.71 -4.04
N TYR A 51 -3.86 0.50 -4.50
CA TYR A 51 -2.85 1.54 -4.41
C TYR A 51 -2.93 2.49 -5.61
N GLN A 52 -2.58 3.74 -5.36
CA GLN A 52 -2.60 4.75 -6.41
C GLN A 52 -1.40 4.59 -7.33
N ASP A 53 -1.55 5.10 -8.55
CA ASP A 53 -0.49 5.02 -9.53
C ASP A 53 -0.13 6.43 -10.00
N GLU A 54 0.80 6.48 -10.95
CA GLU A 54 1.24 7.75 -11.49
C GLU A 54 0.06 8.50 -12.13
N ASP A 55 -0.70 7.76 -12.92
CA ASP A 55 -1.85 8.33 -13.59
C ASP A 55 -2.72 9.07 -12.57
N GLY A 56 -2.61 8.64 -11.32
CA GLY A 56 -3.37 9.26 -10.24
C GLY A 56 -4.66 8.48 -9.97
N ASP A 57 -4.73 7.29 -10.55
CA ASP A 57 -5.89 6.44 -10.38
C ASP A 57 -5.56 5.33 -9.37
N PHE A 58 -6.59 4.59 -9.00
CA PHE A 58 -6.43 3.50 -8.05
C PHE A 58 -6.33 2.16 -8.77
N VAL A 59 -5.43 1.32 -8.29
CA VAL A 59 -5.23 0.00 -8.87
C VAL A 59 -5.04 -1.02 -7.76
N VAL A 60 -5.64 -2.19 -7.96
CA VAL A 60 -5.54 -3.26 -6.98
C VAL A 60 -4.10 -3.75 -6.92
N LEU A 61 -3.68 -4.11 -5.71
CA LEU A 61 -2.33 -4.60 -5.49
C LEU A 61 -2.38 -5.89 -4.68
N GLY A 62 -2.00 -6.98 -5.34
CA GLY A 62 -2.00 -8.28 -4.70
C GLY A 62 -0.94 -9.20 -5.32
N SER A 63 0.06 -8.57 -5.92
CA SER A 63 1.14 -9.31 -6.56
C SER A 63 2.45 -8.53 -6.45
N ASP A 64 3.55 -9.26 -6.55
CA ASP A 64 4.86 -8.66 -6.47
C ASP A 64 5.06 -7.72 -7.67
N GLU A 65 4.44 -8.10 -8.77
CA GLU A 65 4.53 -7.30 -9.99
C GLU A 65 3.72 -6.02 -9.86
N ASP A 66 2.63 -6.12 -9.11
CA ASP A 66 1.76 -4.98 -8.90
C ASP A 66 2.31 -4.14 -7.75
N TRP A 67 3.22 -4.74 -6.99
CA TRP A 67 3.83 -4.05 -5.87
C TRP A 67 5.21 -3.55 -6.31
N ASN A 68 5.74 -4.21 -7.32
CA ASN A 68 7.05 -3.84 -7.84
C ASN A 68 6.88 -2.77 -8.93
N VAL A 69 5.96 -3.05 -9.85
CA VAL A 69 5.69 -2.12 -10.94
C VAL A 69 5.23 -0.79 -10.36
N ALA A 70 4.66 -0.86 -9.17
CA ALA A 70 4.17 0.33 -8.49
C ALA A 70 5.35 1.09 -7.87
N LYS A 71 6.18 0.35 -7.17
CA LYS A 71 7.36 0.93 -6.53
C LYS A 71 8.15 1.72 -7.57
N GLU A 72 8.49 1.05 -8.65
CA GLU A 72 9.26 1.66 -9.72
C GLU A 72 8.56 2.95 -10.20
N MET A 73 7.27 3.03 -9.88
CA MET A 73 6.49 4.19 -10.26
C MET A 73 6.76 5.38 -9.32
N LEU A 74 7.01 5.05 -8.06
CA LEU A 74 7.27 6.06 -7.06
C LEU A 74 8.34 7.02 -7.60
N ALA A 75 9.50 6.46 -7.91
CA ALA A 75 10.60 7.24 -8.43
C ALA A 75 10.11 8.10 -9.60
N GLU A 76 9.12 7.56 -10.30
CA GLU A 76 8.55 8.27 -11.43
C GLU A 76 7.54 9.32 -10.97
N ASN A 77 6.97 9.06 -9.80
CA ASN A 77 5.99 9.97 -9.23
C ASN A 77 6.72 11.02 -8.39
N ASN A 78 8.02 11.05 -8.54
CA ASN A 78 8.84 12.00 -7.79
C ASN A 78 8.32 12.11 -6.37
N GLU A 79 7.74 11.02 -5.89
CA GLU A 79 7.20 10.99 -4.54
C GLU A 79 7.99 10.03 -3.67
N LYS A 80 7.80 10.17 -2.36
CA LYS A 80 8.49 9.32 -1.41
C LYS A 80 7.48 8.66 -0.48
N PHE A 81 6.22 8.71 -0.89
CA PHE A 81 5.15 8.12 -0.12
C PHE A 81 4.18 7.33 -1.01
N LEU A 82 3.25 6.66 -0.37
CA LEU A 82 2.27 5.87 -1.09
C LEU A 82 0.94 5.89 -0.32
N ASN A 83 -0.14 5.76 -1.09
CA ASN A 83 -1.47 5.77 -0.51
C ASN A 83 -2.23 4.52 -0.96
N ILE A 84 -3.10 4.05 -0.09
CA ILE A 84 -3.90 2.87 -0.38
C ILE A 84 -5.38 3.21 -0.27
N ARG A 85 -6.20 2.39 -0.92
CA ARG A 85 -7.64 2.61 -0.90
C ARG A 85 -8.35 1.32 -0.46
N LEU A 86 -9.03 1.43 0.68
CA LEU A 86 -9.77 0.28 1.21
C LEU A 86 -11.27 0.55 1.11
N TYR A 87 -11.98 -0.45 0.64
CA TYR A 87 -13.43 -0.34 0.48
C TYR A 87 -14.05 0.38 1.67
N PRO A 2 13.39 4.64 9.62
CA PRO A 2 14.36 4.12 8.68
C PRO A 2 14.29 4.87 7.35
N LEU A 3 15.40 4.83 6.63
CA LEU A 3 15.48 5.50 5.34
C LEU A 3 15.20 4.49 4.23
N GLY A 4 15.36 4.94 3.00
CA GLY A 4 15.12 4.08 1.85
C GLY A 4 13.90 3.18 2.07
N SER A 5 12.74 3.83 2.13
CA SER A 5 11.50 3.09 2.34
C SER A 5 10.33 3.87 1.71
N ILE A 6 9.18 3.22 1.69
CA ILE A 6 7.98 3.82 1.13
C ILE A 6 6.89 3.84 2.19
N LEU A 7 6.08 4.89 2.13
CA LEU A 7 4.98 5.04 3.07
C LEU A 7 3.67 4.67 2.39
N PHE A 8 2.76 4.12 3.17
CA PHE A 8 1.46 3.71 2.65
C PHE A 8 0.32 4.37 3.43
N ARG A 9 -0.39 5.26 2.75
CA ARG A 9 -1.49 5.97 3.37
C ARG A 9 -2.81 5.22 3.11
N ILE A 10 -3.07 4.25 3.98
CA ILE A 10 -4.28 3.47 3.86
C ILE A 10 -5.50 4.36 4.10
N SER A 11 -6.66 3.88 3.65
CA SER A 11 -7.89 4.62 3.81
C SER A 11 -9.09 3.69 3.65
N TYR A 12 -10.06 3.85 4.54
CA TYR A 12 -11.25 3.03 4.49
C TYR A 12 -12.47 3.82 4.97
N ASN A 13 -13.63 3.17 4.90
CA ASN A 13 -14.87 3.80 5.32
C ASN A 13 -14.61 4.62 6.58
N SER A 14 -13.64 4.18 7.35
CA SER A 14 -13.29 4.87 8.58
C SER A 14 -12.57 6.18 8.26
N GLU A 15 -11.25 6.11 8.29
CA GLU A 15 -10.43 7.27 8.00
C GLU A 15 -9.20 6.88 7.18
N ILE A 16 -8.30 7.84 7.03
CA ILE A 16 -7.08 7.60 6.27
C ILE A 16 -5.90 7.48 7.24
N PHE A 17 -5.24 6.33 7.17
CA PHE A 17 -4.10 6.07 8.03
C PHE A 17 -2.81 5.92 7.21
N THR A 18 -1.71 5.76 7.92
CA THR A 18 -0.42 5.61 7.28
C THR A 18 0.34 4.41 7.86
N LEU A 19 1.11 3.76 7.01
CA LEU A 19 1.88 2.61 7.42
C LEU A 19 3.20 2.57 6.63
N LEU A 20 4.30 2.57 7.36
CA LEU A 20 5.61 2.54 6.74
C LEU A 20 5.89 1.11 6.25
N VAL A 21 6.13 1.01 4.95
CA VAL A 21 6.41 -0.29 4.35
C VAL A 21 7.71 -0.19 3.54
N GLU A 22 8.69 -0.97 3.98
CA GLU A 22 9.98 -0.99 3.31
C GLU A 22 9.81 -1.33 1.83
N LYS A 23 10.89 -1.13 1.09
CA LYS A 23 10.87 -1.41 -0.34
C LYS A 23 11.30 -2.85 -0.57
N VAL A 24 11.28 -3.63 0.50
CA VAL A 24 11.66 -5.03 0.43
C VAL A 24 10.43 -5.91 0.71
N TRP A 25 9.59 -5.41 1.61
CA TRP A 25 8.39 -6.14 1.96
C TRP A 25 7.60 -6.43 0.69
N ASN A 26 7.86 -7.61 0.13
CA ASN A 26 7.19 -8.01 -1.09
C ASN A 26 5.68 -7.84 -0.92
N PHE A 27 4.96 -8.12 -2.00
CA PHE A 27 3.50 -8.00 -1.99
C PHE A 27 2.91 -8.73 -0.77
N ASP A 28 3.54 -9.85 -0.42
CA ASP A 28 3.09 -10.64 0.71
C ASP A 28 3.20 -9.81 1.98
N ASP A 29 4.44 -9.61 2.41
CA ASP A 29 4.71 -8.83 3.62
C ASP A 29 3.97 -7.50 3.53
N LEU A 30 3.68 -7.09 2.30
CA LEU A 30 2.99 -5.84 2.06
C LEU A 30 1.54 -5.96 2.55
N ILE A 31 0.84 -6.93 1.98
CA ILE A 31 -0.55 -7.17 2.34
C ILE A 31 -0.64 -7.41 3.85
N MET A 32 0.49 -7.81 4.43
CA MET A 32 0.55 -8.08 5.85
C MET A 32 0.94 -6.82 6.63
N ALA A 33 1.57 -5.89 5.93
CA ALA A 33 2.00 -4.65 6.54
C ALA A 33 0.77 -3.81 6.87
N ILE A 34 -0.19 -3.83 5.96
CA ILE A 34 -1.41 -3.06 6.14
C ILE A 34 -2.39 -3.87 7.01
N ASN A 35 -2.47 -5.16 6.71
CA ASN A 35 -3.36 -6.05 7.45
C ASN A 35 -2.93 -6.06 8.92
N SER A 36 -1.72 -5.57 9.16
CA SER A 36 -1.19 -5.53 10.51
C SER A 36 -1.76 -4.32 11.26
N LYS A 37 -1.93 -3.24 10.51
CA LYS A 37 -2.48 -2.01 11.10
C LYS A 37 -3.98 -2.17 11.29
N ILE A 38 -4.65 -2.64 10.25
CA ILE A 38 -6.09 -2.84 10.29
C ILE A 38 -6.40 -4.09 11.12
N SER A 39 -5.33 -4.76 11.53
CA SER A 39 -5.47 -5.96 12.34
C SER A 39 -6.44 -5.71 13.50
N ASN A 40 -6.56 -4.44 13.85
CA ASN A 40 -7.44 -4.05 14.94
C ASN A 40 -8.72 -4.87 14.87
N THR A 41 -9.09 -5.24 13.65
CA THR A 41 -10.30 -6.02 13.44
C THR A 41 -9.95 -7.36 12.78
N HIS A 42 -9.97 -8.40 13.59
CA HIS A 42 -9.67 -9.74 13.11
C HIS A 42 -10.96 -10.45 12.69
N ILE A 43 -11.91 -9.65 12.23
CA ILE A 43 -13.19 -10.17 11.80
C ILE A 43 -13.12 -10.49 10.30
N SER A 44 -12.41 -9.64 9.57
CA SER A 44 -12.25 -9.82 8.14
C SER A 44 -11.51 -8.63 7.53
N PRO A 45 -10.17 -8.79 7.42
CA PRO A 45 -9.33 -7.73 6.87
C PRO A 45 -9.49 -7.66 5.34
N ILE A 46 -8.52 -7.01 4.71
CA ILE A 46 -8.55 -6.85 3.27
C ILE A 46 -7.28 -7.47 2.68
N THR A 47 -7.43 -8.68 2.17
CA THR A 47 -6.31 -9.39 1.58
C THR A 47 -5.80 -8.65 0.35
N LYS A 48 -6.67 -7.84 -0.22
CA LYS A 48 -6.33 -7.07 -1.40
C LYS A 48 -6.45 -5.57 -1.08
N ILE A 49 -5.55 -4.80 -1.67
CA ILE A 49 -5.54 -3.36 -1.46
C ILE A 49 -5.35 -2.66 -2.80
N LYS A 50 -5.83 -1.42 -2.85
CA LYS A 50 -5.72 -0.62 -4.06
C LYS A 50 -4.80 0.57 -3.80
N TYR A 51 -3.83 0.74 -4.69
CA TYR A 51 -2.89 1.84 -4.56
C TYR A 51 -2.96 2.77 -5.78
N GLN A 52 -2.69 4.04 -5.52
CA GLN A 52 -2.72 5.03 -6.58
C GLN A 52 -1.45 4.94 -7.44
N ASP A 53 -1.63 5.27 -8.71
CA ASP A 53 -0.51 5.23 -9.65
C ASP A 53 -0.24 6.64 -10.17
N GLU A 54 0.68 6.71 -11.12
CA GLU A 54 1.05 7.99 -11.72
C GLU A 54 -0.17 8.60 -12.43
N ASP A 55 -1.02 7.73 -12.94
CA ASP A 55 -2.22 8.17 -13.64
C ASP A 55 -3.33 8.44 -12.62
N GLY A 56 -2.95 8.38 -11.35
CA GLY A 56 -3.91 8.60 -10.28
C GLY A 56 -5.10 7.65 -10.39
N ASP A 57 -4.90 6.59 -11.18
CA ASP A 57 -5.94 5.61 -11.37
C ASP A 57 -5.73 4.45 -10.38
N PHE A 58 -6.53 4.46 -9.32
CA PHE A 58 -6.44 3.44 -8.31
C PHE A 58 -6.32 2.04 -8.95
N VAL A 59 -5.19 1.41 -8.67
CA VAL A 59 -4.94 0.08 -9.21
C VAL A 59 -4.77 -0.91 -8.05
N VAL A 60 -5.39 -2.08 -8.22
CA VAL A 60 -5.32 -3.10 -7.19
C VAL A 60 -3.87 -3.53 -7.01
N LEU A 61 -3.59 -4.10 -5.84
CA LEU A 61 -2.25 -4.55 -5.53
C LEU A 61 -2.33 -5.82 -4.67
N GLY A 62 -1.90 -6.92 -5.27
CA GLY A 62 -1.92 -8.19 -4.57
C GLY A 62 -0.89 -9.15 -5.16
N SER A 63 0.12 -8.57 -5.80
CA SER A 63 1.18 -9.35 -6.41
C SER A 63 2.48 -8.55 -6.45
N ASP A 64 3.54 -9.21 -6.88
CA ASP A 64 4.84 -8.56 -6.98
C ASP A 64 4.88 -7.70 -8.23
N GLU A 65 4.13 -8.11 -9.24
CA GLU A 65 4.08 -7.38 -10.49
C GLU A 65 3.30 -6.08 -10.31
N ASP A 66 2.60 -5.99 -9.18
CA ASP A 66 1.82 -4.81 -8.87
C ASP A 66 2.45 -4.07 -7.69
N TRP A 67 3.32 -4.80 -6.99
CA TRP A 67 4.00 -4.22 -5.84
C TRP A 67 5.34 -3.66 -6.30
N ASN A 68 5.82 -4.19 -7.42
CA ASN A 68 7.08 -3.75 -7.98
C ASN A 68 6.82 -2.69 -9.05
N VAL A 69 5.91 -3.01 -9.95
CA VAL A 69 5.56 -2.09 -11.02
C VAL A 69 4.99 -0.80 -10.42
N ALA A 70 4.63 -0.90 -9.15
CA ALA A 70 4.06 0.24 -8.44
C ALA A 70 5.20 1.11 -7.90
N LYS A 71 6.24 0.43 -7.42
CA LYS A 71 7.39 1.13 -6.88
C LYS A 71 8.10 1.90 -7.99
N GLU A 72 8.46 1.18 -9.04
CA GLU A 72 9.13 1.79 -10.16
C GLU A 72 8.45 3.11 -10.55
N MET A 73 7.17 3.18 -10.22
CA MET A 73 6.40 4.38 -10.53
C MET A 73 6.66 5.48 -9.49
N LEU A 74 6.76 5.06 -8.24
CA LEU A 74 7.01 5.99 -7.15
C LEU A 74 8.21 6.87 -7.51
N ALA A 75 9.35 6.22 -7.66
CA ALA A 75 10.58 6.92 -7.98
C ALA A 75 10.32 7.84 -9.18
N GLU A 76 9.42 7.39 -10.05
CA GLU A 76 9.08 8.16 -11.23
C GLU A 76 8.19 9.34 -10.86
N ASN A 77 7.41 9.16 -9.81
CA ASN A 77 6.51 10.19 -9.34
C ASN A 77 7.25 11.09 -8.35
N ASN A 78 8.56 10.91 -8.30
CA ASN A 78 9.39 11.70 -7.41
C ASN A 78 8.69 11.85 -6.07
N GLU A 79 7.99 10.80 -5.68
CA GLU A 79 7.26 10.80 -4.42
C GLU A 79 7.87 9.79 -3.44
N LYS A 80 7.85 10.15 -2.17
CA LYS A 80 8.39 9.28 -1.14
C LYS A 80 7.26 8.76 -0.27
N PHE A 81 6.05 8.81 -0.82
CA PHE A 81 4.87 8.35 -0.11
C PHE A 81 3.90 7.65 -1.06
N LEU A 82 3.06 6.81 -0.46
CA LEU A 82 2.08 6.06 -1.24
C LEU A 82 0.71 6.18 -0.57
N ASN A 83 -0.31 5.83 -1.32
CA ASN A 83 -1.68 5.88 -0.82
C ASN A 83 -2.39 4.57 -1.15
N ILE A 84 -3.15 4.08 -0.17
CA ILE A 84 -3.89 2.85 -0.35
C ILE A 84 -5.34 3.05 0.09
N ARG A 85 -6.25 2.53 -0.72
CA ARG A 85 -7.67 2.65 -0.41
C ARG A 85 -8.25 1.28 -0.06
N LEU A 86 -9.28 1.31 0.78
CA LEU A 86 -9.93 0.09 1.20
C LEU A 86 -11.44 0.27 1.13
N TYR A 87 -12.08 -0.66 0.44
CA TYR A 87 -13.53 -0.61 0.29
C TYR A 87 -14.22 -1.72 1.08
N PRO A 2 13.80 4.27 9.71
CA PRO A 2 14.28 3.93 8.38
C PRO A 2 13.66 4.84 7.32
N LEU A 3 14.51 5.63 6.70
CA LEU A 3 14.05 6.55 5.66
C LEU A 3 13.87 5.79 4.35
N GLY A 4 14.53 4.64 4.27
CA GLY A 4 14.45 3.81 3.08
C GLY A 4 13.20 2.91 3.12
N SER A 5 12.06 3.56 2.98
CA SER A 5 10.79 2.84 2.99
C SER A 5 9.71 3.65 2.27
N ILE A 6 8.53 3.06 2.20
CA ILE A 6 7.41 3.72 1.53
C ILE A 6 6.29 3.95 2.55
N LEU A 7 5.36 4.82 2.17
CA LEU A 7 4.23 5.13 3.03
C LEU A 7 2.93 4.85 2.28
N PHE A 8 1.93 4.43 3.03
CA PHE A 8 0.63 4.12 2.46
C PHE A 8 -0.50 4.67 3.32
N ARG A 9 -1.24 5.60 2.74
CA ARG A 9 -2.36 6.22 3.44
C ARG A 9 -3.62 5.38 3.27
N ILE A 10 -3.50 4.12 3.60
CA ILE A 10 -4.63 3.20 3.49
C ILE A 10 -5.88 3.88 4.04
N SER A 11 -6.80 4.17 3.13
CA SER A 11 -8.05 4.82 3.50
C SER A 11 -9.22 3.83 3.38
N TYR A 12 -10.12 3.92 4.34
CA TYR A 12 -11.29 3.03 4.34
C TYR A 12 -12.52 3.77 4.84
N ASN A 13 -13.66 3.07 4.79
CA ASN A 13 -14.91 3.65 5.24
C ASN A 13 -14.67 4.50 6.48
N SER A 14 -13.66 4.10 7.24
CA SER A 14 -13.32 4.82 8.46
C SER A 14 -12.68 6.16 8.12
N GLU A 15 -11.42 6.10 7.70
CA GLU A 15 -10.68 7.30 7.34
C GLU A 15 -9.36 6.92 6.68
N ILE A 16 -8.44 7.88 6.70
CA ILE A 16 -7.13 7.67 6.11
C ILE A 16 -6.17 7.13 7.17
N PHE A 17 -5.42 6.11 6.78
CA PHE A 17 -4.46 5.50 7.69
C PHE A 17 -3.08 5.37 7.03
N THR A 18 -2.07 5.83 7.75
CA THR A 18 -0.72 5.79 7.26
C THR A 18 0.01 4.55 7.81
N LEU A 19 0.61 3.80 6.90
CA LEU A 19 1.34 2.60 7.28
C LEU A 19 2.71 2.61 6.61
N LEU A 20 3.75 2.48 7.43
CA LEU A 20 5.10 2.46 6.93
C LEU A 20 5.43 1.06 6.40
N VAL A 21 5.63 0.99 5.09
CA VAL A 21 5.95 -0.28 4.46
C VAL A 21 7.42 -0.29 4.05
N GLU A 22 8.05 -1.44 4.25
CA GLU A 22 9.46 -1.58 3.91
C GLU A 22 9.62 -1.85 2.41
N LYS A 23 10.84 -1.62 1.94
CA LYS A 23 11.13 -1.83 0.54
C LYS A 23 11.59 -3.28 0.31
N VAL A 24 11.33 -4.10 1.33
CA VAL A 24 11.70 -5.50 1.26
C VAL A 24 10.44 -6.36 1.27
N TRP A 25 9.46 -5.91 2.04
CA TRP A 25 8.20 -6.63 2.14
C TRP A 25 7.60 -6.74 0.74
N ASN A 26 7.69 -7.93 0.18
CA ASN A 26 7.17 -8.18 -1.15
C ASN A 26 5.65 -7.96 -1.14
N PHE A 27 5.05 -8.18 -2.30
CA PHE A 27 3.61 -8.02 -2.44
C PHE A 27 2.86 -8.76 -1.34
N ASP A 28 3.40 -9.91 -0.97
CA ASP A 28 2.80 -10.73 0.07
C ASP A 28 2.90 -9.99 1.40
N ASP A 29 4.12 -9.96 1.94
CA ASP A 29 4.36 -9.30 3.21
C ASP A 29 3.60 -7.98 3.24
N LEU A 30 3.48 -7.37 2.07
CA LEU A 30 2.78 -6.09 1.96
C LEU A 30 1.35 -6.26 2.47
N ILE A 31 0.67 -7.25 1.91
CA ILE A 31 -0.71 -7.53 2.30
C ILE A 31 -0.76 -7.78 3.81
N MET A 32 0.10 -8.67 4.26
CA MET A 32 0.16 -9.02 5.67
C MET A 32 0.43 -7.78 6.53
N ALA A 33 1.10 -6.81 5.91
CA ALA A 33 1.43 -5.57 6.60
C ALA A 33 0.14 -4.84 6.96
N ILE A 34 -0.69 -4.61 5.94
CA ILE A 34 -1.95 -3.91 6.14
C ILE A 34 -2.84 -4.74 7.07
N ASN A 35 -2.85 -6.04 6.81
CA ASN A 35 -3.66 -6.95 7.60
C ASN A 35 -3.17 -6.93 9.05
N SER A 36 -1.97 -6.38 9.23
CA SER A 36 -1.38 -6.29 10.56
C SER A 36 -1.84 -5.00 11.24
N LYS A 37 -1.80 -3.92 10.49
CA LYS A 37 -2.21 -2.62 11.01
C LYS A 37 -3.72 -2.65 11.33
N ILE A 38 -4.47 -3.19 10.38
CA ILE A 38 -5.92 -3.29 10.53
C ILE A 38 -6.24 -4.43 11.50
N SER A 39 -5.24 -5.28 11.72
CA SER A 39 -5.41 -6.41 12.62
C SER A 39 -6.24 -6.00 13.83
N ASN A 40 -6.06 -4.75 14.25
CA ASN A 40 -6.78 -4.22 15.38
C ASN A 40 -8.24 -4.68 15.32
N THR A 41 -8.84 -4.44 14.17
CA THR A 41 -10.24 -4.82 13.96
C THR A 41 -10.42 -6.32 14.18
N HIS A 42 -9.80 -7.09 13.29
CA HIS A 42 -9.88 -8.54 13.37
C HIS A 42 -11.33 -8.98 13.13
N ILE A 43 -12.03 -8.19 12.33
CA ILE A 43 -13.41 -8.49 12.00
C ILE A 43 -13.51 -8.84 10.51
N SER A 44 -12.69 -8.16 9.72
CA SER A 44 -12.68 -8.39 8.28
C SER A 44 -11.56 -7.57 7.63
N PRO A 45 -10.39 -8.24 7.47
CA PRO A 45 -9.24 -7.58 6.86
C PRO A 45 -9.42 -7.45 5.35
N ILE A 46 -8.31 -7.22 4.68
CA ILE A 46 -8.32 -7.06 3.23
C ILE A 46 -6.96 -7.47 2.66
N THR A 47 -6.96 -8.56 1.90
CA THR A 47 -5.74 -9.06 1.30
C THR A 47 -5.55 -8.47 -0.10
N LYS A 48 -5.98 -7.21 -0.24
CA LYS A 48 -5.87 -6.52 -1.51
C LYS A 48 -5.89 -5.01 -1.27
N ILE A 49 -4.76 -4.38 -1.58
CA ILE A 49 -4.64 -2.95 -1.40
C ILE A 49 -4.61 -2.27 -2.77
N LYS A 50 -5.47 -1.27 -2.93
CA LYS A 50 -5.54 -0.54 -4.18
C LYS A 50 -4.67 0.72 -4.08
N TYR A 51 -3.51 0.65 -4.71
CA TYR A 51 -2.58 1.78 -4.70
C TYR A 51 -2.75 2.64 -5.95
N GLN A 52 -2.53 3.93 -5.77
CA GLN A 52 -2.66 4.87 -6.87
C GLN A 52 -1.47 4.72 -7.84
N ASP A 53 -1.72 5.06 -9.09
CA ASP A 53 -0.69 4.98 -10.11
C ASP A 53 -0.32 6.39 -10.58
N GLU A 54 0.58 6.44 -11.55
CA GLU A 54 1.02 7.71 -12.09
C GLU A 54 -0.14 8.42 -12.79
N ASP A 55 -0.84 7.65 -13.62
CA ASP A 55 -1.97 8.20 -14.36
C ASP A 55 -2.86 8.99 -13.40
N GLY A 56 -2.83 8.59 -12.15
CA GLY A 56 -3.63 9.25 -11.12
C GLY A 56 -4.89 8.45 -10.80
N ASP A 57 -4.90 7.21 -11.25
CA ASP A 57 -6.03 6.33 -11.01
C ASP A 57 -5.67 5.32 -9.92
N PHE A 58 -6.60 4.42 -9.65
CA PHE A 58 -6.40 3.41 -8.64
C PHE A 58 -6.22 2.02 -9.27
N VAL A 59 -5.28 1.27 -8.72
CA VAL A 59 -4.99 -0.07 -9.21
C VAL A 59 -4.78 -1.01 -8.03
N VAL A 60 -5.35 -2.20 -8.16
CA VAL A 60 -5.23 -3.21 -7.12
C VAL A 60 -3.78 -3.70 -7.05
N LEU A 61 -3.33 -3.95 -5.82
CA LEU A 61 -1.98 -4.42 -5.61
C LEU A 61 -2.01 -5.71 -4.77
N GLY A 62 -1.79 -6.81 -5.45
CA GLY A 62 -1.80 -8.11 -4.79
C GLY A 62 -0.75 -9.04 -5.40
N SER A 63 0.24 -8.44 -6.04
CA SER A 63 1.30 -9.19 -6.68
C SER A 63 2.61 -8.41 -6.63
N ASP A 64 3.67 -9.05 -7.10
CA ASP A 64 4.98 -8.42 -7.11
C ASP A 64 5.03 -7.37 -8.23
N GLU A 65 4.25 -7.62 -9.27
CA GLU A 65 4.19 -6.72 -10.40
C GLU A 65 3.55 -5.39 -9.98
N ASP A 66 2.54 -5.50 -9.13
CA ASP A 66 1.84 -4.32 -8.65
C ASP A 66 2.57 -3.76 -7.43
N TRP A 67 3.46 -4.58 -6.89
CA TRP A 67 4.23 -4.17 -5.72
C TRP A 67 5.57 -3.62 -6.21
N ASN A 68 5.91 -3.97 -7.44
CA ASN A 68 7.17 -3.52 -8.03
C ASN A 68 6.88 -2.32 -8.92
N VAL A 69 5.87 -2.46 -9.77
CA VAL A 69 5.50 -1.39 -10.68
C VAL A 69 5.05 -0.17 -9.87
N ALA A 70 4.50 -0.44 -8.70
CA ALA A 70 4.03 0.62 -7.83
C ALA A 70 5.23 1.32 -7.19
N LYS A 71 6.35 0.61 -7.20
CA LYS A 71 7.58 1.15 -6.63
C LYS A 71 8.33 1.94 -7.71
N GLU A 72 8.62 1.27 -8.81
CA GLU A 72 9.34 1.89 -9.91
C GLU A 72 8.68 3.22 -10.27
N MET A 73 7.37 3.28 -10.06
CA MET A 73 6.62 4.48 -10.37
C MET A 73 7.05 5.65 -9.46
N LEU A 74 7.16 5.35 -8.18
CA LEU A 74 7.56 6.35 -7.21
C LEU A 74 8.76 7.12 -7.76
N ALA A 75 9.72 6.36 -8.28
CA ALA A 75 10.93 6.95 -8.83
C ALA A 75 10.56 7.82 -10.04
N GLU A 76 9.58 7.35 -10.79
CA GLU A 76 9.12 8.07 -11.96
C GLU A 76 8.29 9.28 -11.56
N ASN A 77 7.76 9.21 -10.34
CA ASN A 77 6.94 10.30 -9.83
C ASN A 77 7.81 11.22 -8.97
N ASN A 78 8.99 10.73 -8.63
CA ASN A 78 9.92 11.50 -7.83
C ASN A 78 9.29 11.79 -6.48
N GLU A 79 8.50 10.85 -6.01
CA GLU A 79 7.82 10.98 -4.72
C GLU A 79 8.43 10.02 -3.69
N LYS A 80 8.06 10.24 -2.44
CA LYS A 80 8.56 9.40 -1.36
C LYS A 80 7.37 8.86 -0.56
N PHE A 81 6.21 8.91 -1.19
CA PHE A 81 4.99 8.43 -0.54
C PHE A 81 4.09 7.71 -1.55
N LEU A 82 3.10 7.01 -1.03
CA LEU A 82 2.17 6.28 -1.86
C LEU A 82 0.78 6.34 -1.23
N ASN A 83 -0.23 6.28 -2.09
CA ASN A 83 -1.61 6.32 -1.63
C ASN A 83 -2.23 4.93 -1.78
N ILE A 84 -3.15 4.63 -0.87
CA ILE A 84 -3.82 3.34 -0.88
C ILE A 84 -5.32 3.56 -0.61
N ARG A 85 -6.11 2.58 -1.05
CA ARG A 85 -7.54 2.65 -0.85
C ARG A 85 -8.07 1.32 -0.31
N LEU A 86 -9.12 1.42 0.50
CA LEU A 86 -9.72 0.22 1.08
C LEU A 86 -11.25 0.37 1.07
N TYR A 87 -11.90 -0.58 0.42
CA TYR A 87 -13.35 -0.56 0.33
C TYR A 87 -13.98 -0.07 1.64
N PRO A 2 20.68 6.15 4.03
CA PRO A 2 19.77 5.46 3.12
C PRO A 2 18.45 5.14 3.80
N LEU A 3 17.38 5.63 3.19
CA LEU A 3 16.04 5.41 3.72
C LEU A 3 15.41 4.21 2.99
N GLY A 4 15.43 4.27 1.67
CA GLY A 4 14.87 3.21 0.86
C GLY A 4 13.59 2.65 1.50
N SER A 5 12.71 3.58 1.87
CA SER A 5 11.45 3.19 2.49
C SER A 5 10.30 3.97 1.84
N ILE A 6 9.13 3.36 1.88
CA ILE A 6 7.95 3.98 1.30
C ILE A 6 6.80 3.92 2.32
N LEU A 7 5.99 4.97 2.30
CA LEU A 7 4.86 5.06 3.21
C LEU A 7 3.58 4.67 2.47
N PHE A 8 2.65 4.08 3.22
CA PHE A 8 1.39 3.67 2.64
C PHE A 8 0.21 4.28 3.41
N ARG A 9 -0.54 5.13 2.71
CA ARG A 9 -1.69 5.78 3.31
C ARG A 9 -2.96 4.99 3.02
N ILE A 10 -3.16 3.95 3.82
CA ILE A 10 -4.33 3.11 3.66
C ILE A 10 -5.59 3.93 3.97
N SER A 11 -6.73 3.35 3.61
CA SER A 11 -8.00 4.02 3.84
C SER A 11 -9.15 3.02 3.68
N TYR A 12 -10.18 3.21 4.50
CA TYR A 12 -11.34 2.33 4.45
C TYR A 12 -12.61 3.08 4.87
N ASN A 13 -13.72 2.36 4.82
CA ASN A 13 -15.00 2.94 5.19
C ASN A 13 -14.81 3.85 6.41
N SER A 14 -13.83 3.49 7.22
CA SER A 14 -13.52 4.25 8.42
C SER A 14 -12.85 5.58 8.05
N GLU A 15 -11.53 5.57 8.09
CA GLU A 15 -10.77 6.76 7.76
C GLU A 15 -9.50 6.38 6.99
N ILE A 16 -8.65 7.36 6.79
CA ILE A 16 -7.41 7.15 6.07
C ILE A 16 -6.24 7.09 7.07
N PHE A 17 -5.54 5.97 7.03
CA PHE A 17 -4.40 5.77 7.92
C PHE A 17 -3.10 5.65 7.13
N THR A 18 -2.01 5.55 7.87
CA THR A 18 -0.69 5.43 7.26
C THR A 18 0.05 4.21 7.81
N LEU A 19 0.95 3.69 7.00
CA LEU A 19 1.73 2.53 7.40
C LEU A 19 3.04 2.50 6.61
N LEU A 20 4.14 2.47 7.35
CA LEU A 20 5.45 2.43 6.73
C LEU A 20 5.75 1.02 6.24
N VAL A 21 6.01 0.93 4.94
CA VAL A 21 6.30 -0.35 4.32
C VAL A 21 7.63 -0.25 3.57
N GLU A 22 8.60 -1.02 4.05
CA GLU A 22 9.92 -1.04 3.44
C GLU A 22 9.80 -1.41 1.96
N LYS A 23 10.91 -1.23 1.25
CA LYS A 23 10.96 -1.55 -0.16
C LYS A 23 11.39 -3.01 -0.34
N VAL A 24 11.32 -3.75 0.76
CA VAL A 24 11.70 -5.15 0.74
C VAL A 24 10.47 -6.02 0.99
N TRP A 25 9.59 -5.52 1.86
CA TRP A 25 8.37 -6.23 2.18
C TRP A 25 7.62 -6.49 0.88
N ASN A 26 7.84 -7.68 0.33
CA ASN A 26 7.19 -8.06 -0.90
C ASN A 26 5.68 -7.90 -0.75
N PHE A 27 4.97 -8.14 -1.86
CA PHE A 27 3.52 -8.02 -1.85
C PHE A 27 2.92 -8.80 -0.69
N ASP A 28 3.55 -9.91 -0.36
CA ASP A 28 3.08 -10.74 0.73
C ASP A 28 3.17 -9.97 2.05
N ASP A 29 4.40 -9.66 2.42
CA ASP A 29 4.65 -8.92 3.65
C ASP A 29 3.87 -7.61 3.62
N LEU A 30 3.56 -7.17 2.41
CA LEU A 30 2.81 -5.94 2.22
C LEU A 30 1.36 -6.16 2.68
N ILE A 31 0.72 -7.16 2.08
CA ILE A 31 -0.65 -7.47 2.40
C ILE A 31 -0.74 -7.85 3.89
N MET A 32 0.40 -8.23 4.44
CA MET A 32 0.46 -8.61 5.84
C MET A 32 0.82 -7.41 6.73
N ALA A 33 1.48 -6.44 6.11
CA ALA A 33 1.87 -5.24 6.83
C ALA A 33 0.62 -4.39 7.13
N ILE A 34 -0.18 -4.20 6.10
CA ILE A 34 -1.39 -3.40 6.24
C ILE A 34 -2.43 -4.22 7.02
N ASN A 35 -2.51 -5.50 6.68
CA ASN A 35 -3.45 -6.39 7.33
C ASN A 35 -3.25 -6.31 8.85
N SER A 36 -2.03 -5.96 9.23
CA SER A 36 -1.69 -5.85 10.64
C SER A 36 -2.21 -4.53 11.21
N LYS A 37 -1.95 -3.47 10.46
CA LYS A 37 -2.38 -2.14 10.87
C LYS A 37 -3.91 -2.12 11.01
N ILE A 38 -4.55 -2.83 10.08
CA ILE A 38 -6.01 -2.90 10.09
C ILE A 38 -6.45 -3.94 11.12
N SER A 39 -5.51 -4.76 11.53
CA SER A 39 -5.79 -5.80 12.51
C SER A 39 -6.72 -5.26 13.59
N ASN A 40 -6.61 -3.96 13.83
CA ASN A 40 -7.43 -3.31 14.83
C ASN A 40 -8.86 -3.87 14.77
N THR A 41 -9.42 -3.83 13.57
CA THR A 41 -10.77 -4.33 13.36
C THR A 41 -10.79 -5.85 13.43
N HIS A 42 -11.80 -6.37 14.10
CA HIS A 42 -11.95 -7.81 14.25
C HIS A 42 -13.00 -8.33 13.26
N ILE A 43 -13.27 -7.51 12.26
CA ILE A 43 -14.25 -7.87 11.24
C ILE A 43 -13.59 -8.78 10.20
N SER A 44 -12.46 -8.33 9.69
CA SER A 44 -11.72 -9.09 8.70
C SER A 44 -10.78 -8.18 7.92
N PRO A 45 -9.57 -8.71 7.62
CA PRO A 45 -8.58 -7.95 6.88
C PRO A 45 -8.94 -7.86 5.40
N ILE A 46 -7.95 -7.52 4.59
CA ILE A 46 -8.16 -7.39 3.16
C ILE A 46 -6.88 -7.83 2.42
N THR A 47 -7.01 -8.93 1.70
CA THR A 47 -5.88 -9.47 0.95
C THR A 47 -5.64 -8.63 -0.31
N LYS A 48 -6.73 -8.13 -0.87
CA LYS A 48 -6.65 -7.32 -2.07
C LYS A 48 -6.64 -5.84 -1.68
N ILE A 49 -5.57 -5.16 -2.08
CA ILE A 49 -5.43 -3.75 -1.77
C ILE A 49 -5.40 -2.95 -3.08
N LYS A 50 -5.86 -1.71 -2.99
CA LYS A 50 -5.90 -0.84 -4.15
C LYS A 50 -4.94 0.34 -3.93
N TYR A 51 -3.88 0.34 -4.73
CA TYR A 51 -2.88 1.39 -4.64
C TYR A 51 -2.96 2.33 -5.84
N GLN A 52 -2.55 3.57 -5.62
CA GLN A 52 -2.58 4.57 -6.67
C GLN A 52 -1.43 4.33 -7.66
N ASP A 53 -1.71 4.62 -8.92
CA ASP A 53 -0.73 4.45 -9.96
C ASP A 53 -0.23 5.81 -10.44
N GLU A 54 0.67 5.79 -11.41
CA GLU A 54 1.23 7.01 -11.95
C GLU A 54 0.12 7.86 -12.58
N ASP A 55 -0.85 7.18 -13.17
CA ASP A 55 -1.96 7.86 -13.81
C ASP A 55 -2.76 8.61 -12.74
N GLY A 56 -2.52 8.24 -11.49
CA GLY A 56 -3.21 8.87 -10.38
C GLY A 56 -4.55 8.18 -10.10
N ASP A 57 -4.73 7.04 -10.76
CA ASP A 57 -5.96 6.27 -10.58
C ASP A 57 -5.72 5.18 -9.54
N PHE A 58 -6.80 4.47 -9.22
CA PHE A 58 -6.72 3.40 -8.24
C PHE A 58 -6.64 2.04 -8.92
N VAL A 59 -5.59 1.31 -8.60
CA VAL A 59 -5.38 -0.01 -9.16
C VAL A 59 -5.20 -1.02 -8.04
N VAL A 60 -5.54 -2.27 -8.34
CA VAL A 60 -5.42 -3.34 -7.36
C VAL A 60 -3.95 -3.73 -7.22
N LEU A 61 -3.64 -4.35 -6.10
CA LEU A 61 -2.27 -4.79 -5.83
C LEU A 61 -2.31 -6.03 -4.93
N GLY A 62 -1.84 -7.13 -5.50
CA GLY A 62 -1.81 -8.39 -4.78
C GLY A 62 -0.70 -9.29 -5.30
N SER A 63 0.29 -8.67 -5.93
CA SER A 63 1.42 -9.41 -6.48
C SER A 63 2.67 -8.54 -6.46
N ASP A 64 3.79 -9.15 -6.83
CA ASP A 64 5.05 -8.45 -6.86
C ASP A 64 5.08 -7.51 -8.08
N GLU A 65 4.37 -7.93 -9.12
CA GLU A 65 4.30 -7.14 -10.34
C GLU A 65 3.51 -5.85 -10.10
N ASP A 66 2.76 -5.84 -9.01
CA ASP A 66 1.96 -4.69 -8.65
C ASP A 66 2.59 -3.99 -7.44
N TRP A 67 3.46 -4.71 -6.76
CA TRP A 67 4.13 -4.18 -5.59
C TRP A 67 5.44 -3.53 -6.06
N ASN A 68 5.91 -3.99 -7.20
CA ASN A 68 7.15 -3.47 -7.76
C ASN A 68 6.82 -2.34 -8.74
N VAL A 69 5.84 -2.60 -9.60
CA VAL A 69 5.42 -1.63 -10.59
C VAL A 69 4.90 -0.39 -9.88
N ALA A 70 4.40 -0.59 -8.66
CA ALA A 70 3.87 0.50 -7.88
C ALA A 70 5.02 1.38 -7.38
N LYS A 71 6.10 0.71 -6.99
CA LYS A 71 7.27 1.40 -6.49
C LYS A 71 7.84 2.28 -7.61
N GLU A 72 7.81 1.75 -8.82
CA GLU A 72 8.32 2.46 -9.98
C GLU A 72 7.62 3.82 -10.11
N MET A 73 6.38 3.86 -9.63
CA MET A 73 5.60 5.08 -9.69
C MET A 73 6.17 6.16 -8.75
N LEU A 74 6.55 5.71 -7.57
CA LEU A 74 7.12 6.61 -6.57
C LEU A 74 8.37 7.27 -7.15
N ALA A 75 9.25 6.43 -7.70
CA ALA A 75 10.49 6.91 -8.28
C ALA A 75 10.17 7.84 -9.45
N GLU A 76 8.92 7.76 -9.90
CA GLU A 76 8.47 8.60 -11.00
C GLU A 76 7.75 9.83 -10.49
N ASN A 77 7.17 9.69 -9.30
CA ASN A 77 6.44 10.78 -8.69
C ASN A 77 7.38 11.55 -7.75
N ASN A 78 8.67 11.28 -7.89
CA ASN A 78 9.67 11.92 -7.07
C ASN A 78 9.15 12.03 -5.63
N GLU A 79 8.33 11.06 -5.26
CA GLU A 79 7.76 11.04 -3.93
C GLU A 79 8.19 9.76 -3.20
N LYS A 80 7.99 9.78 -1.88
CA LYS A 80 8.35 8.63 -1.06
C LYS A 80 7.12 8.18 -0.26
N PHE A 81 5.97 8.67 -0.68
CA PHE A 81 4.73 8.33 -0.01
C PHE A 81 3.76 7.63 -0.97
N LEU A 82 2.90 6.81 -0.40
CA LEU A 82 1.92 6.07 -1.19
C LEU A 82 0.56 6.14 -0.50
N ASN A 83 -0.46 5.71 -1.22
CA ASN A 83 -1.81 5.71 -0.70
C ASN A 83 -2.54 4.45 -1.13
N ILE A 84 -3.26 3.86 -0.19
CA ILE A 84 -4.00 2.64 -0.47
C ILE A 84 -5.46 2.81 -0.02
N ARG A 85 -6.36 2.23 -0.79
CA ARG A 85 -7.78 2.31 -0.48
C ARG A 85 -8.35 0.91 -0.23
N LEU A 86 -9.29 0.85 0.68
CA LEU A 86 -9.93 -0.41 1.03
C LEU A 86 -11.45 -0.23 1.01
N TYR A 87 -12.11 -1.16 0.32
CA TYR A 87 -13.56 -1.11 0.21
C TYR A 87 -14.21 -2.18 1.10
N PRO A 2 13.04 11.17 4.94
CA PRO A 2 13.67 9.88 5.17
C PRO A 2 13.80 9.09 3.86
N LEU A 3 14.79 8.22 3.84
CA LEU A 3 15.04 7.39 2.66
C LEU A 3 15.30 5.95 3.09
N GLY A 4 14.85 5.03 2.25
CA GLY A 4 15.02 3.62 2.55
C GLY A 4 13.68 2.94 2.81
N SER A 5 12.68 3.76 3.10
CA SER A 5 11.34 3.26 3.37
C SER A 5 10.30 4.09 2.62
N ILE A 6 9.08 3.58 2.62
CA ILE A 6 7.99 4.27 1.93
C ILE A 6 6.75 4.26 2.84
N LEU A 7 6.01 5.36 2.76
CA LEU A 7 4.81 5.50 3.56
C LEU A 7 3.60 5.07 2.73
N PHE A 8 2.66 4.41 3.40
CA PHE A 8 1.46 3.94 2.73
C PHE A 8 0.21 4.59 3.34
N ARG A 9 -0.20 5.69 2.75
CA ARG A 9 -1.37 6.42 3.22
C ARG A 9 -2.60 5.51 3.17
N ILE A 10 -3.07 5.14 4.34
CA ILE A 10 -4.24 4.28 4.44
C ILE A 10 -5.50 5.14 4.41
N SER A 11 -6.09 5.25 3.23
CA SER A 11 -7.29 6.03 3.05
C SER A 11 -8.52 5.13 3.11
N TYR A 12 -9.36 5.37 4.11
CA TYR A 12 -10.57 4.58 4.28
C TYR A 12 -11.81 5.41 3.95
N ASN A 13 -12.97 4.86 4.31
CA ASN A 13 -14.23 5.54 4.05
C ASN A 13 -14.10 7.00 4.45
N SER A 14 -13.83 7.22 5.73
CA SER A 14 -13.68 8.57 6.24
C SER A 14 -12.61 8.61 7.34
N GLU A 15 -11.77 7.58 7.33
CA GLU A 15 -10.70 7.47 8.31
C GLU A 15 -9.38 7.18 7.61
N ILE A 16 -8.36 7.96 7.99
CA ILE A 16 -7.04 7.80 7.41
C ILE A 16 -6.12 7.16 8.45
N PHE A 17 -5.08 6.49 7.94
CA PHE A 17 -4.12 5.84 8.82
C PHE A 17 -2.70 5.99 8.27
N THR A 18 -1.78 5.25 8.87
CA THR A 18 -0.39 5.28 8.46
C THR A 18 0.27 3.92 8.71
N LEU A 19 0.88 3.40 7.65
CA LEU A 19 1.55 2.12 7.73
C LEU A 19 2.92 2.21 7.06
N LEU A 20 3.94 1.88 7.82
CA LEU A 20 5.31 1.93 7.30
C LEU A 20 5.63 0.59 6.61
N VAL A 21 5.95 0.70 5.33
CA VAL A 21 6.29 -0.49 4.55
C VAL A 21 7.65 -0.29 3.90
N GLU A 22 8.58 -1.16 4.27
CA GLU A 22 9.93 -1.10 3.73
C GLU A 22 9.92 -1.40 2.23
N LYS A 23 11.05 -1.14 1.61
CA LYS A 23 11.18 -1.37 0.18
C LYS A 23 11.63 -2.83 -0.06
N VAL A 24 11.57 -3.60 1.01
CA VAL A 24 11.95 -5.01 0.93
C VAL A 24 10.71 -5.88 1.10
N TRP A 25 9.75 -5.37 1.86
CA TRP A 25 8.53 -6.09 2.11
C TRP A 25 7.87 -6.39 0.76
N ASN A 26 7.86 -7.68 0.41
CA ASN A 26 7.27 -8.11 -0.85
C ASN A 26 5.74 -7.97 -0.76
N PHE A 27 5.09 -8.36 -1.86
CA PHE A 27 3.64 -8.28 -1.91
C PHE A 27 3.00 -8.99 -0.72
N ASP A 28 3.61 -10.11 -0.34
CA ASP A 28 3.11 -10.88 0.78
C ASP A 28 3.16 -10.03 2.05
N ASP A 29 4.38 -9.64 2.42
CA ASP A 29 4.57 -8.83 3.60
C ASP A 29 3.71 -7.56 3.49
N LEU A 30 3.49 -7.14 2.25
CA LEU A 30 2.68 -5.96 2.01
C LEU A 30 1.26 -6.19 2.53
N ILE A 31 0.61 -7.20 1.95
CA ILE A 31 -0.74 -7.53 2.35
C ILE A 31 -0.81 -7.68 3.87
N MET A 32 0.14 -8.45 4.39
CA MET A 32 0.21 -8.69 5.82
C MET A 32 0.45 -7.38 6.58
N ALA A 33 0.94 -6.38 5.86
CA ALA A 33 1.22 -5.09 6.45
C ALA A 33 -0.10 -4.40 6.80
N ILE A 34 -0.87 -4.12 5.77
CA ILE A 34 -2.16 -3.46 5.96
C ILE A 34 -3.04 -4.33 6.86
N ASN A 35 -2.92 -5.64 6.67
CA ASN A 35 -3.70 -6.58 7.45
C ASN A 35 -3.32 -6.45 8.93
N SER A 36 -2.20 -5.77 9.16
CA SER A 36 -1.72 -5.56 10.52
C SER A 36 -2.46 -4.40 11.17
N LYS A 37 -2.69 -3.36 10.36
CA LYS A 37 -3.38 -2.18 10.84
C LYS A 37 -4.87 -2.50 10.99
N ILE A 38 -5.39 -3.23 10.02
CA ILE A 38 -6.80 -3.61 10.03
C ILE A 38 -6.97 -4.89 10.84
N SER A 39 -5.84 -5.41 11.33
CA SER A 39 -5.86 -6.63 12.12
C SER A 39 -7.05 -6.62 13.06
N ASN A 40 -7.45 -5.42 13.47
CA ASN A 40 -8.58 -5.26 14.37
C ASN A 40 -9.81 -5.95 13.77
N THR A 41 -10.08 -5.61 12.52
CA THR A 41 -11.22 -6.18 11.82
C THR A 41 -10.83 -7.50 11.15
N HIS A 42 -10.51 -8.49 11.98
CA HIS A 42 -10.12 -9.79 11.47
C HIS A 42 -11.37 -10.56 11.02
N ILE A 43 -12.51 -9.92 11.19
CA ILE A 43 -13.77 -10.53 10.81
C ILE A 43 -13.82 -10.65 9.28
N SER A 44 -13.23 -9.69 8.62
CA SER A 44 -13.21 -9.67 7.16
C SER A 44 -12.25 -8.59 6.66
N PRO A 45 -10.94 -8.98 6.59
CA PRO A 45 -9.92 -8.06 6.13
C PRO A 45 -9.98 -7.89 4.61
N ILE A 46 -8.88 -7.37 4.07
CA ILE A 46 -8.80 -7.15 2.63
C ILE A 46 -7.66 -7.99 2.06
N THR A 47 -8.00 -8.78 1.05
CA THR A 47 -7.00 -9.63 0.41
C THR A 47 -6.34 -8.90 -0.76
N LYS A 48 -6.95 -7.76 -1.12
CA LYS A 48 -6.42 -6.96 -2.21
C LYS A 48 -6.53 -5.48 -1.85
N ILE A 49 -5.39 -4.81 -1.86
CA ILE A 49 -5.35 -3.39 -1.53
C ILE A 49 -5.40 -2.58 -2.82
N LYS A 50 -5.88 -1.34 -2.68
CA LYS A 50 -5.98 -0.45 -3.83
C LYS A 50 -4.99 0.70 -3.67
N TYR A 51 -3.89 0.59 -4.41
CA TYR A 51 -2.85 1.62 -4.35
C TYR A 51 -2.94 2.54 -5.57
N GLN A 52 -2.57 3.80 -5.34
CA GLN A 52 -2.61 4.79 -6.40
C GLN A 52 -1.50 4.51 -7.41
N ASP A 53 -1.69 5.05 -8.60
CA ASP A 53 -0.71 4.87 -9.67
C ASP A 53 -0.23 6.24 -10.17
N GLU A 54 0.57 6.21 -11.21
CA GLU A 54 1.10 7.44 -11.79
C GLU A 54 -0.02 8.24 -12.44
N ASP A 55 -0.99 7.51 -12.99
CA ASP A 55 -2.12 8.14 -13.65
C ASP A 55 -2.91 8.95 -12.63
N GLY A 56 -2.65 8.65 -11.36
CA GLY A 56 -3.34 9.35 -10.28
C GLY A 56 -4.65 8.64 -9.91
N ASP A 57 -4.85 7.48 -10.53
CA ASP A 57 -6.04 6.70 -10.28
C ASP A 57 -5.73 5.61 -9.25
N PHE A 58 -6.75 4.84 -8.93
CA PHE A 58 -6.60 3.76 -7.96
C PHE A 58 -6.53 2.40 -8.66
N VAL A 59 -5.53 1.62 -8.26
CA VAL A 59 -5.34 0.30 -8.85
C VAL A 59 -5.18 -0.72 -7.73
N VAL A 60 -5.59 -1.95 -8.03
CA VAL A 60 -5.50 -3.02 -7.05
C VAL A 60 -4.07 -3.54 -7.00
N LEU A 61 -3.74 -4.15 -5.87
CA LEU A 61 -2.40 -4.69 -5.68
C LEU A 61 -2.48 -5.93 -4.79
N GLY A 62 -2.13 -7.06 -5.37
CA GLY A 62 -2.16 -8.32 -4.64
C GLY A 62 -1.16 -9.33 -5.24
N SER A 63 -0.13 -8.78 -5.86
CA SER A 63 0.89 -9.61 -6.47
C SER A 63 2.20 -8.83 -6.60
N ASP A 64 3.30 -9.58 -6.71
CA ASP A 64 4.61 -8.97 -6.83
C ASP A 64 4.67 -8.16 -8.13
N GLU A 65 3.74 -8.46 -9.02
CA GLU A 65 3.67 -7.76 -10.30
C GLU A 65 3.01 -6.40 -10.13
N ASP A 66 2.31 -6.25 -9.02
CA ASP A 66 1.63 -5.00 -8.72
C ASP A 66 2.37 -4.27 -7.61
N TRP A 67 3.23 -5.01 -6.92
CA TRP A 67 3.99 -4.44 -5.83
C TRP A 67 5.33 -3.95 -6.40
N ASN A 68 5.71 -4.55 -7.52
CA ASN A 68 6.96 -4.19 -8.16
C ASN A 68 6.68 -3.12 -9.22
N VAL A 69 5.70 -3.41 -10.06
CA VAL A 69 5.33 -2.47 -11.13
C VAL A 69 4.91 -1.15 -10.51
N ALA A 70 4.43 -1.23 -9.28
CA ALA A 70 3.99 -0.04 -8.56
C ALA A 70 5.21 0.73 -8.06
N LYS A 71 6.10 -0.01 -7.41
CA LYS A 71 7.32 0.59 -6.88
C LYS A 71 8.06 1.31 -8.00
N GLU A 72 8.15 0.64 -9.14
CA GLU A 72 8.83 1.21 -10.29
C GLU A 72 8.18 2.53 -10.70
N MET A 73 6.97 2.74 -10.19
CA MET A 73 6.23 3.94 -10.50
C MET A 73 6.61 5.07 -9.55
N LEU A 74 7.13 4.68 -8.39
CA LEU A 74 7.53 5.65 -7.39
C LEU A 74 8.66 6.52 -7.95
N ALA A 75 9.77 5.86 -8.29
CA ALA A 75 10.91 6.56 -8.84
C ALA A 75 10.47 7.41 -10.03
N GLU A 76 9.40 6.95 -10.68
CA GLU A 76 8.87 7.65 -11.83
C GLU A 76 7.91 8.75 -11.39
N ASN A 77 7.34 8.55 -10.21
CA ASN A 77 6.40 9.52 -9.66
C ASN A 77 7.18 10.62 -8.91
N ASN A 78 8.46 10.33 -8.69
CA ASN A 78 9.32 11.28 -8.00
C ASN A 78 8.77 11.51 -6.59
N GLU A 79 8.21 10.45 -6.02
CA GLU A 79 7.65 10.52 -4.68
C GLU A 79 8.41 9.59 -3.74
N LYS A 80 8.19 9.79 -2.45
CA LYS A 80 8.85 8.98 -1.44
C LYS A 80 7.79 8.29 -0.58
N PHE A 81 6.57 8.27 -1.10
CA PHE A 81 5.47 7.65 -0.40
C PHE A 81 4.50 6.97 -1.38
N LEU A 82 3.40 6.47 -0.84
CA LEU A 82 2.41 5.80 -1.65
C LEU A 82 1.01 6.11 -1.09
N ASN A 83 0.00 5.79 -1.89
CA ASN A 83 -1.37 6.03 -1.50
C ASN A 83 -2.14 4.71 -1.55
N ILE A 84 -2.57 4.26 -0.38
CA ILE A 84 -3.32 3.02 -0.28
C ILE A 84 -4.80 3.34 -0.06
N ARG A 85 -5.63 2.37 -0.39
CA ARG A 85 -7.08 2.53 -0.25
C ARG A 85 -7.68 1.31 0.44
N LEU A 86 -8.42 1.58 1.50
CA LEU A 86 -9.07 0.51 2.25
C LEU A 86 -10.58 0.76 2.30
N TYR A 87 -11.31 -0.08 1.60
CA TYR A 87 -12.76 0.04 1.55
C TYR A 87 -13.19 1.51 1.48
N PRO A 2 12.92 9.34 3.08
CA PRO A 2 13.68 8.18 3.54
C PRO A 2 13.65 7.06 2.50
N LEU A 3 14.82 6.71 2.01
CA LEU A 3 14.94 5.66 1.01
C LEU A 3 15.02 4.31 1.72
N GLY A 4 14.72 3.26 0.96
CA GLY A 4 14.74 1.91 1.49
C GLY A 4 13.40 1.54 2.12
N SER A 5 12.61 2.57 2.41
CA SER A 5 11.31 2.37 3.01
C SER A 5 10.27 3.27 2.33
N ILE A 6 9.02 2.86 2.41
CA ILE A 6 7.94 3.61 1.81
C ILE A 6 6.74 3.62 2.77
N LEU A 7 5.97 4.70 2.69
CA LEU A 7 4.80 4.84 3.54
C LEU A 7 3.54 4.56 2.71
N PHE A 8 2.60 3.88 3.35
CA PHE A 8 1.36 3.53 2.68
C PHE A 8 0.17 4.17 3.41
N ARG A 9 -0.61 4.93 2.66
CA ARG A 9 -1.78 5.59 3.20
C ARG A 9 -3.03 4.74 2.97
N ILE A 10 -3.33 3.90 3.96
CA ILE A 10 -4.49 3.03 3.88
C ILE A 10 -5.75 3.84 4.17
N SER A 11 -6.48 4.14 3.10
CA SER A 11 -7.71 4.91 3.23
C SER A 11 -8.92 3.99 3.07
N TYR A 12 -9.86 4.14 3.99
CA TYR A 12 -11.06 3.33 3.97
C TYR A 12 -12.29 4.17 4.39
N ASN A 13 -13.45 3.54 4.27
CA ASN A 13 -14.69 4.20 4.62
C ASN A 13 -14.48 5.03 5.90
N SER A 14 -13.55 4.56 6.72
CA SER A 14 -13.23 5.24 7.96
C SER A 14 -12.42 6.51 7.67
N GLU A 15 -11.11 6.37 7.77
CA GLU A 15 -10.21 7.49 7.53
C GLU A 15 -8.96 7.02 6.80
N ILE A 16 -8.00 7.92 6.68
CA ILE A 16 -6.76 7.61 6.01
C ILE A 16 -5.65 7.41 7.05
N PHE A 17 -5.04 6.24 6.99
CA PHE A 17 -3.97 5.90 7.92
C PHE A 17 -2.67 5.60 7.18
N THR A 18 -1.56 5.91 7.83
CA THR A 18 -0.25 5.67 7.24
C THR A 18 0.31 4.34 7.74
N LEU A 19 1.17 3.76 6.90
CA LEU A 19 1.79 2.49 7.24
C LEU A 19 3.16 2.39 6.55
N LEU A 20 4.20 2.53 7.35
CA LEU A 20 5.55 2.46 6.83
C LEU A 20 5.84 1.04 6.36
N VAL A 21 5.70 0.84 5.06
CA VAL A 21 5.94 -0.47 4.47
C VAL A 21 7.30 -0.47 3.78
N GLU A 22 8.23 -1.20 4.39
CA GLU A 22 9.58 -1.29 3.84
C GLU A 22 9.53 -1.76 2.38
N LYS A 23 10.67 -1.64 1.72
CA LYS A 23 10.77 -2.04 0.33
C LYS A 23 11.16 -3.52 0.25
N VAL A 24 11.07 -4.17 1.40
CA VAL A 24 11.41 -5.58 1.49
C VAL A 24 10.14 -6.40 1.71
N TRP A 25 9.16 -5.74 2.31
CA TRP A 25 7.88 -6.39 2.60
C TRP A 25 7.27 -6.83 1.28
N ASN A 26 7.58 -8.07 0.90
CA ASN A 26 7.06 -8.62 -0.35
C ASN A 26 5.54 -8.43 -0.39
N PHE A 27 4.96 -8.88 -1.50
CA PHE A 27 3.52 -8.78 -1.67
C PHE A 27 2.77 -9.38 -0.47
N ASP A 28 3.36 -10.44 0.08
CA ASP A 28 2.77 -11.11 1.22
C ASP A 28 2.86 -10.20 2.44
N ASP A 29 4.09 -9.93 2.85
CA ASP A 29 4.33 -9.08 4.01
C ASP A 29 3.50 -7.80 3.87
N LEU A 30 3.32 -7.39 2.63
CA LEU A 30 2.55 -6.19 2.34
C LEU A 30 1.11 -6.37 2.84
N ILE A 31 0.46 -7.37 2.25
CA ILE A 31 -0.92 -7.67 2.62
C ILE A 31 -1.01 -7.88 4.13
N MET A 32 0.07 -8.41 4.69
CA MET A 32 0.13 -8.68 6.12
C MET A 32 0.44 -7.40 6.89
N ALA A 33 1.04 -6.44 6.19
CA ALA A 33 1.38 -5.17 6.80
C ALA A 33 0.11 -4.40 7.14
N ILE A 34 -0.72 -4.20 6.11
CA ILE A 34 -1.96 -3.48 6.28
C ILE A 34 -2.90 -4.31 7.16
N ASN A 35 -2.94 -5.61 6.89
CA ASN A 35 -3.79 -6.50 7.65
C ASN A 35 -3.43 -6.41 9.14
N SER A 36 -2.24 -5.88 9.39
CA SER A 36 -1.77 -5.72 10.75
C SER A 36 -2.39 -4.48 11.39
N LYS A 37 -2.43 -3.42 10.61
CA LYS A 37 -3.00 -2.16 11.08
C LYS A 37 -4.50 -2.31 11.23
N ILE A 38 -5.11 -2.92 10.22
CA ILE A 38 -6.55 -3.14 10.23
C ILE A 38 -6.87 -4.33 11.14
N SER A 39 -5.83 -4.90 11.71
CA SER A 39 -5.99 -6.04 12.59
C SER A 39 -6.84 -5.65 13.80
N ASN A 40 -7.00 -4.34 13.97
CA ASN A 40 -7.78 -3.82 15.08
C ASN A 40 -9.03 -4.69 15.27
N THR A 41 -9.49 -5.25 14.16
CA THR A 41 -10.67 -6.09 14.19
C THR A 41 -10.27 -7.56 14.01
N HIS A 42 -9.41 -7.80 13.03
CA HIS A 42 -8.94 -9.15 12.76
C HIS A 42 -10.15 -10.07 12.57
N ILE A 43 -11.21 -9.52 12.00
CA ILE A 43 -12.42 -10.28 11.77
C ILE A 43 -12.67 -10.37 10.26
N SER A 44 -12.40 -9.27 9.58
CA SER A 44 -12.60 -9.21 8.14
C SER A 44 -11.59 -8.24 7.52
N PRO A 45 -10.37 -8.78 7.26
CA PRO A 45 -9.31 -7.97 6.66
C PRO A 45 -9.57 -7.75 5.17
N ILE A 46 -8.51 -7.36 4.48
CA ILE A 46 -8.61 -7.11 3.05
C ILE A 46 -7.42 -7.75 2.33
N THR A 47 -7.71 -8.40 1.22
CA THR A 47 -6.67 -9.06 0.44
C THR A 47 -6.34 -8.24 -0.82
N LYS A 48 -7.28 -7.38 -1.18
CA LYS A 48 -7.11 -6.54 -2.35
C LYS A 48 -7.00 -5.08 -1.92
N ILE A 49 -5.90 -4.45 -2.34
CA ILE A 49 -5.66 -3.06 -1.99
C ILE A 49 -5.48 -2.24 -3.28
N LYS A 50 -6.21 -1.14 -3.34
CA LYS A 50 -6.13 -0.27 -4.51
C LYS A 50 -5.16 0.88 -4.22
N TYR A 51 -3.98 0.76 -4.80
CA TYR A 51 -2.96 1.78 -4.61
C TYR A 51 -2.94 2.76 -5.78
N GLN A 52 -2.60 4.01 -5.47
CA GLN A 52 -2.55 5.05 -6.49
C GLN A 52 -1.28 4.89 -7.33
N ASP A 53 -1.34 5.47 -8.53
CA ASP A 53 -0.21 5.41 -9.44
C ASP A 53 0.23 6.83 -9.81
N GLU A 54 1.17 6.90 -10.73
CA GLU A 54 1.68 8.19 -11.18
C GLU A 54 0.62 8.93 -11.99
N ASP A 55 -0.12 8.16 -12.78
CA ASP A 55 -1.17 8.74 -13.61
C ASP A 55 -2.18 9.45 -12.72
N GLY A 56 -2.14 9.11 -11.44
CA GLY A 56 -3.05 9.72 -10.48
C GLY A 56 -4.34 8.91 -10.36
N ASP A 57 -4.36 7.78 -11.06
CA ASP A 57 -5.52 6.91 -11.04
C ASP A 57 -5.26 5.74 -10.10
N PHE A 58 -6.34 5.27 -9.47
CA PHE A 58 -6.24 4.15 -8.54
C PHE A 58 -6.08 2.82 -9.30
N VAL A 59 -5.31 1.93 -8.71
CA VAL A 59 -5.07 0.63 -9.30
C VAL A 59 -5.04 -0.43 -8.21
N VAL A 60 -5.51 -1.63 -8.57
CA VAL A 60 -5.54 -2.73 -7.63
C VAL A 60 -4.11 -3.24 -7.40
N LEU A 61 -3.91 -3.84 -6.23
CA LEU A 61 -2.61 -4.38 -5.88
C LEU A 61 -2.79 -5.68 -5.10
N GLY A 62 -2.27 -6.76 -5.67
CA GLY A 62 -2.37 -8.06 -5.03
C GLY A 62 -1.29 -9.01 -5.55
N SER A 63 -0.18 -8.41 -5.97
CA SER A 63 0.93 -9.19 -6.50
C SER A 63 2.21 -8.36 -6.44
N ASP A 64 3.33 -9.07 -6.33
CA ASP A 64 4.63 -8.41 -6.26
C ASP A 64 4.92 -7.72 -7.60
N GLU A 65 4.25 -8.21 -8.63
CA GLU A 65 4.41 -7.65 -9.96
C GLU A 65 3.72 -6.29 -10.06
N ASP A 66 2.85 -6.03 -9.09
CA ASP A 66 2.11 -4.78 -9.06
C ASP A 66 2.64 -3.91 -7.91
N TRP A 67 3.34 -4.56 -7.00
CA TRP A 67 3.90 -3.86 -5.85
C TRP A 67 5.32 -3.43 -6.21
N ASN A 68 5.91 -4.14 -7.16
CA ASN A 68 7.26 -3.84 -7.60
C ASN A 68 7.19 -2.90 -8.81
N VAL A 69 6.18 -3.11 -9.64
CA VAL A 69 6.00 -2.30 -10.82
C VAL A 69 5.51 -0.91 -10.41
N ALA A 70 4.95 -0.84 -9.22
CA ALA A 70 4.44 0.41 -8.70
C ALA A 70 5.60 1.21 -8.07
N LYS A 71 6.38 0.52 -7.26
CA LYS A 71 7.50 1.14 -6.60
C LYS A 71 8.34 1.91 -7.63
N GLU A 72 8.77 1.19 -8.66
CA GLU A 72 9.56 1.80 -9.71
C GLU A 72 8.95 3.13 -10.14
N MET A 73 7.64 3.23 -9.96
CA MET A 73 6.93 4.43 -10.32
C MET A 73 7.24 5.58 -9.36
N LEU A 74 7.34 5.22 -8.08
CA LEU A 74 7.64 6.20 -7.05
C LEU A 74 8.80 7.10 -7.53
N ALA A 75 9.86 6.44 -7.98
CA ALA A 75 11.03 7.17 -8.46
C ALA A 75 10.60 8.15 -9.55
N GLU A 76 9.68 7.69 -10.39
CA GLU A 76 9.19 8.51 -11.48
C GLU A 76 8.18 9.53 -10.96
N ASN A 77 7.67 9.25 -9.77
CA ASN A 77 6.70 10.13 -9.15
C ASN A 77 7.43 11.14 -8.25
N ASN A 78 8.70 10.86 -8.01
CA ASN A 78 9.52 11.73 -7.18
C ASN A 78 8.91 11.82 -5.79
N GLU A 79 8.28 10.72 -5.38
CA GLU A 79 7.65 10.67 -4.06
C GLU A 79 8.38 9.65 -3.18
N LYS A 80 8.12 9.77 -1.87
CA LYS A 80 8.74 8.87 -0.92
C LYS A 80 7.65 8.16 -0.12
N PHE A 81 6.47 8.06 -0.75
CA PHE A 81 5.35 7.40 -0.12
C PHE A 81 4.38 6.84 -1.16
N LEU A 82 3.29 6.27 -0.67
CA LEU A 82 2.29 5.69 -1.55
C LEU A 82 0.89 5.96 -0.98
N ASN A 83 -0.10 5.72 -1.82
CA ASN A 83 -1.48 5.94 -1.41
C ASN A 83 -2.26 4.63 -1.57
N ILE A 84 -2.68 4.09 -0.43
CA ILE A 84 -3.44 2.85 -0.42
C ILE A 84 -4.93 3.17 -0.27
N ARG A 85 -5.76 2.23 -0.69
CA ARG A 85 -7.20 2.39 -0.59
C ARG A 85 -7.86 1.06 -0.21
N LEU A 86 -8.96 1.19 0.52
CA LEU A 86 -9.70 0.01 0.96
C LEU A 86 -11.20 0.25 0.76
N TYR A 87 -11.82 -0.67 0.05
CA TYR A 87 -13.25 -0.57 -0.22
C TYR A 87 -13.66 0.90 -0.45
N PRO A 2 15.01 2.68 10.79
CA PRO A 2 15.68 2.36 9.53
C PRO A 2 15.24 3.33 8.43
N LEU A 3 16.04 3.37 7.38
CA LEU A 3 15.75 4.24 6.24
C LEU A 3 15.32 3.39 5.05
N GLY A 4 15.13 4.07 3.93
CA GLY A 4 14.73 3.39 2.70
C GLY A 4 13.39 2.66 2.90
N SER A 5 12.33 3.45 2.94
CA SER A 5 11.00 2.90 3.11
C SER A 5 9.97 3.76 2.38
N ILE A 6 8.80 3.19 2.17
CA ILE A 6 7.73 3.89 1.49
C ILE A 6 6.50 3.97 2.40
N LEU A 7 5.77 5.06 2.27
CA LEU A 7 4.57 5.26 3.08
C LEU A 7 3.37 4.69 2.34
N PHE A 8 2.49 4.05 3.11
CA PHE A 8 1.29 3.44 2.56
C PHE A 8 0.05 3.88 3.33
N ARG A 9 -0.77 4.68 2.66
CA ARG A 9 -1.99 5.18 3.27
C ARG A 9 -3.14 4.19 3.04
N ILE A 10 -3.68 3.69 4.14
CA ILE A 10 -4.77 2.74 4.07
C ILE A 10 -6.11 3.48 4.23
N SER A 11 -6.55 4.08 3.13
CA SER A 11 -7.79 4.82 3.13
C SER A 11 -8.95 3.90 2.77
N TYR A 12 -9.95 3.87 3.64
CA TYR A 12 -11.12 3.04 3.42
C TYR A 12 -12.41 3.83 3.63
N ASN A 13 -13.53 3.18 3.36
CA ASN A 13 -14.82 3.80 3.51
C ASN A 13 -14.82 4.68 4.77
N SER A 14 -14.00 4.26 5.73
CA SER A 14 -13.89 5.00 6.98
C SER A 14 -13.16 6.33 6.74
N GLU A 15 -11.86 6.29 6.94
CA GLU A 15 -11.04 7.48 6.75
C GLU A 15 -9.71 7.11 6.08
N ILE A 16 -8.72 7.95 6.33
CA ILE A 16 -7.39 7.72 5.77
C ILE A 16 -6.40 7.44 6.89
N PHE A 17 -5.54 6.46 6.65
CA PHE A 17 -4.53 6.10 7.64
C PHE A 17 -3.14 6.06 7.01
N THR A 18 -2.15 5.77 7.85
CA THR A 18 -0.78 5.71 7.40
C THR A 18 -0.10 4.43 7.90
N LEU A 19 0.78 3.90 7.07
CA LEU A 19 1.49 2.69 7.42
C LEU A 19 2.88 2.70 6.76
N LEU A 20 3.90 2.55 7.59
CA LEU A 20 5.27 2.54 7.10
C LEU A 20 5.62 1.14 6.59
N VAL A 21 5.85 1.07 5.29
CA VAL A 21 6.19 -0.20 4.66
C VAL A 21 7.56 -0.06 3.97
N GLU A 22 8.47 -0.93 4.37
CA GLU A 22 9.81 -0.92 3.80
C GLU A 22 9.75 -1.25 2.30
N LYS A 23 10.88 -1.05 1.64
CA LYS A 23 10.97 -1.32 0.21
C LYS A 23 11.36 -2.79 0.01
N VAL A 24 11.33 -3.54 1.10
CA VAL A 24 11.68 -4.94 1.05
C VAL A 24 10.43 -5.78 1.29
N TRP A 25 9.42 -5.14 1.86
CA TRP A 25 8.17 -5.81 2.15
C TRP A 25 7.44 -6.06 0.83
N ASN A 26 7.77 -7.17 0.21
CA ASN A 26 7.17 -7.53 -1.06
C ASN A 26 5.64 -7.48 -0.92
N PHE A 27 4.97 -7.71 -2.04
CA PHE A 27 3.51 -7.70 -2.05
C PHE A 27 2.95 -8.52 -0.90
N ASP A 28 3.70 -9.55 -0.52
CA ASP A 28 3.27 -10.41 0.56
C ASP A 28 3.26 -9.62 1.88
N ASP A 29 4.45 -9.27 2.33
CA ASP A 29 4.59 -8.51 3.56
C ASP A 29 3.67 -7.28 3.50
N LEU A 30 3.46 -6.80 2.28
CA LEU A 30 2.62 -5.63 2.07
C LEU A 30 1.20 -5.95 2.57
N ILE A 31 0.63 -7.00 1.98
CA ILE A 31 -0.72 -7.42 2.33
C ILE A 31 -0.77 -7.71 3.84
N MET A 32 0.37 -8.15 4.36
CA MET A 32 0.46 -8.46 5.78
C MET A 32 0.71 -7.20 6.61
N ALA A 33 1.23 -6.18 5.95
CA ALA A 33 1.51 -4.92 6.61
C ALA A 33 0.19 -4.25 6.99
N ILE A 34 -0.69 -4.15 6.00
CA ILE A 34 -1.99 -3.53 6.22
C ILE A 34 -2.84 -4.44 7.12
N ASN A 35 -2.75 -5.73 6.86
CA ASN A 35 -3.51 -6.70 7.63
C ASN A 35 -3.02 -6.67 9.08
N SER A 36 -1.86 -6.06 9.28
CA SER A 36 -1.29 -5.97 10.61
C SER A 36 -1.85 -4.75 11.34
N LYS A 37 -1.90 -3.63 10.62
CA LYS A 37 -2.41 -2.39 11.18
C LYS A 37 -3.91 -2.55 11.44
N ILE A 38 -4.62 -2.98 10.40
CA ILE A 38 -6.05 -3.16 10.49
C ILE A 38 -6.35 -4.26 11.53
N SER A 39 -5.32 -5.01 11.86
CA SER A 39 -5.45 -6.08 12.83
C SER A 39 -6.12 -5.55 14.10
N ASN A 40 -5.98 -4.26 14.31
CA ASN A 40 -6.57 -3.61 15.48
C ASN A 40 -7.97 -4.19 15.72
N THR A 41 -8.62 -4.54 14.62
CA THR A 41 -9.96 -5.10 14.70
C THR A 41 -9.90 -6.63 14.78
N HIS A 42 -9.03 -7.19 13.97
CA HIS A 42 -8.86 -8.64 13.94
C HIS A 42 -10.22 -9.31 13.88
N ILE A 43 -11.02 -8.86 12.93
CA ILE A 43 -12.36 -9.41 12.75
C ILE A 43 -12.54 -9.84 11.29
N SER A 44 -12.14 -8.95 10.39
CA SER A 44 -12.24 -9.22 8.97
C SER A 44 -11.33 -8.28 8.19
N PRO A 45 -10.09 -8.78 7.91
CA PRO A 45 -9.12 -8.00 7.17
C PRO A 45 -9.47 -7.94 5.68
N ILE A 46 -8.47 -7.57 4.88
CA ILE A 46 -8.67 -7.48 3.45
C ILE A 46 -7.55 -8.25 2.74
N THR A 47 -7.78 -8.51 1.45
CA THR A 47 -6.80 -9.23 0.65
C THR A 47 -6.53 -8.49 -0.65
N LYS A 48 -7.12 -7.29 -0.76
CA LYS A 48 -6.95 -6.48 -1.95
C LYS A 48 -6.70 -5.03 -1.54
N ILE A 49 -5.80 -4.38 -2.26
CA ILE A 49 -5.47 -3.00 -1.98
C ILE A 49 -5.34 -2.24 -3.30
N LYS A 50 -6.07 -1.14 -3.39
CA LYS A 50 -6.05 -0.31 -4.59
C LYS A 50 -5.12 0.88 -4.36
N TYR A 51 -3.96 0.81 -5.01
CA TYR A 51 -2.99 1.88 -4.88
C TYR A 51 -3.04 2.82 -6.08
N GLN A 52 -2.70 4.08 -5.82
CA GLN A 52 -2.71 5.09 -6.87
C GLN A 52 -1.71 4.73 -7.96
N ASP A 53 -2.07 5.05 -9.19
CA ASP A 53 -1.21 4.77 -10.33
C ASP A 53 -0.57 6.07 -10.81
N GLU A 54 0.28 5.94 -11.81
CA GLU A 54 0.97 7.09 -12.37
C GLU A 54 -0.04 8.05 -12.99
N ASP A 55 -1.16 7.49 -13.43
CA ASP A 55 -2.21 8.29 -14.04
C ASP A 55 -3.17 8.79 -12.96
N GLY A 56 -2.72 8.68 -11.72
CA GLY A 56 -3.52 9.12 -10.59
C GLY A 56 -4.84 8.34 -10.52
N ASP A 57 -4.86 7.21 -11.21
CA ASP A 57 -6.05 6.37 -11.23
C ASP A 57 -5.85 5.19 -10.29
N PHE A 58 -6.84 5.00 -9.42
CA PHE A 58 -6.79 3.91 -8.46
C PHE A 58 -6.64 2.55 -9.17
N VAL A 59 -5.56 1.87 -8.84
CA VAL A 59 -5.29 0.56 -9.43
C VAL A 59 -5.17 -0.48 -8.32
N VAL A 60 -5.62 -1.68 -8.63
CA VAL A 60 -5.56 -2.77 -7.68
C VAL A 60 -4.11 -3.24 -7.53
N LEU A 61 -3.83 -3.82 -6.38
CA LEU A 61 -2.49 -4.32 -6.09
C LEU A 61 -2.59 -5.51 -5.14
N GLY A 62 -2.08 -6.64 -5.61
CA GLY A 62 -2.10 -7.85 -4.81
C GLY A 62 -1.05 -8.86 -5.30
N SER A 63 -0.02 -8.31 -5.92
CA SER A 63 1.06 -9.15 -6.44
C SER A 63 2.37 -8.37 -6.44
N ASP A 64 3.45 -9.09 -6.73
CA ASP A 64 4.77 -8.49 -6.75
C ASP A 64 4.87 -7.56 -7.98
N GLU A 65 4.08 -7.88 -8.99
CA GLU A 65 4.07 -7.10 -10.20
C GLU A 65 3.44 -5.72 -9.96
N ASP A 66 2.42 -5.73 -9.12
CA ASP A 66 1.72 -4.50 -8.78
C ASP A 66 2.44 -3.81 -7.62
N TRP A 67 3.38 -4.53 -7.04
CA TRP A 67 4.14 -4.00 -5.92
C TRP A 67 5.46 -3.45 -6.46
N ASN A 68 5.84 -3.94 -7.63
CA ASN A 68 7.06 -3.50 -8.27
C ASN A 68 6.74 -2.45 -9.33
N VAL A 69 5.70 -2.73 -10.09
CA VAL A 69 5.27 -1.82 -11.14
C VAL A 69 4.62 -0.59 -10.51
N ALA A 70 4.45 -0.67 -9.19
CA ALA A 70 3.83 0.42 -8.46
C ALA A 70 4.92 1.32 -7.87
N LYS A 71 6.09 0.72 -7.68
CA LYS A 71 7.23 1.46 -7.13
C LYS A 71 7.81 2.37 -8.20
N GLU A 72 7.79 1.87 -9.43
CA GLU A 72 8.31 2.64 -10.55
C GLU A 72 7.61 3.99 -10.65
N MET A 73 6.35 4.00 -10.24
CA MET A 73 5.56 5.21 -10.28
C MET A 73 6.13 6.27 -9.32
N LEU A 74 6.42 5.82 -8.11
CA LEU A 74 6.96 6.70 -7.10
C LEU A 74 8.14 7.49 -7.69
N ALA A 75 8.99 6.76 -8.39
CA ALA A 75 10.16 7.37 -9.02
C ALA A 75 9.70 8.35 -10.10
N GLU A 76 8.61 7.98 -10.75
CA GLU A 76 8.05 8.81 -11.81
C GLU A 76 7.27 9.99 -11.22
N ASN A 77 6.90 9.83 -9.94
CA ASN A 77 6.16 10.87 -9.25
C ASN A 77 7.10 11.64 -8.33
N ASN A 78 8.39 11.46 -8.58
CA ASN A 78 9.41 12.13 -7.78
C ASN A 78 8.99 12.12 -6.30
N GLU A 79 8.25 11.08 -5.95
CA GLU A 79 7.78 10.93 -4.58
C GLU A 79 8.35 9.66 -3.96
N LYS A 80 8.30 9.63 -2.63
CA LYS A 80 8.82 8.47 -1.90
C LYS A 80 7.72 7.92 -0.99
N PHE A 81 6.48 8.18 -1.40
CA PHE A 81 5.34 7.71 -0.63
C PHE A 81 4.29 7.07 -1.55
N LEU A 82 3.36 6.38 -0.91
CA LEU A 82 2.30 5.71 -1.66
C LEU A 82 0.95 5.99 -0.99
N ASN A 83 -0.11 5.57 -1.67
CA ASN A 83 -1.45 5.77 -1.16
C ASN A 83 -2.32 4.57 -1.52
N ILE A 84 -2.70 3.81 -0.50
CA ILE A 84 -3.52 2.63 -0.70
C ILE A 84 -4.99 3.01 -0.52
N ARG A 85 -5.85 2.21 -1.11
CA ARG A 85 -7.29 2.44 -1.02
C ARG A 85 -8.03 1.12 -0.85
N LEU A 86 -8.58 0.94 0.35
CA LEU A 86 -9.33 -0.26 0.67
C LEU A 86 -10.80 -0.06 0.31
N TYR A 87 -11.37 -1.09 -0.29
CA TYR A 87 -12.76 -1.04 -0.69
C TYR A 87 -13.61 -0.28 0.34
N PRO A 2 15.22 3.02 8.06
CA PRO A 2 16.01 3.63 7.00
C PRO A 2 15.18 4.67 6.23
N LEU A 3 15.82 5.29 5.26
CA LEU A 3 15.17 6.30 4.45
C LEU A 3 14.65 5.66 3.15
N GLY A 4 15.24 4.53 2.82
CA GLY A 4 14.86 3.81 1.62
C GLY A 4 13.61 2.94 1.87
N SER A 5 12.49 3.63 2.04
CA SER A 5 11.24 2.95 2.28
C SER A 5 10.08 3.74 1.66
N ILE A 6 8.91 3.12 1.66
CA ILE A 6 7.73 3.75 1.11
C ILE A 6 6.61 3.74 2.17
N LEU A 7 5.77 4.76 2.09
CA LEU A 7 4.66 4.89 3.03
C LEU A 7 3.36 4.50 2.32
N PHE A 8 2.44 3.94 3.12
CA PHE A 8 1.16 3.52 2.59
C PHE A 8 0.01 4.27 3.26
N ARG A 9 -0.42 5.35 2.61
CA ARG A 9 -1.51 6.15 3.14
C ARG A 9 -2.85 5.44 2.94
N ILE A 10 -2.99 4.31 3.60
CA ILE A 10 -4.21 3.53 3.50
C ILE A 10 -5.42 4.45 3.69
N SER A 11 -6.57 3.95 3.30
CA SER A 11 -7.81 4.71 3.42
C SER A 11 -9.02 3.80 3.17
N TYR A 12 -9.98 3.89 4.08
CA TYR A 12 -11.19 3.09 3.96
C TYR A 12 -12.41 3.86 4.47
N ASN A 13 -13.57 3.26 4.28
CA ASN A 13 -14.81 3.88 4.71
C ASN A 13 -14.61 4.54 6.08
N SER A 14 -13.66 3.99 6.83
CA SER A 14 -13.35 4.51 8.14
C SER A 14 -12.66 5.87 8.02
N GLU A 15 -11.34 5.82 7.94
CA GLU A 15 -10.55 7.04 7.82
C GLU A 15 -9.28 6.77 7.02
N ILE A 16 -8.42 7.78 6.97
CA ILE A 16 -7.16 7.65 6.24
C ILE A 16 -6.05 7.26 7.22
N PHE A 17 -5.29 6.26 6.82
CA PHE A 17 -4.20 5.78 7.65
C PHE A 17 -2.88 5.76 6.87
N THR A 18 -1.79 5.62 7.61
CA THR A 18 -0.48 5.59 7.00
C THR A 18 0.35 4.44 7.58
N LEU A 19 0.99 3.70 6.69
CA LEU A 19 1.83 2.58 7.10
C LEU A 19 3.15 2.64 6.35
N LEU A 20 4.22 2.86 7.12
CA LEU A 20 5.55 2.94 6.54
C LEU A 20 6.04 1.53 6.20
N VAL A 21 5.95 1.21 4.91
CA VAL A 21 6.37 -0.10 4.43
C VAL A 21 7.77 0.02 3.81
N GLU A 22 8.49 -1.09 3.83
CA GLU A 22 9.82 -1.13 3.27
C GLU A 22 9.77 -1.54 1.80
N LYS A 23 10.90 -1.36 1.13
CA LYS A 23 11.00 -1.71 -0.28
C LYS A 23 11.44 -3.17 -0.42
N VAL A 24 11.34 -3.89 0.69
CA VAL A 24 11.74 -5.29 0.71
C VAL A 24 10.51 -6.15 1.00
N TRP A 25 9.66 -5.65 1.89
CA TRP A 25 8.44 -6.36 2.25
C TRP A 25 7.65 -6.62 0.97
N ASN A 26 7.82 -7.82 0.44
CA ASN A 26 7.13 -8.22 -0.78
C ASN A 26 5.62 -8.05 -0.57
N PHE A 27 4.89 -8.27 -1.65
CA PHE A 27 3.44 -8.14 -1.60
C PHE A 27 2.85 -9.01 -0.49
N ASP A 28 3.60 -10.04 -0.12
CA ASP A 28 3.17 -10.94 0.92
C ASP A 28 3.28 -10.23 2.29
N ASP A 29 4.52 -10.03 2.70
CA ASP A 29 4.78 -9.37 3.97
C ASP A 29 4.12 -7.99 3.97
N LEU A 30 3.84 -7.50 2.77
CA LEU A 30 3.21 -6.20 2.62
C LEU A 30 1.74 -6.30 3.06
N ILE A 31 1.01 -7.16 2.40
CA ILE A 31 -0.39 -7.36 2.72
C ILE A 31 -0.54 -7.56 4.23
N MET A 32 0.33 -8.37 4.78
CA MET A 32 0.31 -8.66 6.20
C MET A 32 0.70 -7.41 7.01
N ALA A 33 1.43 -6.52 6.35
CA ALA A 33 1.87 -5.30 7.00
C ALA A 33 0.66 -4.43 7.32
N ILE A 34 -0.10 -4.13 6.27
CA ILE A 34 -1.29 -3.31 6.43
C ILE A 34 -2.31 -4.05 7.29
N ASN A 35 -2.48 -5.33 6.98
CA ASN A 35 -3.42 -6.16 7.71
C ASN A 35 -3.12 -6.08 9.21
N SER A 36 -1.88 -5.69 9.50
CA SER A 36 -1.44 -5.57 10.89
C SER A 36 -2.03 -4.30 11.50
N LYS A 37 -2.04 -3.24 10.71
CA LYS A 37 -2.57 -1.97 11.17
C LYS A 37 -4.09 -2.08 11.31
N ILE A 38 -4.72 -2.64 10.29
CA ILE A 38 -6.17 -2.80 10.29
C ILE A 38 -6.53 -4.01 11.15
N SER A 39 -5.49 -4.71 11.60
CA SER A 39 -5.69 -5.88 12.44
C SER A 39 -6.71 -5.58 13.53
N ASN A 40 -6.80 -4.30 13.87
CA ASN A 40 -7.73 -3.86 14.90
C ASN A 40 -9.04 -4.63 14.77
N THR A 41 -9.34 -5.01 13.53
CA THR A 41 -10.56 -5.74 13.26
C THR A 41 -10.23 -7.13 12.70
N HIS A 42 -10.25 -8.11 13.59
CA HIS A 42 -9.95 -9.47 13.20
C HIS A 42 -11.25 -10.19 12.83
N ILE A 43 -12.12 -9.46 12.16
CA ILE A 43 -13.40 -10.01 11.74
C ILE A 43 -13.35 -10.33 10.24
N SER A 44 -12.59 -9.51 9.52
CA SER A 44 -12.45 -9.69 8.10
C SER A 44 -11.58 -8.57 7.52
N PRO A 45 -10.26 -8.87 7.40
CA PRO A 45 -9.31 -7.91 6.86
C PRO A 45 -9.45 -7.80 5.34
N ILE A 46 -8.42 -7.24 4.74
CA ILE A 46 -8.41 -7.07 3.29
C ILE A 46 -7.11 -7.64 2.72
N THR A 47 -7.26 -8.73 1.97
CA THR A 47 -6.11 -9.38 1.36
C THR A 47 -5.70 -8.66 0.07
N LYS A 48 -6.58 -7.75 -0.36
CA LYS A 48 -6.31 -7.00 -1.57
C LYS A 48 -6.46 -5.50 -1.27
N ILE A 49 -5.50 -4.73 -1.76
CA ILE A 49 -5.51 -3.30 -1.55
C ILE A 49 -5.54 -2.59 -2.91
N LYS A 50 -5.63 -1.27 -2.85
CA LYS A 50 -5.66 -0.46 -4.06
C LYS A 50 -4.72 0.73 -3.91
N TYR A 51 -3.57 0.63 -4.57
CA TYR A 51 -2.57 1.68 -4.52
C TYR A 51 -2.65 2.58 -5.75
N GLN A 52 -2.36 3.85 -5.54
CA GLN A 52 -2.40 4.82 -6.62
C GLN A 52 -1.29 4.53 -7.63
N ASP A 53 -1.64 4.61 -8.90
CA ASP A 53 -0.69 4.37 -9.97
C ASP A 53 -0.14 5.69 -10.48
N GLU A 54 0.62 5.61 -11.56
CA GLU A 54 1.20 6.80 -12.16
C GLU A 54 0.12 7.66 -12.81
N ASP A 55 -0.87 6.98 -13.38
CA ASP A 55 -1.97 7.68 -14.02
C ASP A 55 -2.72 8.53 -13.00
N GLY A 56 -2.45 8.24 -11.73
CA GLY A 56 -3.08 8.96 -10.65
C GLY A 56 -4.39 8.26 -10.21
N ASP A 57 -4.69 7.17 -10.88
CA ASP A 57 -5.89 6.42 -10.58
C ASP A 57 -5.57 5.36 -9.51
N PHE A 58 -6.60 4.62 -9.13
CA PHE A 58 -6.44 3.58 -8.13
C PHE A 58 -6.35 2.20 -8.78
N VAL A 59 -5.27 1.50 -8.44
CA VAL A 59 -5.05 0.17 -8.98
C VAL A 59 -4.91 -0.83 -7.83
N VAL A 60 -5.41 -2.03 -8.07
CA VAL A 60 -5.34 -3.08 -7.06
C VAL A 60 -3.91 -3.60 -6.97
N LEU A 61 -3.50 -3.89 -5.74
CA LEU A 61 -2.16 -4.40 -5.50
C LEU A 61 -2.24 -5.63 -4.61
N GLY A 62 -1.95 -6.78 -5.21
CA GLY A 62 -1.99 -8.03 -4.48
C GLY A 62 -0.95 -9.01 -5.03
N SER A 63 0.07 -8.47 -5.68
CA SER A 63 1.11 -9.28 -6.26
C SER A 63 2.45 -8.51 -6.24
N ASP A 64 3.50 -9.20 -6.62
CA ASP A 64 4.82 -8.60 -6.65
C ASP A 64 4.89 -7.60 -7.81
N GLU A 65 4.11 -7.88 -8.84
CA GLU A 65 4.07 -7.03 -10.01
C GLU A 65 3.46 -5.67 -9.65
N ASP A 66 2.43 -5.73 -8.82
CA ASP A 66 1.74 -4.52 -8.40
C ASP A 66 2.47 -3.92 -7.19
N TRP A 67 3.33 -4.73 -6.60
CA TRP A 67 4.10 -4.29 -5.44
C TRP A 67 5.44 -3.76 -5.94
N ASN A 68 5.82 -4.22 -7.12
CA ASN A 68 7.09 -3.79 -7.72
C ASN A 68 6.83 -2.60 -8.65
N VAL A 69 5.84 -2.78 -9.52
CA VAL A 69 5.49 -1.73 -10.46
C VAL A 69 5.03 -0.49 -9.70
N ALA A 70 4.60 -0.72 -8.46
CA ALA A 70 4.14 0.38 -7.62
C ALA A 70 5.35 1.17 -7.12
N LYS A 71 6.47 0.47 -6.98
CA LYS A 71 7.69 1.10 -6.51
C LYS A 71 8.26 1.99 -7.61
N GLU A 72 8.50 1.37 -8.77
CA GLU A 72 9.04 2.08 -9.90
C GLU A 72 8.20 3.32 -10.21
N MET A 73 6.96 3.29 -9.71
CA MET A 73 6.05 4.39 -9.92
C MET A 73 6.40 5.58 -9.02
N LEU A 74 6.91 5.26 -7.85
CA LEU A 74 7.30 6.28 -6.89
C LEU A 74 8.30 7.23 -7.54
N ALA A 75 9.42 6.66 -7.95
CA ALA A 75 10.47 7.44 -8.60
C ALA A 75 9.87 8.22 -9.78
N GLU A 76 8.72 7.74 -10.24
CA GLU A 76 8.04 8.37 -11.35
C GLU A 76 7.09 9.46 -10.85
N ASN A 77 6.64 9.28 -9.61
CA ASN A 77 5.74 10.24 -9.00
C ASN A 77 6.55 11.25 -8.19
N ASN A 78 7.86 11.16 -8.33
CA ASN A 78 8.75 12.07 -7.62
C ASN A 78 8.23 12.27 -6.20
N GLU A 79 7.63 11.23 -5.66
CA GLU A 79 7.09 11.28 -4.30
C GLU A 79 7.95 10.45 -3.35
N LYS A 80 7.67 10.61 -2.06
CA LYS A 80 8.40 9.88 -1.05
C LYS A 80 7.41 9.07 -0.20
N PHE A 81 6.23 8.89 -0.75
CA PHE A 81 5.19 8.13 -0.06
C PHE A 81 4.18 7.54 -1.05
N LEU A 82 3.37 6.63 -0.55
CA LEU A 82 2.36 5.99 -1.38
C LEU A 82 0.99 6.11 -0.69
N ASN A 83 -0.04 5.77 -1.46
CA ASN A 83 -1.40 5.84 -0.94
C ASN A 83 -2.12 4.53 -1.26
N ILE A 84 -2.91 4.07 -0.31
CA ILE A 84 -3.67 2.84 -0.47
C ILE A 84 -5.13 3.09 -0.10
N ARG A 85 -6.01 2.42 -0.83
CA ARG A 85 -7.44 2.55 -0.60
C ARG A 85 -8.05 1.19 -0.25
N LEU A 86 -9.16 1.24 0.47
CA LEU A 86 -9.86 0.03 0.86
C LEU A 86 -11.36 0.21 0.66
N TYR A 87 -11.99 -0.82 0.11
CA TYR A 87 -13.41 -0.77 -0.14
C TYR A 87 -14.18 -1.56 0.93
N PRO A 2 17.26 2.64 6.95
CA PRO A 2 17.46 4.04 7.24
C PRO A 2 16.85 4.92 6.14
N LEU A 3 15.84 5.68 6.52
CA LEU A 3 15.17 6.56 5.58
C LEU A 3 14.99 5.84 4.24
N GLY A 4 14.88 4.52 4.33
CA GLY A 4 14.70 3.70 3.14
C GLY A 4 13.38 2.93 3.20
N SER A 5 12.29 3.69 3.30
CA SER A 5 10.97 3.09 3.35
C SER A 5 9.96 4.00 2.64
N ILE A 6 8.70 3.56 2.66
CA ILE A 6 7.65 4.32 2.03
C ILE A 6 6.40 4.28 2.91
N LEU A 7 5.65 5.38 2.88
CA LEU A 7 4.44 5.48 3.68
C LEU A 7 3.25 5.00 2.85
N PHE A 8 2.28 4.43 3.54
CA PHE A 8 1.09 3.93 2.87
C PHE A 8 -0.18 4.48 3.53
N ARG A 9 -0.95 5.22 2.74
CA ARG A 9 -2.18 5.81 3.24
C ARG A 9 -3.35 4.84 3.05
N ILE A 10 -3.96 4.47 4.17
CA ILE A 10 -5.08 3.56 4.15
C ILE A 10 -6.38 4.35 4.27
N SER A 11 -6.95 4.67 3.10
CA SER A 11 -8.18 5.42 3.06
C SER A 11 -9.38 4.46 3.08
N TYR A 12 -10.15 4.55 4.15
CA TYR A 12 -11.32 3.70 4.31
C TYR A 12 -12.54 4.52 4.71
N ASN A 13 -13.68 3.84 4.78
CA ASN A 13 -14.92 4.49 5.15
C ASN A 13 -14.65 5.51 6.26
N SER A 14 -13.63 5.22 7.05
CA SER A 14 -13.26 6.10 8.14
C SER A 14 -12.52 7.33 7.60
N GLU A 15 -11.24 7.12 7.32
CA GLU A 15 -10.41 8.19 6.81
C GLU A 15 -9.09 7.63 6.26
N ILE A 16 -8.10 8.52 6.17
CA ILE A 16 -6.79 8.12 5.67
C ILE A 16 -5.91 7.71 6.86
N PHE A 17 -5.25 6.57 6.68
CA PHE A 17 -4.37 6.05 7.71
C PHE A 17 -2.90 6.16 7.30
N THR A 18 -2.05 5.60 8.13
CA THR A 18 -0.61 5.64 7.86
C THR A 18 0.03 4.30 8.22
N LEU A 19 0.74 3.73 7.25
CA LEU A 19 1.40 2.46 7.46
C LEU A 19 2.80 2.52 6.84
N LEU A 20 3.80 2.42 7.70
CA LEU A 20 5.18 2.45 7.26
C LEU A 20 5.57 1.09 6.69
N VAL A 21 5.80 1.08 5.38
CA VAL A 21 6.16 -0.16 4.70
C VAL A 21 7.55 0.02 4.05
N GLU A 22 8.41 -0.94 4.31
CA GLU A 22 9.75 -0.90 3.77
C GLU A 22 9.72 -1.14 2.26
N LYS A 23 10.85 -0.86 1.62
CA LYS A 23 10.97 -1.03 0.18
C LYS A 23 11.39 -2.47 -0.13
N VAL A 24 11.33 -3.30 0.90
CA VAL A 24 11.70 -4.70 0.76
C VAL A 24 10.46 -5.57 0.90
N TRP A 25 9.54 -5.11 1.75
CA TRP A 25 8.30 -5.84 1.98
C TRP A 25 7.62 -6.06 0.64
N ASN A 26 7.73 -7.28 0.14
CA ASN A 26 7.14 -7.63 -1.14
C ASN A 26 5.61 -7.55 -1.02
N PHE A 27 4.94 -7.85 -2.13
CA PHE A 27 3.49 -7.81 -2.16
C PHE A 27 2.90 -8.56 -0.95
N ASP A 28 3.47 -9.71 -0.68
CA ASP A 28 3.01 -10.53 0.43
C ASP A 28 3.20 -9.75 1.73
N ASP A 29 4.44 -9.37 2.00
CA ASP A 29 4.75 -8.63 3.21
C ASP A 29 3.96 -7.31 3.21
N LEU A 30 3.53 -6.93 2.02
CA LEU A 30 2.77 -5.69 1.87
C LEU A 30 1.36 -5.91 2.43
N ILE A 31 0.66 -6.88 1.84
CA ILE A 31 -0.69 -7.19 2.27
C ILE A 31 -0.72 -7.34 3.79
N MET A 32 0.24 -8.09 4.29
CA MET A 32 0.34 -8.32 5.73
C MET A 32 0.58 -7.02 6.48
N ALA A 33 1.16 -6.06 5.78
CA ALA A 33 1.45 -4.76 6.36
C ALA A 33 0.14 -4.09 6.76
N ILE A 34 -0.70 -3.84 5.76
CA ILE A 34 -1.99 -3.21 5.99
C ILE A 34 -2.81 -4.06 6.96
N ASN A 35 -2.81 -5.37 6.71
CA ASN A 35 -3.54 -6.30 7.54
C ASN A 35 -3.15 -6.08 9.00
N SER A 36 -1.97 -5.49 9.19
CA SER A 36 -1.47 -5.22 10.53
C SER A 36 -2.17 -4.00 11.11
N LYS A 37 -2.34 -2.99 10.26
CA LYS A 37 -2.99 -1.76 10.69
C LYS A 37 -4.47 -2.04 10.94
N ILE A 38 -5.03 -2.91 10.12
CA ILE A 38 -6.43 -3.27 10.25
C ILE A 38 -6.57 -4.46 11.21
N SER A 39 -5.42 -4.93 11.67
CA SER A 39 -5.40 -6.05 12.59
C SER A 39 -6.26 -5.74 13.82
N ASN A 40 -6.54 -4.46 14.01
CA ASN A 40 -7.35 -4.03 15.13
C ASN A 40 -8.52 -5.00 15.31
N THR A 41 -9.46 -4.92 14.39
CA THR A 41 -10.63 -5.78 14.43
C THR A 41 -10.21 -7.26 14.43
N HIS A 42 -9.44 -7.62 13.42
CA HIS A 42 -8.97 -8.98 13.28
C HIS A 42 -10.16 -9.93 13.10
N ILE A 43 -11.14 -9.45 12.35
CA ILE A 43 -12.33 -10.23 12.08
C ILE A 43 -12.46 -10.46 10.57
N SER A 44 -12.18 -9.41 9.82
CA SER A 44 -12.27 -9.49 8.37
C SER A 44 -11.28 -8.50 7.75
N PRO A 45 -10.08 -9.03 7.39
CA PRO A 45 -9.05 -8.21 6.79
C PRO A 45 -9.37 -7.92 5.33
N ILE A 46 -8.35 -7.51 4.59
CA ILE A 46 -8.52 -7.20 3.19
C ILE A 46 -7.25 -7.60 2.42
N THR A 47 -7.39 -8.63 1.60
CA THR A 47 -6.28 -9.13 0.82
C THR A 47 -6.16 -8.35 -0.50
N LYS A 48 -7.22 -7.61 -0.80
CA LYS A 48 -7.26 -6.82 -2.02
C LYS A 48 -7.27 -5.33 -1.66
N ILE A 49 -6.27 -4.62 -2.16
CA ILE A 49 -6.17 -3.20 -1.89
C ILE A 49 -6.07 -2.44 -3.23
N LYS A 50 -6.20 -1.13 -3.13
CA LYS A 50 -6.13 -0.28 -4.31
C LYS A 50 -5.10 0.83 -4.08
N TYR A 51 -3.97 0.69 -4.76
CA TYR A 51 -2.91 1.68 -4.63
C TYR A 51 -2.95 2.69 -5.79
N GLN A 52 -2.53 3.91 -5.48
CA GLN A 52 -2.52 4.96 -6.47
C GLN A 52 -1.34 4.78 -7.43
N ASP A 53 -1.55 5.19 -8.67
CA ASP A 53 -0.52 5.08 -9.68
C ASP A 53 -0.03 6.48 -10.06
N GLU A 54 0.81 6.52 -11.08
CA GLU A 54 1.35 7.79 -11.54
C GLU A 54 0.25 8.66 -12.14
N ASP A 55 -0.73 8.00 -12.73
CA ASP A 55 -1.86 8.69 -13.33
C ASP A 55 -2.95 8.90 -12.28
N GLY A 56 -2.57 8.70 -11.03
CA GLY A 56 -3.50 8.87 -9.93
C GLY A 56 -4.73 7.98 -10.11
N ASP A 57 -4.58 6.99 -10.98
CA ASP A 57 -5.67 6.07 -11.26
C ASP A 57 -5.58 4.89 -10.28
N PHE A 58 -6.49 4.89 -9.33
CA PHE A 58 -6.52 3.83 -8.33
C PHE A 58 -6.49 2.46 -9.00
N VAL A 59 -5.46 1.70 -8.66
CA VAL A 59 -5.30 0.36 -9.22
C VAL A 59 -5.21 -0.65 -8.07
N VAL A 60 -5.68 -1.85 -8.35
CA VAL A 60 -5.67 -2.92 -7.36
C VAL A 60 -4.25 -3.45 -7.21
N LEU A 61 -3.92 -3.85 -6.00
CA LEU A 61 -2.60 -4.38 -5.71
C LEU A 61 -2.73 -5.63 -4.83
N GLY A 62 -2.14 -6.72 -5.31
CA GLY A 62 -2.19 -7.98 -4.59
C GLY A 62 -1.16 -8.97 -5.14
N SER A 63 -0.07 -8.40 -5.66
CA SER A 63 1.00 -9.22 -6.23
C SER A 63 2.30 -8.42 -6.26
N ASP A 64 3.34 -9.07 -6.77
CA ASP A 64 4.64 -8.43 -6.86
C ASP A 64 4.64 -7.47 -8.06
N GLU A 65 3.85 -7.82 -9.06
CA GLU A 65 3.75 -7.00 -10.26
C GLU A 65 3.11 -5.65 -9.92
N ASP A 66 2.10 -5.71 -9.06
CA ASP A 66 1.40 -4.51 -8.65
C ASP A 66 2.15 -3.83 -7.51
N TRP A 67 3.08 -4.57 -6.93
CA TRP A 67 3.88 -4.06 -5.83
C TRP A 67 5.18 -3.50 -6.42
N ASN A 68 5.53 -4.00 -7.59
CA ASN A 68 6.74 -3.56 -8.26
C ASN A 68 6.40 -2.42 -9.22
N VAL A 69 5.40 -2.68 -10.06
CA VAL A 69 4.97 -1.69 -11.03
C VAL A 69 4.46 -0.44 -10.28
N ALA A 70 4.21 -0.62 -9.00
CA ALA A 70 3.72 0.47 -8.18
C ALA A 70 4.91 1.24 -7.59
N LYS A 71 5.91 0.48 -7.14
CA LYS A 71 7.10 1.06 -6.57
C LYS A 71 7.91 1.77 -7.66
N GLU A 72 8.30 0.98 -8.65
CA GLU A 72 9.07 1.50 -9.77
C GLU A 72 8.44 2.80 -10.28
N MET A 73 7.15 2.92 -10.06
CA MET A 73 6.42 4.10 -10.49
C MET A 73 6.74 5.30 -9.60
N LEU A 74 6.81 5.04 -8.30
CA LEU A 74 7.11 6.08 -7.34
C LEU A 74 8.32 6.90 -7.84
N ALA A 75 9.32 6.17 -8.29
CA ALA A 75 10.53 6.80 -8.80
C ALA A 75 10.17 7.76 -9.93
N GLU A 76 9.17 7.36 -10.70
CA GLU A 76 8.71 8.17 -11.82
C GLU A 76 7.77 9.26 -11.34
N ASN A 77 7.12 8.99 -10.21
CA ASN A 77 6.20 9.94 -9.62
C ASN A 77 6.97 10.97 -8.79
N ASN A 78 8.24 10.65 -8.56
CA ASN A 78 9.09 11.52 -7.77
C ASN A 78 8.50 11.68 -6.37
N GLU A 79 7.91 10.60 -5.89
CA GLU A 79 7.30 10.61 -4.56
C GLU A 79 7.89 9.49 -3.71
N LYS A 80 7.98 9.76 -2.41
CA LYS A 80 8.52 8.79 -1.48
C LYS A 80 7.40 8.29 -0.57
N PHE A 81 6.22 8.18 -1.14
CA PHE A 81 5.07 7.71 -0.39
C PHE A 81 4.11 6.92 -1.29
N LEU A 82 3.05 6.40 -0.67
CA LEU A 82 2.07 5.63 -1.40
C LEU A 82 0.68 5.94 -0.85
N ASN A 83 -0.33 5.65 -1.67
CA ASN A 83 -1.71 5.88 -1.27
C ASN A 83 -2.55 4.65 -1.59
N ILE A 84 -2.97 3.97 -0.54
CA ILE A 84 -3.78 2.77 -0.70
C ILE A 84 -5.23 3.09 -0.33
N ARG A 85 -6.13 2.30 -0.88
CA ARG A 85 -7.55 2.48 -0.63
C ARG A 85 -8.16 1.21 -0.04
N LEU A 86 -9.18 1.40 0.78
CA LEU A 86 -9.86 0.29 1.42
C LEU A 86 -11.36 0.55 1.43
N TYR A 87 -12.10 -0.40 0.86
CA TYR A 87 -13.55 -0.29 0.80
C TYR A 87 -14.22 -1.55 1.35
N PRO A 2 17.76 2.28 7.98
CA PRO A 2 18.23 2.12 6.62
C PRO A 2 17.47 3.03 5.65
N LEU A 3 18.09 3.27 4.51
CA LEU A 3 17.48 4.13 3.49
C LEU A 3 16.70 3.26 2.51
N GLY A 4 15.65 3.86 1.95
CA GLY A 4 14.82 3.15 0.98
C GLY A 4 13.53 2.65 1.64
N SER A 5 12.67 3.60 1.96
CA SER A 5 11.39 3.28 2.60
C SER A 5 10.26 4.04 1.91
N ILE A 6 9.07 3.47 2.00
CA ILE A 6 7.90 4.07 1.39
C ILE A 6 6.77 4.14 2.42
N LEU A 7 5.95 5.17 2.28
CA LEU A 7 4.83 5.35 3.20
C LEU A 7 3.54 4.91 2.52
N PHE A 8 2.63 4.38 3.32
CA PHE A 8 1.36 3.90 2.82
C PHE A 8 0.19 4.52 3.59
N ARG A 9 -0.68 5.19 2.85
CA ARG A 9 -1.84 5.83 3.46
C ARG A 9 -3.09 5.01 3.19
N ILE A 10 -3.37 4.08 4.11
CA ILE A 10 -4.54 3.23 3.99
C ILE A 10 -5.81 4.08 4.12
N SER A 11 -6.84 3.64 3.42
CA SER A 11 -8.11 4.35 3.44
C SER A 11 -9.26 3.37 3.19
N TYR A 12 -10.05 3.17 4.23
CA TYR A 12 -11.18 2.26 4.15
C TYR A 12 -12.44 2.89 4.74
N ASN A 13 -13.55 2.18 4.60
CA ASN A 13 -14.81 2.65 5.12
C ASN A 13 -14.58 3.32 6.47
N SER A 14 -13.56 2.85 7.17
CA SER A 14 -13.22 3.38 8.48
C SER A 14 -12.70 4.81 8.34
N GLU A 15 -11.42 4.91 8.03
CA GLU A 15 -10.79 6.22 7.87
C GLU A 15 -9.48 6.07 7.09
N ILE A 16 -8.76 7.18 7.00
CA ILE A 16 -7.49 7.20 6.29
C ILE A 16 -6.35 7.19 7.30
N PHE A 17 -5.54 6.14 7.24
CA PHE A 17 -4.41 6.01 8.14
C PHE A 17 -3.10 5.92 7.37
N THR A 18 -2.01 5.83 8.11
CA THR A 18 -0.69 5.75 7.51
C THR A 18 0.05 4.50 8.02
N LEU A 19 0.97 4.03 7.20
CA LEU A 19 1.75 2.85 7.55
C LEU A 19 3.07 2.86 6.77
N LEU A 20 4.16 2.73 7.52
CA LEU A 20 5.48 2.73 6.91
C LEU A 20 5.83 1.32 6.46
N VAL A 21 5.98 1.16 5.15
CA VAL A 21 6.31 -0.13 4.58
C VAL A 21 7.68 -0.05 3.90
N GLU A 22 8.62 -0.80 4.44
CA GLU A 22 9.97 -0.83 3.90
C GLU A 22 9.94 -1.27 2.44
N LYS A 23 11.09 -1.12 1.79
CA LYS A 23 11.21 -1.50 0.39
C LYS A 23 11.60 -2.97 0.29
N VAL A 24 11.51 -3.65 1.44
CA VAL A 24 11.84 -5.06 1.49
C VAL A 24 10.58 -5.87 1.76
N TRP A 25 9.54 -5.16 2.19
CA TRP A 25 8.27 -5.80 2.49
C TRP A 25 7.58 -6.11 1.15
N ASN A 26 7.92 -7.28 0.62
CA ASN A 26 7.33 -7.72 -0.64
C ASN A 26 5.81 -7.62 -0.56
N PHE A 27 5.16 -7.99 -1.65
CA PHE A 27 3.71 -7.95 -1.72
C PHE A 27 3.09 -8.60 -0.48
N ASP A 28 3.71 -9.69 -0.05
CA ASP A 28 3.22 -10.42 1.11
C ASP A 28 3.33 -9.53 2.34
N ASP A 29 4.56 -9.18 2.67
CA ASP A 29 4.82 -8.33 3.82
C ASP A 29 4.00 -7.05 3.70
N LEU A 30 3.65 -6.72 2.46
CA LEU A 30 2.86 -5.53 2.21
C LEU A 30 1.44 -5.74 2.74
N ILE A 31 0.85 -6.85 2.35
CA ILE A 31 -0.50 -7.18 2.78
C ILE A 31 -0.51 -7.40 4.29
N MET A 32 0.54 -8.05 4.77
CA MET A 32 0.66 -8.32 6.19
C MET A 32 0.84 -7.03 6.98
N ALA A 33 1.36 -6.01 6.30
CA ALA A 33 1.60 -4.72 6.92
C ALA A 33 0.26 -4.06 7.22
N ILE A 34 -0.47 -3.76 6.15
CA ILE A 34 -1.76 -3.12 6.28
C ILE A 34 -2.68 -4.00 7.13
N ASN A 35 -2.50 -5.31 6.98
CA ASN A 35 -3.31 -6.27 7.72
C ASN A 35 -3.07 -6.05 9.22
N SER A 36 -1.96 -5.42 9.54
CA SER A 36 -1.62 -5.14 10.92
C SER A 36 -2.36 -3.89 11.41
N LYS A 37 -2.30 -2.85 10.59
CA LYS A 37 -2.95 -1.60 10.91
C LYS A 37 -4.46 -1.82 11.00
N ILE A 38 -4.95 -2.67 10.12
CA ILE A 38 -6.37 -2.99 10.08
C ILE A 38 -6.67 -4.10 11.10
N SER A 39 -5.61 -4.71 11.58
CA SER A 39 -5.75 -5.78 12.56
C SER A 39 -6.85 -5.44 13.56
N ASN A 40 -7.02 -4.15 13.79
CA ASN A 40 -8.04 -3.67 14.71
C ASN A 40 -9.32 -4.48 14.52
N THR A 41 -9.74 -4.57 13.27
CA THR A 41 -10.94 -5.31 12.93
C THR A 41 -10.69 -6.81 13.03
N HIS A 42 -11.60 -7.50 13.71
CA HIS A 42 -11.48 -8.94 13.87
C HIS A 42 -12.51 -9.64 12.98
N ILE A 43 -12.99 -8.91 11.99
CA ILE A 43 -13.96 -9.44 11.06
C ILE A 43 -13.24 -10.20 9.95
N SER A 44 -12.14 -9.61 9.49
CA SER A 44 -11.35 -10.22 8.43
C SER A 44 -10.48 -9.15 7.75
N PRO A 45 -9.22 -9.58 7.42
CA PRO A 45 -8.28 -8.67 6.77
C PRO A 45 -8.65 -8.46 5.31
N ILE A 46 -7.68 -7.97 4.55
CA ILE A 46 -7.88 -7.72 3.13
C ILE A 46 -6.63 -8.13 2.36
N THR A 47 -6.86 -8.84 1.26
CA THR A 47 -5.77 -9.31 0.43
C THR A 47 -5.51 -8.32 -0.71
N LYS A 48 -6.59 -7.84 -1.29
CA LYS A 48 -6.49 -6.88 -2.39
C LYS A 48 -6.46 -5.46 -1.83
N ILE A 49 -5.55 -4.67 -2.37
CA ILE A 49 -5.40 -3.29 -1.94
C ILE A 49 -5.32 -2.38 -3.16
N LYS A 50 -6.12 -1.31 -3.12
CA LYS A 50 -6.14 -0.36 -4.22
C LYS A 50 -5.08 0.72 -3.98
N TYR A 51 -4.05 0.67 -4.80
CA TYR A 51 -2.95 1.64 -4.69
C TYR A 51 -2.99 2.63 -5.85
N GLN A 52 -2.64 3.88 -5.52
CA GLN A 52 -2.63 4.93 -6.53
C GLN A 52 -1.40 4.80 -7.42
N ASP A 53 -1.56 5.19 -8.67
CA ASP A 53 -0.47 5.13 -9.63
C ASP A 53 -0.17 6.54 -10.15
N GLU A 54 0.72 6.59 -11.14
CA GLU A 54 1.10 7.86 -11.73
C GLU A 54 -0.12 8.57 -12.29
N ASP A 55 -0.90 7.82 -13.07
CA ASP A 55 -2.10 8.37 -13.67
C ASP A 55 -2.93 9.08 -12.60
N GLY A 56 -2.72 8.68 -11.36
CA GLY A 56 -3.43 9.26 -10.24
C GLY A 56 -4.71 8.48 -9.94
N ASP A 57 -4.80 7.30 -10.54
CA ASP A 57 -5.96 6.45 -10.35
C ASP A 57 -5.61 5.32 -9.37
N PHE A 58 -6.65 4.73 -8.81
CA PHE A 58 -6.46 3.64 -7.85
C PHE A 58 -6.59 2.29 -8.56
N VAL A 59 -5.50 1.53 -8.54
CA VAL A 59 -5.48 0.23 -9.15
C VAL A 59 -5.21 -0.84 -8.08
N VAL A 60 -5.86 -1.97 -8.25
CA VAL A 60 -5.71 -3.08 -7.31
C VAL A 60 -4.23 -3.47 -7.24
N LEU A 61 -3.85 -4.00 -6.09
CA LEU A 61 -2.48 -4.42 -5.87
C LEU A 61 -2.46 -5.61 -4.90
N GLY A 62 -1.96 -6.73 -5.39
CA GLY A 62 -1.87 -7.93 -4.59
C GLY A 62 -0.80 -8.88 -5.11
N SER A 63 0.20 -8.28 -5.75
CA SER A 63 1.30 -9.05 -6.31
C SER A 63 2.60 -8.24 -6.25
N ASP A 64 3.70 -8.93 -6.51
CA ASP A 64 5.01 -8.29 -6.48
C ASP A 64 5.15 -7.41 -7.74
N GLU A 65 4.50 -7.84 -8.80
CA GLU A 65 4.55 -7.11 -10.05
C GLU A 65 3.65 -5.86 -9.99
N ASP A 66 2.77 -5.88 -9.00
CA ASP A 66 1.85 -4.76 -8.81
C ASP A 66 2.35 -3.88 -7.67
N TRP A 67 3.22 -4.46 -6.85
CA TRP A 67 3.78 -3.74 -5.72
C TRP A 67 5.13 -3.16 -6.15
N ASN A 68 5.71 -3.79 -7.16
CA ASN A 68 7.00 -3.34 -7.66
C ASN A 68 6.78 -2.28 -8.75
N VAL A 69 5.87 -2.60 -9.66
CA VAL A 69 5.55 -1.70 -10.75
C VAL A 69 5.02 -0.39 -10.18
N ALA A 70 4.40 -0.50 -9.01
CA ALA A 70 3.83 0.67 -8.35
C ALA A 70 4.95 1.47 -7.69
N LYS A 71 5.96 0.74 -7.23
CA LYS A 71 7.10 1.37 -6.58
C LYS A 71 7.92 2.13 -7.61
N GLU A 72 8.37 1.40 -8.63
CA GLU A 72 9.16 1.99 -9.69
C GLU A 72 8.50 3.26 -10.20
N MET A 73 7.19 3.33 -10.00
CA MET A 73 6.42 4.49 -10.44
C MET A 73 6.64 5.68 -9.51
N LEU A 74 6.72 5.37 -8.22
CA LEU A 74 6.92 6.41 -7.22
C LEU A 74 8.05 7.34 -7.67
N ALA A 75 9.18 6.72 -7.99
CA ALA A 75 10.34 7.47 -8.44
C ALA A 75 9.94 8.36 -9.62
N GLU A 76 8.96 7.89 -10.37
CA GLU A 76 8.47 8.63 -11.52
C GLU A 76 7.45 9.69 -11.09
N ASN A 77 6.78 9.40 -9.98
CA ASN A 77 5.78 10.31 -9.45
C ASN A 77 6.45 11.29 -8.49
N ASN A 78 7.77 11.32 -8.55
CA ASN A 78 8.54 12.20 -7.68
C ASN A 78 7.93 12.22 -6.29
N GLU A 79 7.36 11.07 -5.91
CA GLU A 79 6.73 10.95 -4.60
C GLU A 79 7.28 9.72 -3.87
N LYS A 80 7.85 9.98 -2.70
CA LYS A 80 8.42 8.91 -1.90
C LYS A 80 7.32 8.33 -0.99
N PHE A 81 6.10 8.81 -1.21
CA PHE A 81 4.98 8.35 -0.43
C PHE A 81 3.97 7.60 -1.31
N LEU A 82 3.20 6.73 -0.68
CA LEU A 82 2.21 5.95 -1.38
C LEU A 82 0.86 6.10 -0.69
N ASN A 83 -0.19 5.69 -1.40
CA ASN A 83 -1.54 5.77 -0.86
C ASN A 83 -2.29 4.48 -1.17
N ILE A 84 -3.02 4.00 -0.17
CA ILE A 84 -3.79 2.78 -0.33
C ILE A 84 -5.19 2.99 0.22
N ARG A 85 -6.15 2.35 -0.42
CA ARG A 85 -7.53 2.46 0.00
C ARG A 85 -8.23 1.10 -0.11
N LEU A 86 -8.79 0.67 1.02
CA LEU A 86 -9.48 -0.60 1.06
C LEU A 86 -10.99 -0.37 0.95
N TYR A 87 -11.66 -1.35 0.36
CA TYR A 87 -13.10 -1.26 0.18
C TYR A 87 -13.82 -2.46 0.83
N PRO A 2 14.21 6.33 9.58
CA PRO A 2 14.87 5.33 8.77
C PRO A 2 14.67 5.61 7.27
N LEU A 3 15.74 5.42 6.52
CA LEU A 3 15.70 5.65 5.09
C LEU A 3 15.27 4.36 4.37
N GLY A 4 15.30 4.43 3.06
CA GLY A 4 14.91 3.28 2.24
C GLY A 4 13.58 2.70 2.71
N SER A 5 12.65 3.60 2.98
CA SER A 5 11.33 3.20 3.42
C SER A 5 10.25 4.02 2.71
N ILE A 6 9.04 3.49 2.73
CA ILE A 6 7.92 4.16 2.08
C ILE A 6 6.69 4.06 2.98
N LEU A 7 5.91 5.13 2.97
CA LEU A 7 4.70 5.18 3.77
C LEU A 7 3.50 4.81 2.91
N PHE A 8 2.52 4.18 3.55
CA PHE A 8 1.31 3.77 2.85
C PHE A 8 0.06 4.34 3.52
N ARG A 9 -0.69 5.11 2.74
CA ARG A 9 -1.90 5.72 3.25
C ARG A 9 -3.10 4.78 3.04
N ILE A 10 -3.65 4.33 4.15
CA ILE A 10 -4.79 3.42 4.10
C ILE A 10 -6.08 4.23 4.24
N SER A 11 -6.74 4.42 3.11
CA SER A 11 -7.99 5.18 3.08
C SER A 11 -9.18 4.22 3.13
N TYR A 12 -9.96 4.35 4.19
CA TYR A 12 -11.13 3.51 4.37
C TYR A 12 -12.36 4.34 4.74
N ASN A 13 -13.47 3.64 4.90
CA ASN A 13 -14.72 4.31 5.25
C ASN A 13 -14.44 5.40 6.28
N SER A 14 -13.39 5.17 7.07
CA SER A 14 -13.00 6.12 8.10
C SER A 14 -12.23 7.29 7.47
N GLU A 15 -10.92 7.14 7.45
CA GLU A 15 -10.05 8.16 6.87
C GLU A 15 -8.74 7.54 6.42
N ILE A 16 -7.82 8.41 5.99
CA ILE A 16 -6.53 7.96 5.53
C ILE A 16 -5.68 7.55 6.73
N PHE A 17 -5.05 6.39 6.60
CA PHE A 17 -4.21 5.86 7.66
C PHE A 17 -2.73 5.95 7.29
N THR A 18 -1.90 5.34 8.12
CA THR A 18 -0.47 5.35 7.89
C THR A 18 0.13 3.98 8.20
N LEU A 19 0.91 3.48 7.26
CA LEU A 19 1.54 2.18 7.42
C LEU A 19 2.93 2.21 6.80
N LEU A 20 3.94 2.19 7.66
CA LEU A 20 5.32 2.22 7.21
C LEU A 20 5.69 0.87 6.61
N VAL A 21 5.97 0.89 5.31
CA VAL A 21 6.33 -0.34 4.61
C VAL A 21 7.70 -0.14 3.95
N GLU A 22 8.63 -1.01 4.32
CA GLU A 22 9.98 -0.94 3.77
C GLU A 22 9.94 -1.18 2.26
N LYS A 23 11.08 -0.91 1.63
CA LYS A 23 11.19 -1.09 0.19
C LYS A 23 11.66 -2.51 -0.11
N VAL A 24 11.55 -3.36 0.90
CA VAL A 24 11.95 -4.75 0.76
C VAL A 24 10.72 -5.65 0.90
N TRP A 25 9.84 -5.25 1.80
CA TRP A 25 8.62 -6.01 2.04
C TRP A 25 7.94 -6.26 0.69
N ASN A 26 8.04 -7.49 0.23
CA ASN A 26 7.44 -7.87 -1.04
C ASN A 26 5.94 -7.68 -0.97
N PHE A 27 5.27 -7.99 -2.07
CA PHE A 27 3.82 -7.86 -2.14
C PHE A 27 3.15 -8.62 -1.00
N ASP A 28 3.71 -9.78 -0.70
CA ASP A 28 3.16 -10.62 0.36
C ASP A 28 3.20 -9.86 1.67
N ASP A 29 4.42 -9.56 2.12
CA ASP A 29 4.61 -8.83 3.36
C ASP A 29 3.81 -7.52 3.31
N LEU A 30 3.59 -7.05 2.09
CA LEU A 30 2.84 -5.82 1.90
C LEU A 30 1.40 -6.03 2.32
N ILE A 31 0.74 -6.96 1.64
CA ILE A 31 -0.65 -7.29 1.94
C ILE A 31 -0.79 -7.54 3.44
N MET A 32 0.25 -8.12 4.02
CA MET A 32 0.24 -8.42 5.44
C MET A 32 0.58 -7.18 6.26
N ALA A 33 1.28 -6.26 5.63
CA ALA A 33 1.66 -5.02 6.29
C ALA A 33 0.41 -4.18 6.56
N ILE A 34 -0.47 -4.15 5.58
CA ILE A 34 -1.71 -3.40 5.70
C ILE A 34 -2.70 -4.18 6.57
N ASN A 35 -2.73 -5.48 6.34
CA ASN A 35 -3.63 -6.35 7.09
C ASN A 35 -3.22 -6.35 8.57
N SER A 36 -2.03 -5.81 8.81
CA SER A 36 -1.52 -5.74 10.16
C SER A 36 -1.93 -4.41 10.82
N LYS A 37 -2.09 -3.40 9.98
CA LYS A 37 -2.48 -2.08 10.45
C LYS A 37 -4.01 -2.05 10.60
N ILE A 38 -4.68 -2.73 9.69
CA ILE A 38 -6.13 -2.78 9.71
C ILE A 38 -6.58 -3.90 10.64
N SER A 39 -5.63 -4.75 11.00
CA SER A 39 -5.92 -5.86 11.88
C SER A 39 -6.49 -5.36 13.22
N ASN A 40 -6.30 -4.07 13.44
CA ASN A 40 -6.79 -3.45 14.67
C ASN A 40 -8.17 -4.00 15.00
N THR A 41 -8.89 -4.37 13.95
CA THR A 41 -10.23 -4.91 14.12
C THR A 41 -10.16 -6.42 14.35
N HIS A 42 -9.50 -7.10 13.43
CA HIS A 42 -9.36 -8.55 13.53
C HIS A 42 -10.73 -9.21 13.37
N ILE A 43 -11.46 -8.75 12.37
CA ILE A 43 -12.78 -9.30 12.10
C ILE A 43 -12.86 -9.72 10.63
N SER A 44 -12.36 -8.85 9.77
CA SER A 44 -12.38 -9.12 8.34
C SER A 44 -11.50 -8.10 7.60
N PRO A 45 -10.22 -8.51 7.39
CA PRO A 45 -9.27 -7.64 6.70
C PRO A 45 -9.55 -7.61 5.20
N ILE A 46 -8.54 -7.17 4.46
CA ILE A 46 -8.67 -7.09 3.01
C ILE A 46 -7.44 -7.72 2.35
N THR A 47 -7.63 -8.91 1.82
CA THR A 47 -6.55 -9.63 1.17
C THR A 47 -6.16 -8.92 -0.14
N LYS A 48 -7.03 -8.02 -0.56
CA LYS A 48 -6.78 -7.28 -1.79
C LYS A 48 -6.80 -5.78 -1.48
N ILE A 49 -5.80 -5.09 -2.01
CA ILE A 49 -5.69 -3.66 -1.79
C ILE A 49 -5.64 -2.95 -3.15
N LYS A 50 -5.96 -1.66 -3.12
CA LYS A 50 -5.96 -0.86 -4.33
C LYS A 50 -5.00 0.32 -4.16
N TYR A 51 -3.89 0.25 -4.88
CA TYR A 51 -2.89 1.31 -4.82
C TYR A 51 -3.01 2.26 -6.02
N GLN A 52 -2.66 3.51 -5.78
CA GLN A 52 -2.73 4.51 -6.83
C GLN A 52 -1.69 4.21 -7.92
N ASP A 53 -2.00 4.66 -9.13
CA ASP A 53 -1.11 4.43 -10.26
C ASP A 53 -0.56 5.78 -10.74
N GLU A 54 0.17 5.72 -11.83
CA GLU A 54 0.76 6.93 -12.41
C GLU A 54 -0.31 7.74 -13.12
N ASP A 55 -1.41 7.08 -13.46
CA ASP A 55 -2.50 7.73 -14.15
C ASP A 55 -3.44 8.35 -13.12
N GLY A 56 -2.98 8.39 -11.88
CA GLY A 56 -3.77 8.95 -10.79
C GLY A 56 -5.04 8.14 -10.55
N ASP A 57 -5.07 6.96 -11.15
CA ASP A 57 -6.21 6.07 -11.01
C ASP A 57 -5.87 4.95 -10.03
N PHE A 58 -6.90 4.43 -9.38
CA PHE A 58 -6.72 3.36 -8.42
C PHE A 58 -6.57 2.01 -9.13
N VAL A 59 -5.59 1.24 -8.66
CA VAL A 59 -5.33 -0.07 -9.23
C VAL A 59 -5.14 -1.09 -8.10
N VAL A 60 -5.61 -2.30 -8.36
CA VAL A 60 -5.51 -3.37 -7.38
C VAL A 60 -4.04 -3.73 -7.19
N LEU A 61 -3.78 -4.44 -6.10
CA LEU A 61 -2.42 -4.86 -5.79
C LEU A 61 -2.46 -6.09 -4.89
N GLY A 62 -1.97 -7.19 -5.41
CA GLY A 62 -1.95 -8.44 -4.66
C GLY A 62 -0.80 -9.34 -5.13
N SER A 63 0.18 -8.72 -5.75
CA SER A 63 1.34 -9.45 -6.25
C SER A 63 2.55 -8.53 -6.31
N ASP A 64 3.64 -9.08 -6.82
CA ASP A 64 4.88 -8.32 -6.94
C ASP A 64 4.80 -7.42 -8.17
N GLU A 65 4.01 -7.86 -9.14
CA GLU A 65 3.85 -7.12 -10.38
C GLU A 65 3.05 -5.84 -10.12
N ASP A 66 2.42 -5.79 -8.96
CA ASP A 66 1.62 -4.63 -8.58
C ASP A 66 2.30 -3.91 -7.41
N TRP A 67 3.24 -4.61 -6.79
CA TRP A 67 3.97 -4.06 -5.67
C TRP A 67 5.26 -3.43 -6.20
N ASN A 68 5.68 -3.91 -7.37
CA ASN A 68 6.90 -3.42 -7.98
C ASN A 68 6.53 -2.34 -9.01
N VAL A 69 5.39 -2.55 -9.66
CA VAL A 69 4.92 -1.61 -10.66
C VAL A 69 4.58 -0.28 -9.98
N ALA A 70 4.30 -0.37 -8.68
CA ALA A 70 3.95 0.81 -7.92
C ALA A 70 5.23 1.44 -7.34
N LYS A 71 6.08 0.57 -6.82
CA LYS A 71 7.33 1.02 -6.23
C LYS A 71 8.17 1.73 -7.30
N GLU A 72 8.17 1.15 -8.48
CA GLU A 72 8.91 1.71 -9.60
C GLU A 72 8.26 3.01 -10.07
N MET A 73 6.97 3.13 -9.77
CA MET A 73 6.22 4.31 -10.16
C MET A 73 6.55 5.49 -9.24
N LEU A 74 6.90 5.17 -8.01
CA LEU A 74 7.24 6.19 -7.04
C LEU A 74 8.47 6.97 -7.52
N ALA A 75 9.39 6.23 -8.12
CA ALA A 75 10.62 6.83 -8.64
C ALA A 75 10.27 7.79 -9.78
N GLU A 76 9.19 7.46 -10.47
CA GLU A 76 8.73 8.27 -11.58
C GLU A 76 7.87 9.43 -11.08
N ASN A 77 7.24 9.20 -9.94
CA ASN A 77 6.38 10.21 -9.34
C ASN A 77 7.21 11.08 -8.39
N ASN A 78 8.42 10.61 -8.11
CA ASN A 78 9.31 11.34 -7.23
C ASN A 78 8.67 11.44 -5.84
N GLU A 79 8.10 10.33 -5.40
CA GLU A 79 7.45 10.28 -4.10
C GLU A 79 8.11 9.21 -3.23
N LYS A 80 7.84 9.30 -1.93
CA LYS A 80 8.39 8.35 -0.98
C LYS A 80 7.24 7.64 -0.25
N PHE A 81 6.03 8.05 -0.59
CA PHE A 81 4.84 7.47 0.02
C PHE A 81 3.92 6.86 -1.04
N LEU A 82 2.88 6.19 -0.56
CA LEU A 82 1.93 5.56 -1.45
C LEU A 82 0.50 5.88 -0.98
N ASN A 83 -0.47 5.48 -1.78
CA ASN A 83 -1.86 5.71 -1.46
C ASN A 83 -2.66 4.43 -1.72
N ILE A 84 -3.03 3.77 -0.63
CA ILE A 84 -3.80 2.54 -0.72
C ILE A 84 -5.26 2.83 -0.34
N ARG A 85 -6.16 2.10 -0.99
CA ARG A 85 -7.57 2.27 -0.73
C ARG A 85 -8.17 0.96 -0.21
N LEU A 86 -9.06 1.09 0.76
CA LEU A 86 -9.71 -0.06 1.35
C LEU A 86 -11.20 0.23 1.54
N TYR A 87 -12.02 -0.54 0.83
CA TYR A 87 -13.46 -0.37 0.92
C TYR A 87 -13.98 -0.73 2.31
N PRO A 2 19.03 2.66 3.98
CA PRO A 2 18.66 4.06 3.93
C PRO A 2 17.77 4.36 2.72
N LEU A 3 16.96 5.39 2.86
CA LEU A 3 16.05 5.77 1.79
C LEU A 3 15.46 4.53 1.14
N GLY A 4 15.34 3.48 1.94
CA GLY A 4 14.81 2.22 1.45
C GLY A 4 13.49 1.88 2.16
N SER A 5 12.67 2.90 2.34
CA SER A 5 11.38 2.73 3.00
C SER A 5 10.30 3.52 2.26
N ILE A 6 9.08 3.03 2.35
CA ILE A 6 7.96 3.68 1.70
C ILE A 6 6.78 3.75 2.67
N LEU A 7 5.91 4.72 2.43
CA LEU A 7 4.74 4.91 3.27
C LEU A 7 3.51 4.34 2.56
N PHE A 8 2.52 3.97 3.36
CA PHE A 8 1.29 3.42 2.82
C PHE A 8 0.08 3.90 3.62
N ARG A 9 -0.69 4.79 3.00
CA ARG A 9 -1.87 5.34 3.65
C ARG A 9 -3.09 4.45 3.35
N ILE A 10 -3.68 3.95 4.43
CA ILE A 10 -4.85 3.09 4.31
C ILE A 10 -6.11 3.90 4.60
N SER A 11 -6.70 4.41 3.54
CA SER A 11 -7.92 5.20 3.67
C SER A 11 -9.15 4.34 3.40
N TYR A 12 -10.03 4.28 4.38
CA TYR A 12 -11.25 3.49 4.25
C TYR A 12 -12.45 4.27 4.78
N ASN A 13 -13.63 3.68 4.59
CA ASN A 13 -14.86 4.30 5.04
C ASN A 13 -14.62 4.99 6.39
N SER A 14 -13.69 4.43 7.14
CA SER A 14 -13.35 4.99 8.45
C SER A 14 -12.64 6.33 8.27
N GLU A 15 -11.32 6.25 8.18
CA GLU A 15 -10.51 7.45 8.02
C GLU A 15 -9.25 7.13 7.22
N ILE A 16 -8.34 8.10 7.20
CA ILE A 16 -7.09 7.94 6.48
C ILE A 16 -5.95 7.75 7.48
N PHE A 17 -5.25 6.64 7.34
CA PHE A 17 -4.15 6.32 8.23
C PHE A 17 -2.84 6.19 7.44
N THR A 18 -1.78 5.85 8.17
CA THR A 18 -0.48 5.68 7.55
C THR A 18 0.14 4.34 7.97
N LEU A 19 1.03 3.85 7.12
CA LEU A 19 1.71 2.60 7.39
C LEU A 19 3.05 2.58 6.67
N LEU A 20 4.11 2.74 7.46
CA LEU A 20 5.46 2.74 6.90
C LEU A 20 5.84 1.32 6.48
N VAL A 21 5.84 1.11 5.17
CA VAL A 21 6.18 -0.19 4.63
C VAL A 21 7.57 -0.12 3.97
N GLU A 22 8.44 -1.00 4.43
CA GLU A 22 9.80 -1.05 3.91
C GLU A 22 9.77 -1.38 2.42
N LYS A 23 10.93 -1.23 1.79
CA LYS A 23 11.06 -1.51 0.38
C LYS A 23 11.40 -3.00 0.19
N VAL A 24 11.26 -3.74 1.27
CA VAL A 24 11.55 -5.17 1.23
C VAL A 24 10.24 -5.95 1.40
N TRP A 25 9.33 -5.37 2.17
CA TRP A 25 8.04 -5.99 2.42
C TRP A 25 7.36 -6.21 1.07
N ASN A 26 7.63 -7.36 0.49
CA ASN A 26 7.04 -7.70 -0.80
C ASN A 26 5.52 -7.55 -0.72
N PHE A 27 4.88 -7.78 -1.85
CA PHE A 27 3.43 -7.67 -1.92
C PHE A 27 2.76 -8.38 -0.74
N ASP A 28 3.34 -9.52 -0.38
CA ASP A 28 2.81 -10.30 0.72
C ASP A 28 2.88 -9.47 2.01
N ASP A 29 4.10 -9.28 2.49
CA ASP A 29 4.30 -8.50 3.71
C ASP A 29 3.50 -7.20 3.62
N LEU A 30 3.32 -6.73 2.40
CA LEU A 30 2.57 -5.51 2.16
C LEU A 30 1.14 -5.68 2.68
N ILE A 31 0.49 -6.71 2.16
CA ILE A 31 -0.88 -7.00 2.55
C ILE A 31 -0.95 -7.18 4.07
N MET A 32 0.03 -7.91 4.59
CA MET A 32 0.08 -8.16 6.02
C MET A 32 0.36 -6.87 6.79
N ALA A 33 0.98 -5.92 6.11
CA ALA A 33 1.31 -4.65 6.71
C ALA A 33 0.03 -3.90 7.05
N ILE A 34 -0.82 -3.75 6.05
CA ILE A 34 -2.08 -3.07 6.24
C ILE A 34 -2.98 -3.90 7.16
N ASN A 35 -3.05 -5.19 6.86
CA ASN A 35 -3.86 -6.10 7.65
C ASN A 35 -3.48 -5.96 9.12
N SER A 36 -2.29 -5.44 9.35
CA SER A 36 -1.79 -5.25 10.71
C SER A 36 -2.52 -4.08 11.37
N LYS A 37 -2.78 -3.06 10.56
CA LYS A 37 -3.47 -1.87 11.05
C LYS A 37 -4.95 -2.19 11.25
N ILE A 38 -5.53 -2.87 10.26
CA ILE A 38 -6.93 -3.24 10.32
C ILE A 38 -7.07 -4.51 11.15
N SER A 39 -5.93 -5.04 11.57
CA SER A 39 -5.92 -6.27 12.37
C SER A 39 -6.96 -6.16 13.48
N ASN A 40 -7.27 -4.93 13.85
CA ASN A 40 -8.24 -4.68 14.91
C ASN A 40 -9.41 -5.66 14.75
N THR A 41 -9.69 -6.02 13.50
CA THR A 41 -10.77 -6.93 13.21
C THR A 41 -10.22 -8.24 12.63
N HIS A 42 -10.69 -9.35 13.20
CA HIS A 42 -10.25 -10.66 12.76
C HIS A 42 -11.46 -11.46 12.28
N ILE A 43 -12.35 -10.77 11.57
CA ILE A 43 -13.55 -11.41 11.06
C ILE A 43 -13.41 -11.58 9.55
N SER A 44 -12.78 -10.59 8.93
CA SER A 44 -12.58 -10.62 7.48
C SER A 44 -11.82 -9.37 7.03
N PRO A 45 -10.47 -9.50 6.97
CA PRO A 45 -9.63 -8.39 6.56
C PRO A 45 -9.72 -8.17 5.05
N ILE A 46 -8.74 -7.44 4.53
CA ILE A 46 -8.69 -7.15 3.11
C ILE A 46 -7.29 -7.47 2.57
N THR A 47 -7.17 -8.64 1.98
CA THR A 47 -5.90 -9.08 1.42
C THR A 47 -5.59 -8.32 0.14
N LYS A 48 -6.56 -7.50 -0.28
CA LYS A 48 -6.40 -6.71 -1.49
C LYS A 48 -6.54 -5.22 -1.14
N ILE A 49 -5.57 -4.45 -1.60
CA ILE A 49 -5.57 -3.02 -1.35
C ILE A 49 -5.39 -2.27 -2.67
N LYS A 50 -6.15 -1.19 -2.81
CA LYS A 50 -6.08 -0.38 -4.02
C LYS A 50 -5.07 0.75 -3.81
N TYR A 51 -3.98 0.67 -4.55
CA TYR A 51 -2.93 1.68 -4.46
C TYR A 51 -2.99 2.64 -5.65
N GLN A 52 -2.63 3.88 -5.39
CA GLN A 52 -2.63 4.90 -6.42
C GLN A 52 -1.42 4.72 -7.34
N ASP A 53 -1.63 5.04 -8.62
CA ASP A 53 -0.57 4.93 -9.60
C ASP A 53 -0.20 6.33 -10.10
N GLU A 54 0.64 6.34 -11.13
CA GLU A 54 1.07 7.59 -11.72
C GLU A 54 -0.06 8.22 -12.54
N ASP A 55 -1.03 7.39 -12.88
CA ASP A 55 -2.16 7.85 -13.66
C ASP A 55 -3.21 8.46 -12.72
N GLY A 56 -2.83 8.57 -11.45
CA GLY A 56 -3.72 9.14 -10.45
C GLY A 56 -4.96 8.27 -10.28
N ASP A 57 -4.90 7.09 -10.86
CA ASP A 57 -6.02 6.16 -10.78
C ASP A 57 -5.74 5.11 -9.70
N PHE A 58 -6.81 4.57 -9.14
CA PHE A 58 -6.69 3.56 -8.11
C PHE A 58 -6.65 2.16 -8.71
N VAL A 59 -5.57 1.46 -8.44
CA VAL A 59 -5.40 0.10 -8.95
C VAL A 59 -5.20 -0.86 -7.77
N VAL A 60 -5.66 -2.08 -7.96
CA VAL A 60 -5.54 -3.10 -6.93
C VAL A 60 -4.08 -3.55 -6.84
N LEU A 61 -3.69 -3.94 -5.63
CA LEU A 61 -2.33 -4.40 -5.39
C LEU A 61 -2.36 -5.69 -4.57
N GLY A 62 -1.82 -6.74 -5.16
CA GLY A 62 -1.78 -8.04 -4.49
C GLY A 62 -0.75 -8.95 -5.15
N SER A 63 0.26 -8.34 -5.74
CA SER A 63 1.31 -9.09 -6.41
C SER A 63 2.63 -8.32 -6.36
N ASP A 64 3.70 -9.02 -6.70
CA ASP A 64 5.02 -8.40 -6.69
C ASP A 64 5.14 -7.45 -7.88
N GLU A 65 4.42 -7.78 -8.94
CA GLU A 65 4.43 -6.95 -10.15
C GLU A 65 3.78 -5.60 -9.87
N ASP A 66 2.72 -5.63 -9.06
CA ASP A 66 2.01 -4.43 -8.72
C ASP A 66 2.68 -3.77 -7.52
N TRP A 67 3.58 -4.52 -6.90
CA TRP A 67 4.30 -4.02 -5.74
C TRP A 67 5.66 -3.50 -6.21
N ASN A 68 6.09 -4.01 -7.36
CA ASN A 68 7.36 -3.61 -7.93
C ASN A 68 7.13 -2.48 -8.94
N VAL A 69 6.14 -2.68 -9.79
CA VAL A 69 5.81 -1.69 -10.80
C VAL A 69 5.37 -0.40 -10.12
N ALA A 70 4.66 -0.57 -9.00
CA ALA A 70 4.16 0.57 -8.25
C ALA A 70 5.34 1.29 -7.59
N LYS A 71 6.17 0.50 -6.92
CA LYS A 71 7.33 1.05 -6.23
C LYS A 71 8.19 1.81 -7.24
N GLU A 72 8.38 1.18 -8.39
CA GLU A 72 9.18 1.80 -9.45
C GLU A 72 8.49 3.06 -9.98
N MET A 73 7.17 3.08 -9.81
CA MET A 73 6.39 4.23 -10.27
C MET A 73 6.58 5.43 -9.34
N LEU A 74 7.12 5.15 -8.16
CA LEU A 74 7.34 6.19 -7.17
C LEU A 74 8.40 7.16 -7.71
N ALA A 75 9.53 6.58 -8.12
CA ALA A 75 10.62 7.38 -8.65
C ALA A 75 10.13 8.19 -9.84
N GLU A 76 9.03 7.73 -10.42
CA GLU A 76 8.44 8.40 -11.57
C GLU A 76 7.32 9.33 -11.12
N ASN A 77 6.72 9.00 -9.98
CA ASN A 77 5.64 9.80 -9.44
C ASN A 77 6.23 10.99 -8.68
N ASN A 78 7.53 10.92 -8.46
CA ASN A 78 8.22 11.99 -7.75
C ASN A 78 7.64 12.12 -6.34
N GLU A 79 7.27 10.98 -5.78
CA GLU A 79 6.70 10.94 -4.45
C GLU A 79 7.59 10.12 -3.50
N LYS A 80 7.38 10.35 -2.21
CA LYS A 80 8.16 9.64 -1.21
C LYS A 80 7.22 8.83 -0.32
N PHE A 81 6.01 8.62 -0.83
CA PHE A 81 5.01 7.86 -0.09
C PHE A 81 4.01 7.21 -1.04
N LEU A 82 3.25 6.28 -0.49
CA LEU A 82 2.25 5.56 -1.28
C LEU A 82 0.87 5.84 -0.69
N ASN A 83 -0.15 5.59 -1.52
CA ASN A 83 -1.52 5.81 -1.11
C ASN A 83 -2.34 4.56 -1.40
N ILE A 84 -3.17 4.18 -0.43
CA ILE A 84 -4.01 3.01 -0.58
C ILE A 84 -5.47 3.38 -0.30
N ARG A 85 -6.37 2.57 -0.82
CA ARG A 85 -7.79 2.81 -0.64
C ARG A 85 -8.52 1.50 -0.36
N LEU A 86 -9.30 1.50 0.72
CA LEU A 86 -10.05 0.32 1.10
C LEU A 86 -11.55 0.60 0.94
N TYR A 87 -12.27 -0.40 0.45
CA TYR A 87 -13.70 -0.27 0.26
C TYR A 87 -14.47 -1.22 1.18
N PRO A 2 12.27 8.75 8.82
CA PRO A 2 13.34 7.87 8.39
C PRO A 2 13.51 7.93 6.88
N LEU A 3 14.63 7.37 6.42
CA LEU A 3 14.92 7.35 5.00
C LEU A 3 15.32 5.93 4.58
N GLY A 4 14.87 5.55 3.40
CA GLY A 4 15.17 4.22 2.88
C GLY A 4 13.95 3.29 2.99
N SER A 5 12.79 3.92 3.17
CA SER A 5 11.55 3.17 3.29
C SER A 5 10.44 3.88 2.51
N ILE A 6 9.25 3.30 2.58
CA ILE A 6 8.10 3.85 1.90
C ILE A 6 6.91 3.90 2.85
N LEU A 7 6.02 4.84 2.58
CA LEU A 7 4.83 5.00 3.41
C LEU A 7 3.59 4.89 2.53
N PHE A 8 2.52 4.38 3.14
CA PHE A 8 1.26 4.20 2.43
C PHE A 8 0.09 4.75 3.24
N ARG A 9 -0.72 5.56 2.58
CA ARG A 9 -1.88 6.15 3.22
C ARG A 9 -3.13 5.30 2.98
N ILE A 10 -3.16 4.15 3.63
CA ILE A 10 -4.28 3.25 3.49
C ILE A 10 -5.56 3.95 3.95
N SER A 11 -6.54 3.98 3.04
CA SER A 11 -7.80 4.62 3.33
C SER A 11 -8.84 3.56 3.71
N TYR A 12 -9.58 3.85 4.79
CA TYR A 12 -10.60 2.94 5.26
C TYR A 12 -11.61 3.67 6.16
N ASN A 13 -12.88 3.45 5.86
CA ASN A 13 -13.94 4.07 6.63
C ASN A 13 -13.87 5.59 6.45
N SER A 14 -13.07 6.00 5.48
CA SER A 14 -12.91 7.42 5.19
C SER A 14 -11.72 7.98 5.99
N GLU A 15 -10.95 7.07 6.56
CA GLU A 15 -9.80 7.46 7.35
C GLU A 15 -8.51 7.26 6.54
N ILE A 16 -7.40 7.58 7.18
CA ILE A 16 -6.10 7.44 6.55
C ILE A 16 -5.08 6.91 7.56
N PHE A 17 -4.56 5.73 7.28
CA PHE A 17 -3.58 5.11 8.16
C PHE A 17 -2.25 4.94 7.44
N THR A 18 -1.21 5.52 8.04
CA THR A 18 0.12 5.43 7.47
C THR A 18 0.78 4.10 7.83
N LEU A 19 1.28 3.42 6.80
CA LEU A 19 1.93 2.13 7.01
C LEU A 19 3.34 2.18 6.43
N LEU A 20 4.31 2.34 7.32
CA LEU A 20 5.71 2.40 6.91
C LEU A 20 6.16 1.01 6.45
N VAL A 21 6.31 0.87 5.15
CA VAL A 21 6.73 -0.39 4.57
C VAL A 21 8.18 -0.26 4.10
N GLU A 22 8.90 -1.37 4.18
CA GLU A 22 10.29 -1.40 3.76
C GLU A 22 10.39 -1.71 2.26
N LYS A 23 11.56 -1.44 1.72
CA LYS A 23 11.80 -1.68 0.31
C LYS A 23 12.35 -3.09 0.12
N VAL A 24 12.16 -3.91 1.14
CA VAL A 24 12.62 -5.29 1.11
C VAL A 24 11.46 -6.23 1.40
N TRP A 25 10.29 -5.63 1.55
CA TRP A 25 9.09 -6.40 1.85
C TRP A 25 8.43 -6.79 0.51
N ASN A 26 8.10 -8.07 0.40
CA ASN A 26 7.48 -8.58 -0.81
C ASN A 26 5.99 -8.26 -0.78
N PHE A 27 5.29 -8.76 -1.80
CA PHE A 27 3.85 -8.54 -1.88
C PHE A 27 3.12 -9.15 -0.70
N ASP A 28 3.58 -10.33 -0.30
CA ASP A 28 2.98 -11.03 0.82
C ASP A 28 3.14 -10.18 2.09
N ASP A 29 4.36 -9.68 2.28
CA ASP A 29 4.65 -8.86 3.44
C ASP A 29 3.86 -7.54 3.34
N LEU A 30 3.73 -7.06 2.11
CA LEU A 30 3.00 -5.82 1.87
C LEU A 30 1.57 -5.97 2.39
N ILE A 31 0.89 -6.98 1.87
CA ILE A 31 -0.48 -7.25 2.26
C ILE A 31 -0.56 -7.41 3.78
N MET A 32 0.34 -8.24 4.29
CA MET A 32 0.39 -8.51 5.72
C MET A 32 0.69 -7.22 6.49
N ALA A 33 1.32 -6.28 5.81
CA ALA A 33 1.66 -5.01 6.42
C ALA A 33 0.38 -4.23 6.73
N ILE A 34 -0.47 -4.15 5.72
CA ILE A 34 -1.74 -3.45 5.86
C ILE A 34 -2.66 -4.23 6.80
N ASN A 35 -2.63 -5.55 6.63
CA ASN A 35 -3.46 -6.42 7.45
C ASN A 35 -3.02 -6.29 8.92
N SER A 36 -1.85 -5.73 9.11
CA SER A 36 -1.32 -5.54 10.44
C SER A 36 -1.82 -4.22 11.04
N LYS A 37 -1.85 -3.20 10.19
CA LYS A 37 -2.31 -1.89 10.62
C LYS A 37 -3.82 -1.94 10.87
N ILE A 38 -4.50 -2.69 10.00
CA ILE A 38 -5.94 -2.83 10.11
C ILE A 38 -6.27 -4.02 11.02
N SER A 39 -5.21 -4.72 11.41
CA SER A 39 -5.37 -5.88 12.28
C SER A 39 -6.45 -5.60 13.34
N ASN A 40 -6.56 -4.32 13.69
CA ASN A 40 -7.53 -3.91 14.69
C ASN A 40 -8.85 -4.65 14.44
N THR A 41 -9.30 -4.60 13.19
CA THR A 41 -10.54 -5.26 12.81
C THR A 41 -10.36 -6.78 12.82
N HIS A 42 -11.12 -7.43 13.68
CA HIS A 42 -11.06 -8.87 13.79
C HIS A 42 -12.34 -9.49 13.22
N ILE A 43 -12.83 -8.89 12.16
CA ILE A 43 -14.04 -9.37 11.51
C ILE A 43 -13.69 -9.93 10.13
N SER A 44 -12.76 -9.26 9.47
CA SER A 44 -12.32 -9.68 8.15
C SER A 44 -11.40 -8.63 7.54
N PRO A 45 -10.14 -9.05 7.29
CA PRO A 45 -9.15 -8.16 6.71
C PRO A 45 -9.41 -7.96 5.21
N ILE A 46 -8.38 -7.47 4.53
CA ILE A 46 -8.48 -7.22 3.10
C ILE A 46 -7.23 -7.76 2.41
N THR A 47 -7.46 -8.61 1.42
CA THR A 47 -6.36 -9.20 0.67
C THR A 47 -6.24 -8.54 -0.71
N LYS A 48 -6.39 -7.22 -0.72
CA LYS A 48 -6.31 -6.47 -1.96
C LYS A 48 -6.40 -4.98 -1.65
N ILE A 49 -5.26 -4.31 -1.84
CA ILE A 49 -5.20 -2.88 -1.58
C ILE A 49 -5.14 -2.13 -2.92
N LYS A 50 -6.00 -1.12 -3.03
CA LYS A 50 -6.05 -0.33 -4.25
C LYS A 50 -5.00 0.78 -4.17
N TYR A 51 -4.02 0.68 -5.04
CA TYR A 51 -2.94 1.66 -5.09
C TYR A 51 -3.07 2.56 -6.32
N GLN A 52 -2.65 3.81 -6.15
CA GLN A 52 -2.72 4.77 -7.24
C GLN A 52 -1.65 4.45 -8.29
N ASP A 53 -1.96 4.83 -9.52
CA ASP A 53 -1.04 4.60 -10.63
C ASP A 53 -0.39 5.92 -11.04
N GLU A 54 0.51 5.82 -12.00
CA GLU A 54 1.21 7.00 -12.50
C GLU A 54 0.24 7.90 -13.27
N ASP A 55 -0.86 7.31 -13.70
CA ASP A 55 -1.86 8.04 -14.44
C ASP A 55 -2.86 8.68 -13.46
N GLY A 56 -2.49 8.64 -12.20
CA GLY A 56 -3.32 9.21 -11.15
C GLY A 56 -4.61 8.38 -10.98
N ASP A 57 -4.62 7.23 -11.61
CA ASP A 57 -5.76 6.34 -11.54
C ASP A 57 -5.61 5.40 -10.34
N PHE A 58 -6.63 4.59 -10.12
CA PHE A 58 -6.62 3.66 -9.00
C PHE A 58 -6.64 2.21 -9.51
N VAL A 59 -5.64 1.45 -9.07
CA VAL A 59 -5.54 0.06 -9.47
C VAL A 59 -5.42 -0.82 -8.22
N VAL A 60 -5.76 -2.09 -8.40
CA VAL A 60 -5.70 -3.03 -7.29
C VAL A 60 -4.27 -3.58 -7.16
N LEU A 61 -3.88 -3.82 -5.93
CA LEU A 61 -2.55 -4.34 -5.66
C LEU A 61 -2.64 -5.48 -4.63
N GLY A 62 -2.22 -6.65 -5.06
CA GLY A 62 -2.25 -7.82 -4.18
C GLY A 62 -1.26 -8.89 -4.66
N SER A 63 -0.24 -8.42 -5.36
CA SER A 63 0.79 -9.32 -5.87
C SER A 63 2.10 -8.57 -6.05
N ASP A 64 3.15 -9.33 -6.33
CA ASP A 64 4.47 -8.75 -6.53
C ASP A 64 4.49 -7.96 -7.84
N GLU A 65 3.69 -8.45 -8.79
CA GLU A 65 3.60 -7.80 -10.08
C GLU A 65 2.83 -6.48 -9.98
N ASP A 66 2.16 -6.31 -8.84
CA ASP A 66 1.38 -5.12 -8.60
C ASP A 66 2.07 -4.28 -7.52
N TRP A 67 3.10 -4.87 -6.91
CA TRP A 67 3.84 -4.19 -5.87
C TRP A 67 5.15 -3.69 -6.47
N ASN A 68 5.48 -4.23 -7.63
CA ASN A 68 6.70 -3.86 -8.33
C ASN A 68 6.37 -2.87 -9.45
N VAL A 69 5.23 -3.11 -10.09
CA VAL A 69 4.79 -2.26 -11.18
C VAL A 69 4.17 -0.98 -10.59
N ALA A 70 4.01 -0.98 -9.29
CA ALA A 70 3.45 0.17 -8.60
C ALA A 70 4.57 1.00 -7.98
N LYS A 71 5.64 0.31 -7.61
CA LYS A 71 6.78 0.98 -7.01
C LYS A 71 7.44 1.89 -8.05
N GLU A 72 7.54 1.37 -9.27
CA GLU A 72 8.14 2.13 -10.35
C GLU A 72 7.53 3.53 -10.43
N MET A 73 6.24 3.60 -10.13
CA MET A 73 5.52 4.86 -10.16
C MET A 73 6.11 5.85 -9.15
N LEU A 74 6.30 5.34 -7.93
CA LEU A 74 6.85 6.17 -6.87
C LEU A 74 8.18 6.77 -7.33
N ALA A 75 8.99 5.93 -7.95
CA ALA A 75 10.29 6.35 -8.43
C ALA A 75 10.10 7.45 -9.48
N GLU A 76 9.02 7.32 -10.25
CA GLU A 76 8.71 8.28 -11.29
C GLU A 76 8.08 9.54 -10.67
N ASN A 77 7.46 9.34 -9.51
CA ASN A 77 6.82 10.44 -8.81
C ASN A 77 7.83 11.10 -7.87
N ASN A 78 8.92 10.39 -7.63
CA ASN A 78 9.96 10.89 -6.75
C ASN A 78 9.36 11.19 -5.38
N GLU A 79 8.48 10.30 -4.95
CA GLU A 79 7.82 10.46 -3.66
C GLU A 79 8.15 9.28 -2.75
N LYS A 80 7.96 9.49 -1.45
CA LYS A 80 8.23 8.46 -0.47
C LYS A 80 6.91 7.99 0.15
N PHE A 81 5.82 8.32 -0.54
CA PHE A 81 4.50 7.93 -0.07
C PHE A 81 3.59 7.56 -1.25
N LEU A 82 2.66 6.66 -0.96
CA LEU A 82 1.73 6.21 -1.98
C LEU A 82 0.30 6.30 -1.44
N ASN A 83 -0.65 6.32 -2.36
CA ASN A 83 -2.06 6.39 -1.98
C ASN A 83 -2.68 5.00 -2.05
N ILE A 84 -3.11 4.53 -0.89
CA ILE A 84 -3.73 3.22 -0.80
C ILE A 84 -5.18 3.37 -0.34
N ARG A 85 -6.05 2.58 -0.96
CA ARG A 85 -7.45 2.62 -0.63
C ARG A 85 -7.88 1.31 0.04
N LEU A 86 -8.94 1.40 0.83
CA LEU A 86 -9.46 0.24 1.53
C LEU A 86 -10.94 0.43 1.80
N TYR A 87 -11.74 -0.44 1.19
CA TYR A 87 -13.18 -0.38 1.36
C TYR A 87 -13.71 -1.65 2.01
N PRO A 2 15.63 3.05 8.23
CA PRO A 2 15.89 2.54 6.90
C PRO A 2 15.78 3.65 5.84
N LEU A 3 16.78 3.72 4.98
CA LEU A 3 16.80 4.72 3.94
C LEU A 3 15.88 4.29 2.79
N GLY A 4 15.64 2.99 2.73
CA GLY A 4 14.78 2.43 1.69
C GLY A 4 13.43 2.01 2.28
N SER A 5 12.57 3.00 2.47
CA SER A 5 11.25 2.74 3.02
C SER A 5 10.18 3.39 2.13
N ILE A 6 8.93 3.07 2.44
CA ILE A 6 7.82 3.60 1.68
C ILE A 6 6.65 3.89 2.63
N LEU A 7 5.70 4.67 2.14
CA LEU A 7 4.53 5.02 2.93
C LEU A 7 3.27 4.64 2.15
N PHE A 8 2.24 4.28 2.91
CA PHE A 8 0.97 3.90 2.31
C PHE A 8 -0.20 4.29 3.21
N ARG A 9 -1.03 5.18 2.68
CA ARG A 9 -2.18 5.65 3.43
C ARG A 9 -3.39 4.76 3.15
N ILE A 10 -3.64 3.86 4.08
CA ILE A 10 -4.77 2.93 3.95
C ILE A 10 -6.05 3.63 4.40
N SER A 11 -6.92 3.87 3.43
CA SER A 11 -8.19 4.52 3.71
C SER A 11 -9.35 3.59 3.34
N TYR A 12 -10.23 3.38 4.31
CA TYR A 12 -11.38 2.53 4.11
C TYR A 12 -12.65 3.17 4.66
N ASN A 13 -13.77 2.50 4.42
CA ASN A 13 -15.06 3.00 4.88
C ASN A 13 -14.88 3.64 6.26
N SER A 14 -13.93 3.12 7.01
CA SER A 14 -13.65 3.62 8.34
C SER A 14 -13.04 5.02 8.26
N GLU A 15 -11.71 5.04 8.20
CA GLU A 15 -10.99 6.30 8.11
C GLU A 15 -9.72 6.13 7.28
N ILE A 16 -8.89 7.17 7.32
CA ILE A 16 -7.64 7.14 6.57
C ILE A 16 -6.47 7.05 7.54
N PHE A 17 -5.66 6.02 7.35
CA PHE A 17 -4.51 5.81 8.20
C PHE A 17 -3.22 5.79 7.38
N THR A 18 -2.11 5.62 8.08
CA THR A 18 -0.81 5.58 7.44
C THR A 18 -0.02 4.36 7.90
N LEU A 19 0.59 3.69 6.93
CA LEU A 19 1.38 2.50 7.21
C LEU A 19 2.73 2.61 6.50
N LEU A 20 3.79 2.54 7.30
CA LEU A 20 5.14 2.62 6.75
C LEU A 20 5.66 1.21 6.50
N VAL A 21 5.86 0.91 5.22
CA VAL A 21 6.36 -0.40 4.83
C VAL A 21 7.79 -0.25 4.31
N GLU A 22 8.58 -1.30 4.54
CA GLU A 22 9.96 -1.31 4.10
C GLU A 22 10.05 -1.62 2.60
N LYS A 23 11.26 -1.49 2.08
CA LYS A 23 11.48 -1.75 0.66
C LYS A 23 11.92 -3.21 0.50
N VAL A 24 11.66 -4.00 1.53
CA VAL A 24 12.01 -5.41 1.50
C VAL A 24 10.75 -6.25 1.77
N TRP A 25 9.64 -5.55 1.95
CA TRP A 25 8.38 -6.21 2.21
C TRP A 25 7.67 -6.41 0.87
N ASN A 26 7.90 -7.59 0.28
CA ASN A 26 7.29 -7.91 -0.99
C ASN A 26 5.78 -7.70 -0.91
N PHE A 27 5.11 -7.92 -2.03
CA PHE A 27 3.67 -7.76 -2.09
C PHE A 27 2.98 -8.58 -0.99
N ASP A 28 3.59 -9.70 -0.66
CA ASP A 28 3.05 -10.57 0.37
C ASP A 28 3.09 -9.85 1.72
N ASP A 29 4.31 -9.60 2.19
CA ASP A 29 4.50 -8.92 3.46
C ASP A 29 3.75 -7.59 3.43
N LEU A 30 3.60 -7.06 2.22
CA LEU A 30 2.92 -5.78 2.05
C LEU A 30 1.47 -5.92 2.50
N ILE A 31 0.84 -7.01 2.06
CA ILE A 31 -0.54 -7.27 2.42
C ILE A 31 -0.63 -7.62 3.91
N MET A 32 0.21 -8.56 4.32
CA MET A 32 0.24 -8.98 5.70
C MET A 32 0.66 -7.83 6.62
N ALA A 33 1.23 -6.80 6.00
CA ALA A 33 1.68 -5.64 6.75
C ALA A 33 0.47 -4.78 7.13
N ILE A 34 -0.35 -4.50 6.13
CA ILE A 34 -1.54 -3.70 6.35
C ILE A 34 -2.56 -4.51 7.15
N ASN A 35 -2.65 -5.78 6.81
CA ASN A 35 -3.57 -6.67 7.49
C ASN A 35 -3.40 -6.54 9.00
N SER A 36 -2.20 -6.10 9.39
CA SER A 36 -1.90 -5.92 10.79
C SER A 36 -2.41 -4.56 11.27
N LYS A 37 -2.18 -3.55 10.45
CA LYS A 37 -2.62 -2.20 10.78
C LYS A 37 -4.14 -2.18 10.91
N ILE A 38 -4.79 -2.98 10.07
CA ILE A 38 -6.24 -3.06 10.08
C ILE A 38 -6.67 -4.02 11.20
N SER A 39 -5.71 -4.76 11.72
CA SER A 39 -5.99 -5.71 12.79
C SER A 39 -6.85 -5.05 13.86
N ASN A 40 -6.76 -3.73 13.93
CA ASN A 40 -7.52 -2.97 14.91
C ASN A 40 -8.93 -3.56 15.01
N THR A 41 -9.43 -4.05 13.88
CA THR A 41 -10.75 -4.64 13.82
C THR A 41 -10.68 -6.13 14.14
N HIS A 42 -9.85 -6.83 13.39
CA HIS A 42 -9.68 -8.26 13.58
C HIS A 42 -11.02 -8.97 13.36
N ILE A 43 -11.76 -8.46 12.38
CA ILE A 43 -13.05 -9.03 12.04
C ILE A 43 -13.12 -9.27 10.53
N SER A 44 -12.71 -8.26 9.78
CA SER A 44 -12.72 -8.35 8.33
C SER A 44 -11.55 -7.55 7.75
N PRO A 45 -10.44 -8.27 7.48
CA PRO A 45 -9.25 -7.64 6.93
C PRO A 45 -9.44 -7.33 5.44
N ILE A 46 -8.33 -7.09 4.77
CA ILE A 46 -8.36 -6.78 3.34
C ILE A 46 -7.64 -7.89 2.57
N THR A 47 -8.06 -8.07 1.33
CA THR A 47 -7.46 -9.08 0.47
C THR A 47 -6.85 -8.44 -0.77
N LYS A 48 -6.87 -7.12 -0.78
CA LYS A 48 -6.32 -6.37 -1.89
C LYS A 48 -6.36 -4.86 -1.57
N ILE A 49 -5.24 -4.21 -1.82
CA ILE A 49 -5.13 -2.79 -1.56
C ILE A 49 -4.92 -2.04 -2.88
N LYS A 50 -5.81 -1.10 -3.13
CA LYS A 50 -5.74 -0.31 -4.35
C LYS A 50 -4.82 0.89 -4.13
N TYR A 51 -3.73 0.92 -4.88
CA TYR A 51 -2.77 1.99 -4.77
C TYR A 51 -2.81 2.90 -6.01
N GLN A 52 -2.71 4.19 -5.76
CA GLN A 52 -2.74 5.16 -6.84
C GLN A 52 -1.43 5.13 -7.63
N ASP A 53 -1.56 5.28 -8.94
CA ASP A 53 -0.40 5.25 -9.81
C ASP A 53 -0.21 6.64 -10.44
N GLU A 54 0.71 6.71 -11.40
CA GLU A 54 0.99 7.96 -12.08
C GLU A 54 -0.23 8.40 -12.88
N ASP A 55 -0.97 7.42 -13.37
CA ASP A 55 -2.16 7.71 -14.16
C ASP A 55 -3.19 8.42 -13.29
N GLY A 56 -2.94 8.38 -11.99
CA GLY A 56 -3.83 9.03 -11.04
C GLY A 56 -5.08 8.18 -10.79
N ASP A 57 -4.87 6.87 -10.77
CA ASP A 57 -5.97 5.94 -10.54
C ASP A 57 -5.51 4.86 -9.56
N PHE A 58 -6.47 4.36 -8.79
CA PHE A 58 -6.19 3.33 -7.81
C PHE A 58 -6.23 1.94 -8.44
N VAL A 59 -5.08 1.30 -8.49
CA VAL A 59 -4.97 -0.03 -9.07
C VAL A 59 -4.73 -1.05 -7.96
N VAL A 60 -5.53 -2.10 -7.97
CA VAL A 60 -5.41 -3.14 -6.97
C VAL A 60 -3.99 -3.69 -6.98
N LEU A 61 -3.42 -3.82 -5.78
CA LEU A 61 -2.06 -4.32 -5.63
C LEU A 61 -2.09 -5.58 -4.77
N GLY A 62 -1.53 -6.65 -5.33
CA GLY A 62 -1.48 -7.92 -4.62
C GLY A 62 -0.52 -8.89 -5.32
N SER A 63 0.48 -8.33 -5.97
CA SER A 63 1.46 -9.13 -6.67
C SER A 63 2.84 -8.45 -6.59
N ASP A 64 3.87 -9.24 -6.86
CA ASP A 64 5.23 -8.74 -6.83
C ASP A 64 5.41 -7.71 -7.94
N GLU A 65 4.52 -7.76 -8.92
CA GLU A 65 4.57 -6.84 -10.05
C GLU A 65 3.83 -5.55 -9.70
N ASP A 66 2.70 -5.72 -9.03
CA ASP A 66 1.89 -4.58 -8.63
C ASP A 66 2.49 -3.94 -7.38
N TRP A 67 3.60 -4.51 -6.94
CA TRP A 67 4.28 -4.02 -5.75
C TRP A 67 5.50 -3.20 -6.21
N ASN A 68 6.17 -3.73 -7.21
CA ASN A 68 7.35 -3.08 -7.75
C ASN A 68 6.91 -1.97 -8.72
N VAL A 69 5.90 -2.30 -9.52
CA VAL A 69 5.39 -1.35 -10.50
C VAL A 69 4.75 -0.17 -9.78
N ALA A 70 4.52 -0.38 -8.48
CA ALA A 70 3.92 0.66 -7.66
C ALA A 70 5.01 1.55 -7.06
N LYS A 71 6.19 0.95 -6.91
CA LYS A 71 7.32 1.67 -6.36
C LYS A 71 8.01 2.45 -7.47
N GLU A 72 8.39 1.73 -8.52
CA GLU A 72 9.05 2.36 -9.65
C GLU A 72 8.30 3.62 -10.09
N MET A 73 6.98 3.57 -9.92
CA MET A 73 6.13 4.68 -10.29
C MET A 73 6.46 5.92 -9.45
N LEU A 74 6.54 5.71 -8.14
CA LEU A 74 6.85 6.79 -7.23
C LEU A 74 8.00 7.62 -7.79
N ALA A 75 9.06 6.92 -8.16
CA ALA A 75 10.24 7.58 -8.72
C ALA A 75 9.82 8.44 -9.92
N GLU A 76 8.91 7.88 -10.71
CA GLU A 76 8.43 8.58 -11.88
C GLU A 76 7.49 9.72 -11.48
N ASN A 77 6.93 9.59 -10.28
CA ASN A 77 6.02 10.59 -9.76
C ASN A 77 6.81 11.61 -8.94
N ASN A 78 8.06 11.28 -8.68
CA ASN A 78 8.94 12.15 -7.92
C ASN A 78 8.35 12.34 -6.52
N GLU A 79 7.68 11.30 -6.04
CA GLU A 79 7.07 11.34 -4.72
C GLU A 79 7.70 10.28 -3.81
N LYS A 80 7.77 10.62 -2.53
CA LYS A 80 8.35 9.71 -1.55
C LYS A 80 7.24 9.11 -0.71
N PHE A 81 6.06 8.99 -1.32
CA PHE A 81 4.91 8.43 -0.64
C PHE A 81 3.95 7.77 -1.64
N LEU A 82 2.93 7.13 -1.09
CA LEU A 82 1.94 6.46 -1.91
C LEU A 82 0.61 6.40 -1.15
N ASN A 83 -0.46 6.61 -1.90
CA ASN A 83 -1.80 6.58 -1.32
C ASN A 83 -2.44 5.22 -1.58
N ILE A 84 -3.16 4.73 -0.58
CA ILE A 84 -3.83 3.44 -0.70
C ILE A 84 -5.30 3.60 -0.32
N ARG A 85 -6.10 2.65 -0.77
CA ARG A 85 -7.53 2.67 -0.49
C ARG A 85 -8.06 1.24 -0.32
N LEU A 86 -9.13 1.14 0.45
CA LEU A 86 -9.75 -0.16 0.70
C LEU A 86 -11.27 -0.02 0.61
N TYR A 87 -11.88 -1.03 0.00
CA TYR A 87 -13.33 -1.04 -0.15
C TYR A 87 -14.02 -0.43 1.07
N PRO A 2 12.74 4.86 10.16
CA PRO A 2 13.88 5.02 9.27
C PRO A 2 13.56 6.00 8.13
N LEU A 3 14.57 6.27 7.32
CA LEU A 3 14.40 7.18 6.21
C LEU A 3 14.49 6.40 4.90
N GLY A 4 15.00 5.19 5.00
CA GLY A 4 15.16 4.34 3.84
C GLY A 4 13.94 3.42 3.67
N SER A 5 12.82 4.04 3.34
CA SER A 5 11.58 3.30 3.15
C SER A 5 10.55 4.17 2.45
N ILE A 6 9.32 3.66 2.38
CA ILE A 6 8.23 4.38 1.75
C ILE A 6 7.01 4.33 2.66
N LEU A 7 6.23 5.41 2.61
CA LEU A 7 5.02 5.50 3.42
C LEU A 7 3.81 5.07 2.58
N PHE A 8 2.84 4.48 3.26
CA PHE A 8 1.63 4.03 2.59
C PHE A 8 0.39 4.69 3.19
N ARG A 9 -0.31 5.43 2.35
CA ARG A 9 -1.51 6.12 2.77
C ARG A 9 -2.73 5.22 2.61
N ILE A 10 -2.94 4.38 3.63
CA ILE A 10 -4.06 3.47 3.62
C ILE A 10 -5.37 4.25 3.74
N SER A 11 -6.10 4.29 2.64
CA SER A 11 -7.38 5.01 2.61
C SER A 11 -8.52 4.06 2.99
N TYR A 12 -9.45 4.59 3.76
CA TYR A 12 -10.60 3.81 4.19
C TYR A 12 -11.90 4.58 4.00
N ASN A 13 -12.98 4.03 4.53
CA ASN A 13 -14.28 4.66 4.42
C ASN A 13 -14.33 5.89 5.32
N SER A 14 -13.89 7.00 4.76
CA SER A 14 -13.89 8.26 5.51
C SER A 14 -12.79 8.22 6.57
N GLU A 15 -11.98 7.17 6.51
CA GLU A 15 -10.89 7.01 7.45
C GLU A 15 -9.55 6.93 6.72
N ILE A 16 -8.49 7.22 7.46
CA ILE A 16 -7.15 7.19 6.89
C ILE A 16 -6.19 6.54 7.89
N PHE A 17 -5.27 5.76 7.35
CA PHE A 17 -4.29 5.07 8.18
C PHE A 17 -2.90 5.12 7.54
N THR A 18 -1.89 5.02 8.39
CA THR A 18 -0.52 5.07 7.93
C THR A 18 0.18 3.73 8.21
N LEU A 19 1.14 3.42 7.36
CA LEU A 19 1.90 2.17 7.51
C LEU A 19 3.25 2.32 6.82
N LEU A 20 4.29 1.89 7.51
CA LEU A 20 5.63 1.96 6.98
C LEU A 20 5.93 0.70 6.17
N VAL A 21 6.17 0.91 4.88
CA VAL A 21 6.45 -0.20 3.99
C VAL A 21 7.89 -0.08 3.48
N GLU A 22 8.70 -1.05 3.85
CA GLU A 22 10.10 -1.07 3.45
C GLU A 22 10.21 -1.31 1.94
N LYS A 23 11.40 -1.06 1.42
CA LYS A 23 11.66 -1.25 0.00
C LYS A 23 12.12 -2.68 -0.25
N VAL A 24 11.91 -3.53 0.75
CA VAL A 24 12.30 -4.92 0.65
C VAL A 24 11.06 -5.81 0.71
N TRP A 25 10.12 -5.40 1.55
CA TRP A 25 8.88 -6.14 1.71
C TRP A 25 8.36 -6.50 0.31
N ASN A 26 7.59 -7.57 0.25
CA ASN A 26 7.03 -8.03 -1.00
C ASN A 26 5.51 -7.85 -0.98
N PHE A 27 4.86 -8.34 -2.02
CA PHE A 27 3.42 -8.24 -2.13
C PHE A 27 2.74 -8.96 -0.98
N ASP A 28 3.41 -9.99 -0.47
CA ASP A 28 2.88 -10.76 0.64
C ASP A 28 2.97 -9.93 1.92
N ASP A 29 4.20 -9.64 2.31
CA ASP A 29 4.45 -8.86 3.51
C ASP A 29 3.64 -7.56 3.43
N LEU A 30 3.50 -7.05 2.22
CA LEU A 30 2.78 -5.82 2.00
C LEU A 30 1.33 -6.00 2.48
N ILE A 31 0.64 -6.92 1.83
CA ILE A 31 -0.75 -7.20 2.18
C ILE A 31 -0.85 -7.48 3.68
N MET A 32 0.06 -8.33 4.15
CA MET A 32 0.08 -8.69 5.56
C MET A 32 0.34 -7.46 6.44
N ALA A 33 1.10 -6.53 5.90
CA ALA A 33 1.42 -5.31 6.61
C ALA A 33 0.12 -4.55 6.92
N ILE A 34 -0.64 -4.32 5.87
CA ILE A 34 -1.90 -3.60 6.00
C ILE A 34 -2.86 -4.44 6.86
N ASN A 35 -2.84 -5.75 6.62
CA ASN A 35 -3.70 -6.66 7.35
C ASN A 35 -3.25 -6.71 8.81
N SER A 36 -2.05 -6.21 9.05
CA SER A 36 -1.50 -6.18 10.39
C SER A 36 -1.85 -4.86 11.09
N LYS A 37 -1.81 -3.79 10.30
CA LYS A 37 -2.13 -2.47 10.81
C LYS A 37 -3.63 -2.36 11.04
N ILE A 38 -4.39 -3.01 10.16
CA ILE A 38 -5.84 -2.99 10.25
C ILE A 38 -6.31 -4.21 11.03
N SER A 39 -5.35 -5.05 11.40
CA SER A 39 -5.65 -6.26 12.14
C SER A 39 -6.60 -5.93 13.30
N ASN A 40 -6.56 -4.68 13.72
CA ASN A 40 -7.41 -4.23 14.81
C ASN A 40 -8.80 -4.85 14.65
N THR A 41 -9.17 -5.09 13.41
CA THR A 41 -10.47 -5.67 13.10
C THR A 41 -10.33 -7.17 12.83
N HIS A 42 -10.52 -7.95 13.88
CA HIS A 42 -10.41 -9.40 13.78
C HIS A 42 -11.78 -9.99 13.40
N ILE A 43 -12.41 -9.33 12.44
CA ILE A 43 -13.72 -9.77 11.98
C ILE A 43 -13.62 -10.16 10.50
N SER A 44 -13.06 -9.25 9.71
CA SER A 44 -12.91 -9.49 8.29
C SER A 44 -12.10 -8.35 7.66
N PRO A 45 -10.77 -8.57 7.56
CA PRO A 45 -9.89 -7.58 6.99
C PRO A 45 -10.02 -7.54 5.45
N ILE A 46 -9.02 -6.96 4.82
CA ILE A 46 -9.01 -6.85 3.37
C ILE A 46 -7.85 -7.66 2.81
N THR A 47 -8.17 -8.58 1.92
CA THR A 47 -7.17 -9.42 1.30
C THR A 47 -6.71 -8.82 -0.04
N LYS A 48 -7.26 -7.65 -0.34
CA LYS A 48 -6.93 -6.97 -1.58
C LYS A 48 -6.86 -5.46 -1.32
N ILE A 49 -5.84 -4.83 -1.89
CA ILE A 49 -5.66 -3.41 -1.73
C ILE A 49 -5.53 -2.76 -3.11
N LYS A 50 -6.09 -1.56 -3.22
CA LYS A 50 -6.04 -0.82 -4.47
C LYS A 50 -5.13 0.40 -4.31
N TYR A 51 -3.88 0.23 -4.73
CA TYR A 51 -2.91 1.29 -4.65
C TYR A 51 -3.04 2.24 -5.83
N GLN A 52 -2.64 3.49 -5.60
CA GLN A 52 -2.69 4.50 -6.64
C GLN A 52 -1.50 4.38 -7.58
N ASP A 53 -1.71 4.80 -8.81
CA ASP A 53 -0.66 4.75 -9.82
C ASP A 53 -0.23 6.16 -10.19
N GLU A 54 0.68 6.24 -11.15
CA GLU A 54 1.18 7.52 -11.61
C GLU A 54 0.13 8.22 -12.47
N ASP A 55 -0.84 7.44 -12.92
CA ASP A 55 -1.90 7.96 -13.76
C ASP A 55 -3.07 8.41 -12.87
N GLY A 56 -2.77 8.57 -11.58
CA GLY A 56 -3.77 8.99 -10.63
C GLY A 56 -5.03 8.10 -10.72
N ASP A 57 -4.79 6.82 -10.95
CA ASP A 57 -5.88 5.87 -11.06
C ASP A 57 -5.61 4.68 -10.14
N PHE A 58 -6.61 4.36 -9.34
CA PHE A 58 -6.50 3.25 -8.41
C PHE A 58 -6.34 1.93 -9.15
N VAL A 59 -5.47 1.08 -8.61
CA VAL A 59 -5.21 -0.22 -9.21
C VAL A 59 -5.09 -1.27 -8.11
N VAL A 60 -5.68 -2.43 -8.36
CA VAL A 60 -5.64 -3.51 -7.40
C VAL A 60 -4.18 -3.95 -7.18
N LEU A 61 -3.93 -4.48 -6.00
CA LEU A 61 -2.59 -4.94 -5.65
C LEU A 61 -2.69 -6.24 -4.86
N GLY A 62 -2.11 -7.28 -5.44
CA GLY A 62 -2.11 -8.59 -4.80
C GLY A 62 -0.96 -9.46 -5.31
N SER A 63 0.07 -8.79 -5.79
CA SER A 63 1.23 -9.49 -6.32
C SER A 63 2.47 -8.60 -6.22
N ASP A 64 3.60 -9.15 -6.62
CA ASP A 64 4.86 -8.42 -6.59
C ASP A 64 4.98 -7.57 -7.85
N GLU A 65 4.22 -7.97 -8.86
CA GLU A 65 4.24 -7.26 -10.13
C GLU A 65 3.35 -6.00 -10.05
N ASP A 66 2.63 -5.90 -8.94
CA ASP A 66 1.74 -4.78 -8.72
C ASP A 66 2.31 -3.90 -7.60
N TRP A 67 3.16 -4.51 -6.79
CA TRP A 67 3.78 -3.80 -5.68
C TRP A 67 5.12 -3.24 -6.16
N ASN A 68 5.65 -3.89 -7.19
CA ASN A 68 6.92 -3.48 -7.75
C ASN A 68 6.69 -2.42 -8.83
N VAL A 69 5.77 -2.74 -9.73
CA VAL A 69 5.43 -1.83 -10.81
C VAL A 69 5.00 -0.48 -10.23
N ALA A 70 4.46 -0.54 -9.02
CA ALA A 70 4.01 0.66 -8.34
C ALA A 70 5.21 1.41 -7.77
N LYS A 71 6.22 0.65 -7.36
CA LYS A 71 7.42 1.24 -6.81
C LYS A 71 8.21 1.92 -7.93
N GLU A 72 8.50 1.13 -8.96
CA GLU A 72 9.26 1.66 -10.08
C GLU A 72 8.60 2.94 -10.62
N MET A 73 7.33 3.10 -10.29
CA MET A 73 6.59 4.27 -10.71
C MET A 73 6.82 5.44 -9.77
N LEU A 74 7.04 5.11 -8.50
CA LEU A 74 7.28 6.13 -7.49
C LEU A 74 8.49 6.97 -7.91
N ALA A 75 9.54 6.28 -8.32
CA ALA A 75 10.77 6.95 -8.74
C ALA A 75 10.45 7.87 -9.92
N GLU A 76 9.29 7.63 -10.53
CA GLU A 76 8.86 8.41 -11.67
C GLU A 76 7.92 9.52 -11.23
N ASN A 77 7.21 9.26 -10.14
CA ASN A 77 6.26 10.22 -9.60
C ASN A 77 6.99 11.13 -8.61
N ASN A 78 8.30 11.08 -8.66
CA ASN A 78 9.12 11.89 -7.77
C ASN A 78 8.49 11.92 -6.37
N GLU A 79 7.84 10.81 -6.04
CA GLU A 79 7.19 10.69 -4.75
C GLU A 79 7.86 9.61 -3.90
N LYS A 80 7.90 9.85 -2.60
CA LYS A 80 8.52 8.91 -1.68
C LYS A 80 7.44 8.26 -0.81
N PHE A 81 6.19 8.42 -1.25
CA PHE A 81 5.06 7.87 -0.53
C PHE A 81 4.18 7.02 -1.45
N LEU A 82 3.07 6.57 -0.89
CA LEU A 82 2.13 5.75 -1.66
C LEU A 82 0.72 5.98 -1.13
N ASN A 83 -0.26 5.57 -1.93
CA ASN A 83 -1.65 5.72 -1.56
C ASN A 83 -2.38 4.40 -1.80
N ILE A 84 -2.95 3.87 -0.72
CA ILE A 84 -3.69 2.62 -0.80
C ILE A 84 -5.17 2.89 -0.54
N ARG A 85 -5.99 1.92 -0.93
CA ARG A 85 -7.42 2.04 -0.74
C ARG A 85 -7.96 0.80 -0.02
N LEU A 86 -8.85 1.06 0.93
CA LEU A 86 -9.45 -0.01 1.70
C LEU A 86 -10.95 0.26 1.88
N TYR A 87 -11.73 -0.37 1.00
CA TYR A 87 -13.17 -0.20 1.04
C TYR A 87 -13.71 -0.43 2.46
N PRO A 2 18.87 10.23 6.62
CA PRO A 2 18.25 9.87 5.37
C PRO A 2 17.13 8.84 5.58
N LEU A 3 16.07 9.00 4.79
CA LEU A 3 14.94 8.10 4.89
C LEU A 3 15.03 7.04 3.79
N GLY A 4 14.94 5.79 4.21
CA GLY A 4 15.02 4.67 3.27
C GLY A 4 13.77 3.80 3.36
N SER A 5 12.63 4.46 3.54
CA SER A 5 11.36 3.77 3.64
C SER A 5 10.29 4.51 2.84
N ILE A 6 9.12 3.90 2.75
CA ILE A 6 8.01 4.49 2.03
C ILE A 6 6.75 4.41 2.88
N LEU A 7 5.96 5.48 2.83
CA LEU A 7 4.73 5.54 3.59
C LEU A 7 3.56 5.11 2.70
N PHE A 8 2.57 4.49 3.33
CA PHE A 8 1.41 4.02 2.61
C PHE A 8 0.12 4.42 3.33
N ARG A 9 -0.68 5.23 2.67
CA ARG A 9 -1.94 5.69 3.24
C ARG A 9 -3.05 4.68 2.95
N ILE A 10 -3.61 4.15 4.02
CA ILE A 10 -4.69 3.17 3.88
C ILE A 10 -6.01 3.83 4.28
N SER A 11 -6.92 3.87 3.32
CA SER A 11 -8.24 4.46 3.56
C SER A 11 -9.24 3.38 3.94
N TYR A 12 -10.04 3.69 4.95
CA TYR A 12 -11.05 2.76 5.42
C TYR A 12 -12.15 3.48 6.20
N ASN A 13 -13.38 3.19 5.82
CA ASN A 13 -14.53 3.80 6.48
C ASN A 13 -14.51 5.31 6.21
N SER A 14 -13.67 5.71 5.28
CA SER A 14 -13.55 7.10 4.92
C SER A 14 -12.42 7.76 5.74
N GLU A 15 -11.78 6.94 6.55
CA GLU A 15 -10.69 7.42 7.38
C GLU A 15 -9.35 7.11 6.73
N ILE A 16 -8.35 7.94 7.05
CA ILE A 16 -7.03 7.76 6.50
C ILE A 16 -6.10 7.20 7.58
N PHE A 17 -5.36 6.17 7.20
CA PHE A 17 -4.44 5.54 8.12
C PHE A 17 -2.99 5.64 7.62
N THR A 18 -2.09 5.11 8.42
CA THR A 18 -0.68 5.14 8.07
C THR A 18 -0.03 3.78 8.34
N LEU A 19 0.84 3.37 7.43
CA LEU A 19 1.53 2.11 7.56
C LEU A 19 2.93 2.22 6.92
N LEU A 20 3.93 2.23 7.79
CA LEU A 20 5.31 2.34 7.32
C LEU A 20 5.73 1.01 6.70
N VAL A 21 5.89 1.04 5.38
CA VAL A 21 6.29 -0.15 4.64
C VAL A 21 7.69 0.06 4.08
N GLU A 22 8.60 -0.82 4.49
CA GLU A 22 9.97 -0.74 4.02
C GLU A 22 10.05 -1.06 2.53
N LYS A 23 11.23 -0.82 1.97
CA LYS A 23 11.45 -1.07 0.55
C LYS A 23 11.97 -2.50 0.37
N VAL A 24 11.83 -3.28 1.43
CA VAL A 24 12.29 -4.66 1.40
C VAL A 24 11.10 -5.59 1.68
N TRP A 25 9.95 -4.98 1.92
CA TRP A 25 8.75 -5.73 2.21
C TRP A 25 8.14 -6.20 0.88
N ASN A 26 8.07 -7.51 0.73
CA ASN A 26 7.51 -8.09 -0.49
C ASN A 26 6.01 -7.86 -0.52
N PHE A 27 5.38 -8.41 -1.54
CA PHE A 27 3.94 -8.27 -1.71
C PHE A 27 3.19 -8.96 -0.56
N ASP A 28 3.70 -10.12 -0.18
CA ASP A 28 3.10 -10.89 0.90
C ASP A 28 3.11 -10.05 2.19
N ASP A 29 4.24 -9.40 2.40
CA ASP A 29 4.40 -8.57 3.59
C ASP A 29 3.58 -7.29 3.43
N LEU A 30 3.44 -6.86 2.18
CA LEU A 30 2.69 -5.65 1.88
C LEU A 30 1.22 -5.88 2.26
N ILE A 31 0.69 -7.01 1.79
CA ILE A 31 -0.70 -7.35 2.06
C ILE A 31 -0.87 -7.57 3.57
N MET A 32 0.07 -8.29 4.15
CA MET A 32 0.02 -8.57 5.58
C MET A 32 0.33 -7.32 6.39
N ALA A 33 1.00 -6.38 5.74
CA ALA A 33 1.36 -5.13 6.39
C ALA A 33 0.10 -4.32 6.67
N ILE A 34 -0.77 -4.26 5.68
CA ILE A 34 -2.01 -3.53 5.80
C ILE A 34 -3.03 -4.37 6.58
N ASN A 35 -3.12 -5.63 6.18
CA ASN A 35 -4.04 -6.56 6.81
C ASN A 35 -3.77 -6.58 8.32
N SER A 36 -2.56 -6.18 8.68
CA SER A 36 -2.16 -6.16 10.07
C SER A 36 -2.70 -4.88 10.74
N LYS A 37 -2.59 -3.78 10.02
CA LYS A 37 -3.06 -2.51 10.53
C LYS A 37 -4.59 -2.56 10.67
N ILE A 38 -5.23 -3.14 9.68
CA ILE A 38 -6.68 -3.26 9.69
C ILE A 38 -7.08 -4.38 10.65
N SER A 39 -6.11 -5.20 11.00
CA SER A 39 -6.36 -6.31 11.91
C SER A 39 -6.98 -5.79 13.21
N ASN A 40 -6.79 -4.50 13.45
CA ASN A 40 -7.33 -3.88 14.65
C ASN A 40 -8.74 -4.42 14.91
N THR A 41 -9.42 -4.77 13.83
CA THR A 41 -10.77 -5.29 13.93
C THR A 41 -10.73 -6.81 14.12
N HIS A 42 -9.94 -7.47 13.29
CA HIS A 42 -9.80 -8.92 13.35
C HIS A 42 -11.18 -9.57 13.19
N ILE A 43 -12.00 -8.93 12.36
CA ILE A 43 -13.34 -9.43 12.11
C ILE A 43 -13.42 -9.94 10.67
N SER A 44 -12.64 -9.32 9.81
CA SER A 44 -12.62 -9.70 8.40
C SER A 44 -11.88 -8.64 7.58
N PRO A 45 -10.55 -8.88 7.38
CA PRO A 45 -9.73 -7.96 6.62
C PRO A 45 -10.02 -8.06 5.13
N ILE A 46 -9.09 -7.55 4.34
CA ILE A 46 -9.23 -7.59 2.89
C ILE A 46 -8.12 -8.46 2.29
N THR A 47 -8.38 -8.95 1.09
CA THR A 47 -7.42 -9.79 0.41
C THR A 47 -6.90 -9.10 -0.86
N LYS A 48 -7.53 -7.97 -1.17
CA LYS A 48 -7.14 -7.20 -2.34
C LYS A 48 -7.17 -5.71 -2.00
N ILE A 49 -5.98 -5.12 -1.93
CA ILE A 49 -5.86 -3.71 -1.62
C ILE A 49 -5.66 -2.93 -2.92
N LYS A 50 -6.29 -1.76 -2.97
CA LYS A 50 -6.19 -0.91 -4.14
C LYS A 50 -5.21 0.24 -3.84
N TYR A 51 -4.17 0.31 -4.65
CA TYR A 51 -3.16 1.35 -4.48
C TYR A 51 -3.20 2.33 -5.65
N GLN A 52 -2.90 3.58 -5.35
CA GLN A 52 -2.88 4.63 -6.36
C GLN A 52 -1.66 4.48 -7.26
N ASP A 53 -1.78 5.01 -8.46
CA ASP A 53 -0.69 4.94 -9.43
C ASP A 53 -0.15 6.35 -9.68
N GLU A 54 0.75 6.44 -10.65
CA GLU A 54 1.36 7.71 -11.00
C GLU A 54 0.39 8.55 -11.84
N ASP A 55 -0.73 7.92 -12.19
CA ASP A 55 -1.74 8.59 -13.00
C ASP A 55 -2.82 9.16 -12.08
N GLY A 56 -2.64 8.92 -10.78
CA GLY A 56 -3.59 9.39 -9.79
C GLY A 56 -4.84 8.50 -9.75
N ASP A 57 -4.82 7.48 -10.59
CA ASP A 57 -5.94 6.55 -10.67
C ASP A 57 -5.77 5.47 -9.59
N PHE A 58 -6.68 4.51 -9.62
CA PHE A 58 -6.65 3.43 -8.65
C PHE A 58 -6.38 2.09 -9.35
N VAL A 59 -5.42 1.36 -8.80
CA VAL A 59 -5.05 0.07 -9.35
C VAL A 59 -4.95 -0.96 -8.22
N VAL A 60 -5.59 -2.09 -8.43
CA VAL A 60 -5.59 -3.16 -7.44
C VAL A 60 -4.15 -3.59 -7.17
N LEU A 61 -3.97 -4.32 -6.09
CA LEU A 61 -2.65 -4.80 -5.71
C LEU A 61 -2.80 -6.09 -4.90
N GLY A 62 -2.19 -7.15 -5.41
CA GLY A 62 -2.25 -8.44 -4.75
C GLY A 62 -1.15 -9.37 -5.26
N SER A 63 -0.07 -8.76 -5.72
CA SER A 63 1.06 -9.51 -6.25
C SER A 63 2.31 -8.64 -6.27
N ASP A 64 3.45 -9.30 -6.38
CA ASP A 64 4.73 -8.60 -6.41
C ASP A 64 4.87 -7.86 -7.74
N GLU A 65 4.24 -8.42 -8.76
CA GLU A 65 4.29 -7.83 -10.08
C GLU A 65 3.46 -6.55 -10.11
N ASP A 66 2.73 -6.32 -9.03
CA ASP A 66 1.91 -5.13 -8.92
C ASP A 66 2.50 -4.18 -7.89
N TRP A 67 3.29 -4.75 -6.99
CA TRP A 67 3.93 -3.97 -5.95
C TRP A 67 5.30 -3.52 -6.46
N ASN A 68 5.78 -4.25 -7.45
CA ASN A 68 7.08 -3.95 -8.04
C ASN A 68 6.88 -3.07 -9.28
N VAL A 69 5.70 -3.21 -9.87
CA VAL A 69 5.37 -2.44 -11.06
C VAL A 69 4.95 -1.03 -10.65
N ALA A 70 4.68 -0.87 -9.37
CA ALA A 70 4.27 0.42 -8.83
C ALA A 70 5.51 1.17 -8.33
N LYS A 71 6.35 0.43 -7.60
CA LYS A 71 7.57 1.01 -7.06
C LYS A 71 8.36 1.69 -8.18
N GLU A 72 8.63 0.92 -9.21
CA GLU A 72 9.37 1.44 -10.35
C GLU A 72 8.83 2.81 -10.76
N MET A 73 7.52 2.96 -10.58
CA MET A 73 6.87 4.21 -10.93
C MET A 73 7.24 5.33 -9.95
N LEU A 74 7.28 4.96 -8.68
CA LEU A 74 7.62 5.91 -7.63
C LEU A 74 8.94 6.60 -7.98
N ALA A 75 9.89 5.79 -8.44
CA ALA A 75 11.20 6.30 -8.81
C ALA A 75 11.03 7.36 -9.89
N GLU A 76 10.03 7.16 -10.73
CA GLU A 76 9.75 8.09 -11.81
C GLU A 76 8.94 9.28 -11.29
N ASN A 77 8.22 9.03 -10.19
CA ASN A 77 7.40 10.06 -9.60
C ASN A 77 8.23 10.85 -8.58
N ASN A 78 9.37 10.27 -8.22
CA ASN A 78 10.26 10.90 -7.26
C ASN A 78 9.52 11.10 -5.93
N GLU A 79 8.84 10.04 -5.51
CA GLU A 79 8.08 10.09 -4.27
C GLU A 79 8.52 8.94 -3.35
N LYS A 80 8.32 9.16 -2.05
CA LYS A 80 8.69 8.16 -1.06
C LYS A 80 7.44 7.76 -0.28
N PHE A 81 6.30 7.83 -0.95
CA PHE A 81 5.04 7.47 -0.34
C PHE A 81 4.10 6.82 -1.35
N LEU A 82 3.01 6.28 -0.83
CA LEU A 82 2.02 5.62 -1.68
C LEU A 82 0.64 5.77 -1.05
N ASN A 83 -0.38 5.62 -1.89
CA ASN A 83 -1.75 5.74 -1.44
C ASN A 83 -2.45 4.39 -1.59
N ILE A 84 -3.40 4.14 -0.69
CA ILE A 84 -4.14 2.89 -0.72
C ILE A 84 -5.62 3.19 -0.46
N ARG A 85 -6.44 2.17 -0.72
CA ARG A 85 -7.88 2.31 -0.53
C ARG A 85 -8.47 0.99 -0.03
N LEU A 86 -9.20 1.07 1.08
CA LEU A 86 -9.82 -0.10 1.65
C LEU A 86 -11.27 0.23 2.02
N TYR A 87 -12.14 -0.74 1.74
CA TYR A 87 -13.56 -0.57 2.03
C TYR A 87 -14.16 -1.84 2.62
N PRO A 2 11.64 5.08 9.39
CA PRO A 2 12.82 5.73 8.86
C PRO A 2 12.52 6.45 7.55
N LEU A 3 13.59 6.81 6.85
CA LEU A 3 13.45 7.51 5.58
C LEU A 3 13.64 6.51 4.43
N GLY A 4 14.36 5.43 4.74
CA GLY A 4 14.63 4.41 3.76
C GLY A 4 13.45 3.43 3.65
N SER A 5 12.32 3.96 3.21
CA SER A 5 11.12 3.15 3.06
C SER A 5 10.04 3.96 2.33
N ILE A 6 8.87 3.35 2.23
CA ILE A 6 7.75 3.99 1.57
C ILE A 6 6.54 4.00 2.51
N LEU A 7 5.77 5.07 2.42
CA LEU A 7 4.59 5.22 3.26
C LEU A 7 3.39 4.58 2.55
N PHE A 8 2.55 3.94 3.35
CA PHE A 8 1.35 3.30 2.80
C PHE A 8 0.08 3.84 3.47
N ARG A 9 -0.66 4.60 2.69
CA ARG A 9 -1.90 5.20 3.18
C ARG A 9 -3.06 4.21 3.00
N ILE A 10 -3.58 3.75 4.14
CA ILE A 10 -4.68 2.81 4.12
C ILE A 10 -5.99 3.57 4.36
N SER A 11 -6.72 3.78 3.27
CA SER A 11 -7.98 4.50 3.35
C SER A 11 -9.12 3.49 3.52
N TYR A 12 -9.80 3.61 4.64
CA TYR A 12 -10.92 2.73 4.94
C TYR A 12 -12.26 3.43 4.69
N ASN A 13 -12.33 4.09 3.54
CA ASN A 13 -13.55 4.80 3.16
C ASN A 13 -13.91 5.79 4.28
N SER A 14 -12.94 6.06 5.12
CA SER A 14 -13.14 6.98 6.23
C SER A 14 -11.88 7.82 6.46
N GLU A 15 -11.00 7.30 7.30
CA GLU A 15 -9.77 7.98 7.61
C GLU A 15 -8.58 7.28 6.93
N ILE A 16 -7.50 8.02 6.77
CA ILE A 16 -6.31 7.49 6.14
C ILE A 16 -5.29 7.12 7.24
N PHE A 17 -4.77 5.92 7.13
CA PHE A 17 -3.79 5.43 8.09
C PHE A 17 -2.38 5.49 7.50
N THR A 18 -1.40 5.18 8.35
CA THR A 18 -0.02 5.20 7.94
C THR A 18 0.69 3.91 8.39
N LEU A 19 1.30 3.24 7.41
CA LEU A 19 2.00 2.00 7.70
C LEU A 19 3.35 2.01 6.98
N LEU A 20 4.41 2.12 7.76
CA LEU A 20 5.75 2.14 7.22
C LEU A 20 6.08 0.78 6.60
N VAL A 21 6.00 0.73 5.28
CA VAL A 21 6.28 -0.50 4.56
C VAL A 21 7.64 -0.39 3.87
N GLU A 22 8.58 -1.17 4.35
CA GLU A 22 9.93 -1.17 3.79
C GLU A 22 9.87 -1.38 2.28
N LYS A 23 11.01 -1.18 1.64
CA LYS A 23 11.10 -1.34 0.20
C LYS A 23 11.46 -2.80 -0.12
N VAL A 24 11.30 -3.65 0.89
CA VAL A 24 11.59 -5.07 0.72
C VAL A 24 10.36 -5.89 1.12
N TRP A 25 9.29 -5.18 1.45
CA TRP A 25 8.06 -5.83 1.84
C TRP A 25 7.26 -6.14 0.57
N ASN A 26 7.54 -7.30 0.00
CA ASN A 26 6.86 -7.72 -1.21
C ASN A 26 5.34 -7.70 -0.97
N PHE A 27 4.61 -8.09 -2.00
CA PHE A 27 3.16 -8.12 -1.91
C PHE A 27 2.70 -8.94 -0.71
N ASP A 28 3.50 -9.94 -0.37
CA ASP A 28 3.19 -10.81 0.75
C ASP A 28 3.28 -10.00 2.04
N ASP A 29 4.50 -9.55 2.34
CA ASP A 29 4.73 -8.77 3.54
C ASP A 29 3.84 -7.52 3.52
N LEU A 30 3.35 -7.21 2.34
CA LEU A 30 2.50 -6.05 2.17
C LEU A 30 1.10 -6.38 2.70
N ILE A 31 0.50 -7.41 2.12
CA ILE A 31 -0.83 -7.83 2.53
C ILE A 31 -0.82 -8.16 4.02
N MET A 32 0.26 -8.81 4.45
CA MET A 32 0.41 -9.19 5.83
C MET A 32 0.76 -7.98 6.70
N ALA A 33 1.25 -6.95 6.04
CA ALA A 33 1.63 -5.73 6.74
C ALA A 33 0.38 -4.96 7.15
N ILE A 34 -0.34 -4.48 6.15
CA ILE A 34 -1.56 -3.73 6.39
C ILE A 34 -2.54 -4.61 7.17
N ASN A 35 -2.47 -5.90 6.91
CA ASN A 35 -3.34 -6.85 7.57
C ASN A 35 -3.19 -6.71 9.09
N SER A 36 -2.06 -6.11 9.48
CA SER A 36 -1.78 -5.91 10.89
C SER A 36 -2.26 -4.52 11.33
N LYS A 37 -2.41 -3.64 10.34
CA LYS A 37 -2.87 -2.29 10.60
C LYS A 37 -4.39 -2.31 10.83
N ILE A 38 -5.06 -3.08 10.00
CA ILE A 38 -6.52 -3.18 10.09
C ILE A 38 -6.87 -4.16 11.21
N SER A 39 -5.88 -4.94 11.61
CA SER A 39 -6.07 -5.92 12.67
C SER A 39 -6.65 -5.24 13.91
N ASN A 40 -6.47 -3.92 13.96
CA ASN A 40 -6.97 -3.15 15.08
C ASN A 40 -8.35 -3.65 15.49
N THR A 41 -9.07 -4.18 14.50
CA THR A 41 -10.40 -4.69 14.73
C THR A 41 -10.34 -6.20 15.01
N HIS A 42 -9.79 -6.93 14.06
CA HIS A 42 -9.66 -8.37 14.20
C HIS A 42 -10.99 -9.03 13.84
N ILE A 43 -11.69 -8.41 12.91
CA ILE A 43 -12.99 -8.92 12.47
C ILE A 43 -12.81 -9.60 11.11
N SER A 44 -12.68 -8.76 10.08
CA SER A 44 -12.51 -9.27 8.73
C SER A 44 -11.56 -8.36 7.94
N PRO A 45 -10.28 -8.83 7.83
CA PRO A 45 -9.27 -8.08 7.11
C PRO A 45 -9.49 -8.17 5.60
N ILE A 46 -8.43 -7.83 4.87
CA ILE A 46 -8.49 -7.87 3.42
C ILE A 46 -7.25 -8.58 2.88
N THR A 47 -7.29 -8.91 1.60
CA THR A 47 -6.19 -9.59 0.96
C THR A 47 -5.78 -8.85 -0.33
N LYS A 48 -6.42 -7.72 -0.55
CA LYS A 48 -6.15 -6.92 -1.73
C LYS A 48 -6.23 -5.43 -1.36
N ILE A 49 -5.67 -4.61 -2.24
CA ILE A 49 -5.67 -3.17 -2.02
C ILE A 49 -5.67 -2.46 -3.38
N LYS A 50 -6.01 -1.18 -3.33
CA LYS A 50 -6.05 -0.38 -4.54
C LYS A 50 -5.13 0.84 -4.38
N TYR A 51 -3.89 0.65 -4.80
CA TYR A 51 -2.91 1.72 -4.70
C TYR A 51 -3.05 2.71 -5.87
N GLN A 52 -2.67 3.95 -5.59
CA GLN A 52 -2.75 4.99 -6.60
C GLN A 52 -1.62 4.85 -7.61
N ASP A 53 -1.88 5.34 -8.82
CA ASP A 53 -0.90 5.27 -9.88
C ASP A 53 -0.55 6.69 -10.36
N GLU A 54 0.23 6.75 -11.42
CA GLU A 54 0.64 8.03 -11.98
C GLU A 54 -0.54 8.70 -12.67
N ASP A 55 -1.50 7.88 -13.08
CA ASP A 55 -2.69 8.38 -13.76
C ASP A 55 -3.67 8.92 -12.72
N GLY A 56 -3.25 8.87 -11.47
CA GLY A 56 -4.08 9.35 -10.38
C GLY A 56 -5.36 8.52 -10.25
N ASP A 57 -5.30 7.32 -10.82
CA ASP A 57 -6.45 6.43 -10.77
C ASP A 57 -6.09 5.19 -9.94
N PHE A 58 -6.91 4.93 -8.94
CA PHE A 58 -6.69 3.79 -8.07
C PHE A 58 -6.59 2.50 -8.88
N VAL A 59 -5.66 1.64 -8.47
CA VAL A 59 -5.45 0.38 -9.15
C VAL A 59 -5.22 -0.72 -8.11
N VAL A 60 -5.87 -1.85 -8.33
CA VAL A 60 -5.73 -2.98 -7.43
C VAL A 60 -4.25 -3.39 -7.33
N LEU A 61 -3.94 -4.09 -6.26
CA LEU A 61 -2.57 -4.54 -6.03
C LEU A 61 -2.59 -5.75 -5.10
N GLY A 62 -2.14 -6.88 -5.62
CA GLY A 62 -2.10 -8.11 -4.85
C GLY A 62 -1.04 -9.06 -5.40
N SER A 63 -0.05 -8.49 -6.05
CA SER A 63 1.03 -9.28 -6.63
C SER A 63 2.33 -8.47 -6.63
N ASP A 64 3.42 -9.17 -6.90
CA ASP A 64 4.73 -8.52 -6.94
C ASP A 64 4.85 -7.73 -8.24
N GLU A 65 4.17 -8.20 -9.26
CA GLU A 65 4.19 -7.54 -10.56
C GLU A 65 3.45 -6.20 -10.49
N ASP A 66 2.64 -6.06 -9.45
CA ASP A 66 1.87 -4.85 -9.25
C ASP A 66 2.43 -4.08 -8.06
N TRP A 67 3.24 -4.79 -7.27
CA TRP A 67 3.85 -4.18 -6.10
C TRP A 67 5.22 -3.64 -6.51
N ASN A 68 5.75 -4.20 -7.59
CA ASN A 68 7.05 -3.78 -8.09
C ASN A 68 6.85 -2.75 -9.20
N VAL A 69 5.80 -2.96 -9.98
CA VAL A 69 5.50 -2.06 -11.07
C VAL A 69 4.89 -0.78 -10.53
N ALA A 70 4.44 -0.86 -9.28
CA ALA A 70 3.83 0.28 -8.63
C ALA A 70 4.92 1.11 -7.92
N LYS A 71 5.86 0.39 -7.34
CA LYS A 71 6.96 1.03 -6.62
C LYS A 71 7.89 1.71 -7.64
N GLU A 72 8.24 0.95 -8.67
CA GLU A 72 9.11 1.47 -9.71
C GLU A 72 8.52 2.75 -10.30
N MET A 73 7.23 2.92 -10.09
CA MET A 73 6.54 4.09 -10.61
C MET A 73 6.75 5.30 -9.69
N LEU A 74 6.93 5.01 -8.41
CA LEU A 74 7.14 6.06 -7.43
C LEU A 74 8.29 6.96 -7.88
N ALA A 75 9.41 6.32 -8.20
CA ALA A 75 10.58 7.05 -8.65
C ALA A 75 10.20 7.91 -9.86
N GLU A 76 9.10 7.53 -10.50
CA GLU A 76 8.62 8.26 -11.66
C GLU A 76 7.67 9.38 -11.25
N ASN A 77 6.99 9.15 -10.13
CA ASN A 77 6.05 10.13 -9.61
C ASN A 77 6.80 11.15 -8.76
N ASN A 78 8.10 10.93 -8.64
CA ASN A 78 8.94 11.82 -7.86
C ASN A 78 8.46 11.84 -6.41
N GLU A 79 7.72 10.79 -6.06
CA GLU A 79 7.20 10.67 -4.71
C GLU A 79 7.98 9.62 -3.92
N LYS A 80 8.07 9.85 -2.62
CA LYS A 80 8.79 8.93 -1.74
C LYS A 80 7.79 8.22 -0.84
N PHE A 81 6.53 8.25 -1.26
CA PHE A 81 5.47 7.60 -0.50
C PHE A 81 4.45 6.94 -1.41
N LEU A 82 3.56 6.17 -0.82
CA LEU A 82 2.53 5.48 -1.57
C LEU A 82 1.20 5.60 -0.83
N ASN A 83 0.14 5.78 -1.60
CA ASN A 83 -1.19 5.91 -1.03
C ASN A 83 -2.05 4.71 -1.46
N ILE A 84 -2.50 3.96 -0.48
CA ILE A 84 -3.33 2.80 -0.74
C ILE A 84 -4.80 3.15 -0.50
N ARG A 85 -5.67 2.31 -1.04
CA ARG A 85 -7.10 2.52 -0.88
C ARG A 85 -7.80 1.20 -0.55
N LEU A 86 -8.46 1.19 0.61
CA LEU A 86 -9.17 0.00 1.05
C LEU A 86 -10.67 0.18 0.79
N TYR A 87 -11.32 -0.93 0.49
CA TYR A 87 -12.74 -0.91 0.23
C TYR A 87 -13.36 -2.31 0.38
#